data_8RP6
#
_entry.id   8RP6
#
_cell.length_a   79.505
_cell.length_b   108.326
_cell.length_c   179.758
_cell.angle_alpha   90.000
_cell.angle_beta   90.000
_cell.angle_gamma   90.000
#
_symmetry.space_group_name_H-M   'P 21 21 21'
#
loop_
_entity.id
_entity.type
_entity.pdbx_description
1 polymer 'Aminodeoxychorismate synthase component 2'
2 polymer 'Aminodeoxychorismate synthase component 1'
3 non-polymer 'ZINC ION'
4 non-polymer GLYCEROL
5 non-polymer TRYPTOPHAN
6 non-polymer 'MAGNESIUM ION'
7 non-polymer 'CHLORIDE ION'
8 water water
#
loop_
_entity_poly.entity_id
_entity_poly.type
_entity_poly.pdbx_seq_one_letter_code
_entity_poly.pdbx_strand_id
1 'polypeptide(L)'
;GGMILLIDNYDSFTWNLYQYFCELGADVLVKRNDALTLADIDALKPQKIVISPGPCTPDEAGISLDVIRHYAGRLPILGV
CLGHQAMAQAFGGKVVRAAKVMHGKTSPITHNGEGVFRGLANPLTVTRYHSLVVEPDSLPACFDVTAWSETREIMGIRHR
QWDLEGVQFHPESILSEQGHQLLANFLHR
;
AAA,BBB
2 'polypeptide(L)'
;HMKTLSPAVITLLWRQDAAEFYFSRLSHLPWAMLLHSGYADHPYSRFDIVVAEPICTLTTFGKETVVSESEKRTTTTDDP
LQVLQQVLDRADIRPTHNEDLPFQGGALGLFGYDLGRRFESLPEIAEQDIVLPDMAVGIYDWALIVDHQRHTVSLLSHND
VNARRAWLESQQFSPQEDFTLTSDWQSNMTREQYGEKFRQVQEYLHSGDCYQVNLAQRFHATYSGDEWQAFLQLNQANRA
PFSAFLRLEQGAILSLSPERFILCDNSEIQTRPIKGTLPRLPDPQEDSKQAVKLANSAKDRAENLMIVDLMRNDIGRVAV
AGSVKVPELFVVEPFPAVHHLVSTITAQLPEQLHASDLLRAAFPGGSITGAPKVRAMEIIDELEPQRRNAWCGSIGYLSF
CGNMDTSITIRTLTAINGQIFCSAGGGIVADSQEEAEYQETFDKVNRILKQLEK
;
CCC,DDD
#
loop_
_chem_comp.id
_chem_comp.type
_chem_comp.name
_chem_comp.formula
CL non-polymer 'CHLORIDE ION' 'Cl -1'
GOL non-polymer GLYCEROL 'C3 H8 O3'
MG non-polymer 'MAGNESIUM ION' 'Mg 2'
ZN non-polymer 'ZINC ION' 'Zn 2'
#
# COMPACT_ATOMS: atom_id res chain seq x y z
N GLY A 1 -22.48 21.25 -2.16
CA GLY A 1 -23.96 21.38 -2.20
C GLY A 1 -24.60 20.09 -2.69
N GLY A 2 -24.82 19.13 -1.79
CA GLY A 2 -25.31 17.80 -2.18
C GLY A 2 -26.08 17.11 -1.07
N MET A 3 -27.13 16.38 -1.46
CA MET A 3 -27.94 15.56 -0.53
C MET A 3 -27.19 14.26 -0.23
N ILE A 4 -27.27 13.78 1.00
CA ILE A 4 -26.70 12.49 1.42
C ILE A 4 -27.86 11.50 1.51
N LEU A 5 -27.72 10.32 0.92
CA LEU A 5 -28.75 9.27 1.03
C LEU A 5 -28.33 8.28 2.13
N LEU A 6 -29.14 8.15 3.17
CA LEU A 6 -28.89 7.17 4.26
C LEU A 6 -29.83 6.00 4.01
N ILE A 7 -29.26 4.86 3.63
CA ILE A 7 -30.06 3.63 3.40
C ILE A 7 -30.26 3.00 4.78
N ASP A 8 -31.51 3.00 5.25
CA ASP A 8 -31.87 2.44 6.58
C ASP A 8 -31.96 0.91 6.44
N ASN A 9 -31.14 0.20 7.21
CA ASN A 9 -31.18 -1.29 7.24
C ASN A 9 -31.84 -1.72 8.54
N TYR A 10 -32.77 -0.92 9.07
CA TYR A 10 -33.65 -1.23 10.22
C TYR A 10 -32.82 -1.45 11.50
N ASP A 11 -31.86 -0.56 11.76
CA ASP A 11 -31.10 -0.57 13.03
C ASP A 11 -31.93 0.13 14.11
N SER A 12 -31.62 -0.15 15.38
CA SER A 12 -32.26 0.49 16.55
C SER A 12 -31.76 1.93 16.74
N PHE A 13 -30.62 2.32 16.19
CA PHE A 13 -30.06 3.68 16.42
C PHE A 13 -29.83 4.39 15.09
N THR A 14 -30.77 4.27 14.16
CA THR A 14 -30.61 4.86 12.80
C THR A 14 -30.76 6.38 12.89
N TRP A 15 -31.66 6.86 13.75
CA TRP A 15 -31.93 8.33 13.86
C TRP A 15 -30.77 9.02 14.57
N ASN A 16 -29.99 8.31 15.37
CA ASN A 16 -28.75 8.88 15.98
C ASN A 16 -27.79 9.27 14.86
N LEU A 17 -27.66 8.45 13.81
CA LEU A 17 -26.80 8.75 12.65
C LEU A 17 -27.37 9.95 11.88
N TYR A 18 -28.67 9.95 11.63
CA TYR A 18 -29.36 11.03 10.88
C TYR A 18 -29.16 12.36 11.62
N GLN A 19 -29.28 12.32 12.94
CA GLN A 19 -29.17 13.54 13.76
C GLN A 19 -27.71 14.04 13.76
N TYR A 20 -26.74 13.15 13.91
CA TYR A 20 -25.29 13.51 13.85
C TYR A 20 -25.00 14.20 12.51
N PHE A 21 -25.51 13.64 11.42
CA PHE A 21 -25.30 14.22 10.07
C PHE A 21 -25.99 15.57 9.98
N CYS A 22 -27.17 15.69 10.59
CA CYS A 22 -27.96 16.95 10.60
C CYS A 22 -27.24 18.01 11.43
N GLU A 23 -26.60 17.60 12.53
CA GLU A 23 -25.78 18.49 13.40
C GLU A 23 -24.64 19.06 12.56
N LEU A 24 -24.13 18.27 11.60
CA LEU A 24 -22.97 18.70 10.77
C LEU A 24 -23.45 19.49 9.55
N GLY A 25 -24.75 19.79 9.44
CA GLY A 25 -25.30 20.65 8.39
C GLY A 25 -25.65 19.89 7.11
N ALA A 26 -25.80 18.57 7.16
CA ALA A 26 -26.01 17.78 5.94
C ALA A 26 -27.51 17.68 5.63
N ASP A 27 -27.86 17.72 4.34
CA ASP A 27 -29.24 17.46 3.89
C ASP A 27 -29.34 15.95 3.67
N VAL A 28 -29.99 15.23 4.59
CA VAL A 28 -30.03 13.73 4.54
C VAL A 28 -31.41 13.26 4.09
N LEU A 29 -31.45 12.37 3.10
CA LEU A 29 -32.71 11.67 2.75
C LEU A 29 -32.61 10.25 3.32
N VAL A 30 -33.55 9.87 4.18
CA VAL A 30 -33.54 8.51 4.79
C VAL A 30 -34.54 7.65 4.02
N LYS A 31 -34.07 6.59 3.39
CA LYS A 31 -34.95 5.62 2.69
C LYS A 31 -34.60 4.22 3.19
N ARG A 32 -35.58 3.33 3.28
CA ARG A 32 -35.33 1.97 3.83
C ARG A 32 -34.84 1.07 2.69
N ASN A 33 -34.25 -0.08 3.03
CA ASN A 33 -33.52 -0.93 2.05
C ASN A 33 -34.50 -1.55 1.03
N ASP A 34 -35.77 -1.68 1.38
CA ASP A 34 -36.78 -2.34 0.50
C ASP A 34 -37.68 -1.28 -0.10
N ALA A 35 -37.40 0.00 0.16
CA ALA A 35 -38.28 1.10 -0.28
C ALA A 35 -37.62 1.85 -1.44
N LEU A 36 -36.46 1.37 -1.88
CA LEU A 36 -35.68 2.06 -2.92
C LEU A 36 -35.20 1.06 -3.97
N THR A 37 -35.09 1.50 -5.21
CA THR A 37 -34.45 0.72 -6.32
C THR A 37 -33.24 1.54 -6.78
N LEU A 38 -32.31 0.90 -7.49
CA LEU A 38 -31.09 1.59 -8.01
C LEU A 38 -31.49 2.72 -8.96
N ALA A 39 -32.56 2.50 -9.71
CA ALA A 39 -33.07 3.47 -10.70
C ALA A 39 -33.58 4.70 -9.95
N ASP A 40 -34.25 4.47 -8.82
CA ASP A 40 -34.82 5.57 -7.99
C ASP A 40 -33.67 6.45 -7.50
N ILE A 41 -32.55 5.84 -7.12
CA ILE A 41 -31.34 6.56 -6.62
C ILE A 41 -30.83 7.46 -7.73
N ASP A 42 -30.79 6.96 -8.96
CA ASP A 42 -30.24 7.75 -10.10
C ASP A 42 -31.01 9.06 -10.22
N ALA A 43 -32.33 9.05 -10.00
CA ALA A 43 -33.18 10.25 -10.19
C ALA A 43 -33.09 11.18 -8.98
N LEU A 44 -32.85 10.64 -7.79
CA LEU A 44 -32.68 11.46 -6.55
C LEU A 44 -31.34 12.19 -6.61
N LYS A 45 -30.40 11.70 -7.45
CA LYS A 45 -29.06 12.30 -7.67
C LYS A 45 -28.39 12.66 -6.34
N PRO A 46 -28.01 11.69 -5.49
CA PRO A 46 -27.29 11.98 -4.25
C PRO A 46 -25.84 12.37 -4.53
N GLN A 47 -25.21 13.09 -3.62
CA GLN A 47 -23.77 13.44 -3.75
C GLN A 47 -22.97 12.36 -3.03
N LYS A 48 -23.52 11.81 -1.95
CA LYS A 48 -22.86 10.74 -1.17
C LYS A 48 -23.94 9.79 -0.66
N ILE A 49 -23.50 8.60 -0.25
CA ILE A 49 -24.40 7.51 0.22
C ILE A 49 -23.81 6.90 1.47
N VAL A 50 -24.66 6.62 2.46
CA VAL A 50 -24.27 5.95 3.73
C VAL A 50 -25.16 4.72 3.87
N ILE A 51 -24.54 3.57 4.16
CA ILE A 51 -25.25 2.29 4.39
C ILE A 51 -25.27 2.09 5.89
N SER A 52 -26.45 2.18 6.50
CA SER A 52 -26.65 2.18 7.96
C SER A 52 -26.36 0.80 8.53
N PRO A 53 -26.15 0.73 9.86
CA PRO A 53 -26.10 -0.56 10.55
C PRO A 53 -27.46 -1.25 10.44
N GLY A 54 -27.51 -2.49 10.89
CA GLY A 54 -28.70 -3.36 10.80
C GLY A 54 -28.45 -4.68 11.51
N PRO A 55 -29.52 -5.41 11.87
CA PRO A 55 -29.40 -6.75 12.46
C PRO A 55 -29.23 -7.91 11.46
N CYS A 56 -29.48 -7.68 10.17
CA CYS A 56 -29.51 -8.70 9.08
C CYS A 56 -28.12 -8.90 8.45
N THR A 57 -27.99 -9.82 7.48
CA THR A 57 -26.75 -10.06 6.70
C THR A 57 -26.76 -9.14 5.48
N PRO A 58 -25.59 -8.85 4.87
CA PRO A 58 -25.54 -8.02 3.65
C PRO A 58 -26.52 -8.49 2.56
N ASP A 59 -26.71 -9.81 2.45
CA ASP A 59 -27.62 -10.48 1.48
C ASP A 59 -29.07 -10.07 1.74
N GLU A 60 -29.46 -9.99 3.01
CA GLU A 60 -30.82 -9.62 3.50
C GLU A 60 -30.95 -8.11 3.72
N ALA A 61 -30.00 -7.29 3.26
CA ALA A 61 -30.00 -5.82 3.46
C ALA A 61 -30.60 -5.12 2.23
N GLY A 62 -31.64 -5.69 1.62
CA GLY A 62 -32.33 -5.08 0.47
C GLY A 62 -31.30 -4.69 -0.57
N ILE A 63 -31.32 -3.42 -0.99
CA ILE A 63 -30.47 -2.95 -2.13
C ILE A 63 -29.05 -2.56 -1.68
N SER A 64 -28.67 -2.74 -0.42
CA SER A 64 -27.32 -2.34 0.09
C SER A 64 -26.22 -2.84 -0.87
N LEU A 65 -26.07 -4.16 -1.05
CA LEU A 65 -25.05 -4.76 -1.96
C LEU A 65 -25.19 -4.18 -3.36
N ASP A 66 -26.42 -4.13 -3.88
CA ASP A 66 -26.73 -3.59 -5.23
C ASP A 66 -26.14 -2.18 -5.35
N VAL A 67 -26.28 -1.35 -4.30
CA VAL A 67 -25.84 0.08 -4.29
C VAL A 67 -24.32 0.17 -4.39
N ILE A 68 -23.62 -0.67 -3.62
CA ILE A 68 -22.13 -0.70 -3.59
C ILE A 68 -21.61 -1.06 -5.00
N ARG A 69 -22.16 -2.12 -5.61
CA ARG A 69 -21.73 -2.63 -6.94
C ARG A 69 -21.88 -1.53 -7.98
N HIS A 70 -22.99 -0.81 -7.94
CA HIS A 70 -23.43 0.14 -8.99
C HIS A 70 -22.76 1.50 -8.78
N TYR A 71 -22.56 1.96 -7.53
CA TYR A 71 -22.12 3.36 -7.23
C TYR A 71 -20.63 3.41 -6.86
N ALA A 72 -19.98 2.28 -6.58
CA ALA A 72 -18.52 2.23 -6.33
C ALA A 72 -17.76 2.91 -7.48
N GLY A 73 -16.96 3.92 -7.17
CA GLY A 73 -16.20 4.69 -8.17
C GLY A 73 -16.99 5.81 -8.83
N ARG A 74 -18.30 5.93 -8.56
CA ARG A 74 -19.15 7.05 -9.08
C ARG A 74 -19.46 8.07 -7.98
N LEU A 75 -19.78 7.61 -6.76
CA LEU A 75 -20.12 8.44 -5.57
C LEU A 75 -19.35 7.94 -4.36
N PRO A 76 -18.96 8.84 -3.44
CA PRO A 76 -18.52 8.42 -2.12
C PRO A 76 -19.58 7.57 -1.39
N ILE A 77 -19.14 6.51 -0.71
CA ILE A 77 -19.98 5.60 0.09
C ILE A 77 -19.28 5.35 1.41
N LEU A 78 -20.03 5.48 2.51
CA LEU A 78 -19.61 5.08 3.85
C LEU A 78 -20.50 3.91 4.28
N GLY A 79 -19.91 2.91 4.91
CA GLY A 79 -20.65 1.79 5.51
C GLY A 79 -20.37 1.70 6.99
N VAL A 80 -21.42 1.53 7.79
CA VAL A 80 -21.30 1.46 9.26
C VAL A 80 -21.82 0.09 9.68
N CYS A 81 -20.99 -0.66 10.40
CA CYS A 81 -21.32 -1.99 10.93
C CYS A 81 -21.75 -2.87 9.74
N LEU A 82 -23.04 -3.12 9.54
CA LEU A 82 -23.59 -3.93 8.42
C LEU A 82 -23.10 -3.35 7.09
N GLY A 83 -23.14 -2.02 6.95
CA GLY A 83 -22.74 -1.33 5.71
C GLY A 83 -21.28 -1.59 5.39
N HIS A 84 -20.45 -1.78 6.42
CA HIS A 84 -19.00 -2.05 6.34
C HIS A 84 -18.80 -3.50 5.87
N GLN A 85 -19.52 -4.44 6.48
CA GLN A 85 -19.53 -5.87 6.12
C GLN A 85 -20.04 -6.09 4.69
N ALA A 86 -21.10 -5.39 4.28
CA ALA A 86 -21.68 -5.42 2.91
C ALA A 86 -20.62 -4.95 1.92
N MET A 87 -19.86 -3.94 2.33
CA MET A 87 -18.84 -3.30 1.48
C MET A 87 -17.76 -4.34 1.19
N ALA A 88 -17.26 -5.02 2.23
CA ALA A 88 -16.24 -6.08 2.16
C ALA A 88 -16.72 -7.23 1.27
N GLN A 89 -17.94 -7.70 1.53
CA GLN A 89 -18.53 -8.90 0.89
C GLN A 89 -18.71 -8.65 -0.61
N ALA A 90 -19.12 -7.44 -0.98
CA ALA A 90 -19.36 -7.03 -2.40
C ALA A 90 -18.08 -7.20 -3.25
N PHE A 91 -16.89 -7.10 -2.64
CA PHE A 91 -15.59 -7.23 -3.33
C PHE A 91 -14.97 -8.62 -3.05
N GLY A 92 -15.68 -9.49 -2.33
CA GLY A 92 -15.29 -10.91 -2.16
C GLY A 92 -14.78 -11.24 -0.78
N GLY A 93 -14.95 -10.33 0.18
CA GLY A 93 -14.61 -10.59 1.59
C GLY A 93 -15.65 -11.48 2.23
N LYS A 94 -15.31 -12.06 3.38
CA LYS A 94 -16.23 -12.91 4.19
C LYS A 94 -16.44 -12.25 5.55
N VAL A 95 -17.62 -12.46 6.14
CA VAL A 95 -17.99 -12.01 7.51
C VAL A 95 -17.91 -13.24 8.42
N VAL A 96 -17.45 -13.08 9.67
CA VAL A 96 -17.29 -14.18 10.66
C VAL A 96 -17.70 -13.71 12.08
N ARG A 97 -17.97 -14.66 12.98
CA ARG A 97 -18.16 -14.44 14.43
C ARG A 97 -16.98 -13.60 14.94
N ALA A 98 -17.21 -12.63 15.84
CA ALA A 98 -16.13 -11.88 16.53
C ALA A 98 -15.50 -12.81 17.56
N ALA A 99 -14.47 -12.33 18.27
CA ALA A 99 -13.81 -13.05 19.40
C ALA A 99 -14.85 -13.33 20.49
N LYS A 100 -15.49 -12.27 21.00
CA LYS A 100 -16.52 -12.34 22.09
C LYS A 100 -17.74 -11.52 21.65
N VAL A 101 -18.84 -11.60 22.39
CA VAL A 101 -20.09 -10.80 22.17
C VAL A 101 -19.82 -9.36 22.64
N MET A 102 -20.05 -8.38 21.76
CA MET A 102 -19.69 -6.95 21.97
C MET A 102 -20.95 -6.09 22.03
N HIS A 103 -21.76 -6.27 23.07
CA HIS A 103 -23.07 -5.60 23.29
C HIS A 103 -22.86 -4.32 24.10
N GLY A 104 -22.71 -3.18 23.41
CA GLY A 104 -22.50 -1.86 24.04
C GLY A 104 -21.34 -1.88 25.04
N LYS A 105 -20.28 -2.61 24.71
CA LYS A 105 -18.93 -2.42 25.30
C LYS A 105 -18.26 -1.32 24.49
N THR A 106 -17.43 -0.46 25.09
CA THR A 106 -16.43 0.35 24.36
C THR A 106 -15.06 -0.33 24.44
N SER A 107 -14.16 0.06 23.53
CA SER A 107 -12.86 -0.59 23.25
C SER A 107 -11.96 0.44 22.58
N PRO A 108 -10.63 0.45 22.85
CA PRO A 108 -9.72 1.31 22.10
C PRO A 108 -9.29 0.62 20.80
N ILE A 109 -9.24 1.42 19.75
CA ILE A 109 -8.84 1.00 18.38
C ILE A 109 -7.67 1.91 17.98
N THR A 110 -6.68 1.32 17.33
CA THR A 110 -5.54 2.06 16.75
C THR A 110 -5.82 2.20 15.25
N HIS A 111 -5.40 3.30 14.67
CA HIS A 111 -5.66 3.63 13.25
C HIS A 111 -4.42 4.31 12.64
N ASN A 112 -4.48 4.60 11.36
CA ASN A 112 -3.33 5.07 10.54
C ASN A 112 -3.55 6.54 10.14
N GLY A 113 -4.64 7.16 10.59
CA GLY A 113 -4.95 8.58 10.31
C GLY A 113 -5.35 8.77 8.88
N GLU A 114 -5.90 7.72 8.25
CA GLU A 114 -6.31 7.76 6.83
C GLU A 114 -7.84 7.68 6.75
N GLY A 115 -8.38 8.31 5.71
CA GLY A 115 -9.80 8.34 5.35
C GLY A 115 -10.60 9.18 6.32
N VAL A 116 -11.49 8.51 7.06
CA VAL A 116 -12.40 9.14 8.06
C VAL A 116 -11.61 9.35 9.35
N PHE A 117 -10.43 8.74 9.49
CA PHE A 117 -9.56 8.96 10.68
C PHE A 117 -8.53 10.08 10.42
N ARG A 118 -8.58 10.75 9.26
CA ARG A 118 -7.72 11.94 8.93
C ARG A 118 -7.97 12.99 10.01
N GLY A 119 -6.94 13.33 10.80
CA GLY A 119 -6.95 14.40 11.80
C GLY A 119 -7.44 13.96 13.17
N LEU A 120 -7.87 12.70 13.32
CA LEU A 120 -8.48 12.21 14.58
C LEU A 120 -7.40 11.67 15.50
N ALA A 121 -7.75 11.57 16.80
CA ALA A 121 -6.85 11.15 17.89
C ALA A 121 -6.62 9.65 17.77
N ASN A 122 -5.42 9.21 18.15
CA ASN A 122 -4.95 7.80 18.09
C ASN A 122 -4.30 7.47 19.44
N PRO A 123 -4.74 6.44 20.19
CA PRO A 123 -5.98 5.70 19.89
C PRO A 123 -7.30 6.50 19.96
N LEU A 124 -8.38 5.80 19.60
CA LEU A 124 -9.79 6.23 19.66
C LEU A 124 -10.61 5.18 20.42
N THR A 125 -11.45 5.60 21.38
CA THR A 125 -12.41 4.71 22.09
C THR A 125 -13.73 4.72 21.33
N VAL A 126 -14.20 3.55 20.94
CA VAL A 126 -15.45 3.40 20.13
C VAL A 126 -16.29 2.28 20.72
N THR A 127 -17.61 2.30 20.43
CA THR A 127 -18.55 1.24 20.87
C THR A 127 -18.97 0.38 19.69
N ARG A 128 -18.98 -0.92 19.95
CA ARG A 128 -19.51 -1.97 19.07
C ARG A 128 -20.78 -2.51 19.71
N TYR A 129 -21.86 -2.60 18.93
CA TYR A 129 -23.15 -3.19 19.32
C TYR A 129 -23.26 -4.63 18.75
N HIS A 130 -22.47 -5.00 17.74
CA HIS A 130 -22.63 -6.29 16.99
C HIS A 130 -21.37 -7.17 17.00
N SER A 131 -21.56 -8.49 16.81
CA SER A 131 -20.64 -9.61 17.13
C SER A 131 -20.14 -10.33 15.87
N LEU A 132 -19.96 -9.59 14.78
CA LEU A 132 -19.45 -10.12 13.50
C LEU A 132 -18.37 -9.15 12.99
N VAL A 133 -17.30 -9.69 12.43
CA VAL A 133 -16.15 -8.90 11.92
C VAL A 133 -15.88 -9.34 10.48
N VAL A 134 -15.21 -8.50 9.70
CA VAL A 134 -14.65 -8.93 8.38
C VAL A 134 -13.43 -9.82 8.65
N GLU A 135 -13.39 -10.99 8.01
CA GLU A 135 -12.29 -11.98 8.07
C GLU A 135 -11.05 -11.37 7.41
N PRO A 136 -9.94 -11.19 8.16
CA PRO A 136 -8.74 -10.53 7.65
C PRO A 136 -8.05 -11.28 6.49
N ASP A 137 -7.93 -12.61 6.60
CA ASP A 137 -7.21 -13.43 5.61
C ASP A 137 -7.96 -13.35 4.28
N SER A 138 -9.30 -13.25 4.30
CA SER A 138 -10.18 -13.14 3.10
C SER A 138 -10.20 -11.72 2.52
N LEU A 139 -9.76 -10.68 3.25
CA LEU A 139 -10.02 -9.28 2.82
C LEU A 139 -9.42 -9.08 1.43
N PRO A 140 -10.22 -8.69 0.41
CA PRO A 140 -9.69 -8.30 -0.90
C PRO A 140 -8.57 -7.25 -0.87
N ALA A 141 -7.63 -7.36 -1.81
CA ALA A 141 -6.40 -6.54 -1.93
C ALA A 141 -6.72 -5.05 -2.16
N CYS A 142 -7.91 -4.75 -2.69
CA CYS A 142 -8.34 -3.37 -3.05
C CYS A 142 -8.66 -2.55 -1.77
N PHE A 143 -8.69 -3.18 -0.60
CA PHE A 143 -8.95 -2.51 0.70
C PHE A 143 -7.69 -2.47 1.55
N ASP A 144 -7.33 -1.32 2.12
CA ASP A 144 -6.44 -1.28 3.31
C ASP A 144 -7.34 -1.32 4.53
N VAL A 145 -6.85 -1.97 5.57
CA VAL A 145 -7.41 -1.87 6.94
C VAL A 145 -6.96 -0.52 7.53
N THR A 146 -7.92 0.31 7.95
CA THR A 146 -7.69 1.69 8.48
C THR A 146 -7.64 1.67 10.01
N ALA A 147 -8.11 0.61 10.67
CA ALA A 147 -8.09 0.52 12.15
C ALA A 147 -8.28 -0.91 12.63
N TRP A 148 -7.73 -1.20 13.81
CA TRP A 148 -7.69 -2.54 14.44
C TRP A 148 -8.19 -2.45 15.88
N SER A 149 -8.85 -3.50 16.37
CA SER A 149 -9.18 -3.65 17.81
C SER A 149 -7.91 -4.07 18.54
N GLU A 150 -7.95 -4.09 19.88
CA GLU A 150 -6.86 -4.65 20.74
C GLU A 150 -6.54 -6.08 20.30
N THR A 151 -7.55 -6.80 19.80
CA THR A 151 -7.52 -8.23 19.39
C THR A 151 -7.04 -8.41 17.94
N ARG A 152 -6.77 -7.32 17.22
CA ARG A 152 -6.41 -7.35 15.76
C ARG A 152 -7.60 -7.81 14.90
N GLU A 153 -8.82 -7.48 15.29
CA GLU A 153 -10.02 -7.55 14.41
C GLU A 153 -10.08 -6.26 13.59
N ILE A 154 -10.70 -6.33 12.41
CA ILE A 154 -10.79 -5.19 11.46
C ILE A 154 -11.89 -4.25 11.96
N MET A 155 -11.55 -2.97 12.16
CA MET A 155 -12.51 -1.97 12.66
C MET A 155 -12.75 -0.89 11.59
N GLY A 156 -11.96 -0.90 10.51
CA GLY A 156 -12.15 0.01 9.35
C GLY A 156 -11.43 -0.50 8.12
N ILE A 157 -11.99 -0.24 6.94
CA ILE A 157 -11.38 -0.54 5.61
C ILE A 157 -11.61 0.68 4.73
N ARG A 158 -10.67 0.96 3.84
CA ARG A 158 -10.83 2.00 2.79
C ARG A 158 -10.35 1.40 1.47
N HIS A 159 -11.11 1.61 0.40
CA HIS A 159 -10.77 1.20 -0.97
C HIS A 159 -9.57 2.03 -1.42
N ARG A 160 -8.61 1.40 -2.12
CA ARG A 160 -7.28 1.99 -2.39
C ARG A 160 -7.42 2.98 -3.55
N GLN A 161 -8.47 2.86 -4.36
CA GLN A 161 -8.64 3.70 -5.58
C GLN A 161 -9.87 4.61 -5.41
N TRP A 162 -11.01 4.07 -4.95
CA TRP A 162 -12.30 4.82 -4.94
C TRP A 162 -12.60 5.36 -3.56
N ASP A 163 -13.44 6.39 -3.49
CA ASP A 163 -13.89 6.99 -2.21
C ASP A 163 -14.96 6.07 -1.62
N LEU A 164 -14.55 5.01 -0.97
CA LEU A 164 -15.55 4.22 -0.26
C LEU A 164 -14.90 3.53 0.93
N GLU A 165 -15.52 3.71 2.08
CA GLU A 165 -14.89 3.39 3.38
C GLU A 165 -15.95 2.78 4.30
N GLY A 166 -15.52 1.85 5.16
CA GLY A 166 -16.38 1.19 6.16
C GLY A 166 -15.78 1.24 7.55
N VAL A 167 -16.62 1.36 8.58
CA VAL A 167 -16.23 1.27 10.01
C VAL A 167 -17.12 0.22 10.68
N GLN A 168 -16.55 -0.67 11.50
CA GLN A 168 -17.28 -1.78 12.14
C GLN A 168 -18.12 -1.27 13.32
N PHE A 169 -17.63 -0.23 14.00
CA PHE A 169 -18.19 0.33 15.26
C PHE A 169 -19.26 1.37 14.92
N HIS A 170 -19.84 1.98 15.97
CA HIS A 170 -20.91 3.01 15.91
C HIS A 170 -20.33 4.37 16.27
N PRO A 171 -20.00 5.22 15.28
CA PRO A 171 -19.58 6.60 15.56
C PRO A 171 -20.70 7.52 16.06
N GLU A 172 -21.94 7.18 15.71
CA GLU A 172 -23.16 7.98 16.03
C GLU A 172 -23.42 7.84 17.54
N SER A 173 -22.84 6.84 18.19
CA SER A 173 -23.07 6.52 19.61
C SER A 173 -22.31 7.49 20.51
N ILE A 174 -22.91 7.87 21.64
CA ILE A 174 -22.37 8.88 22.58
C ILE A 174 -21.16 8.28 23.32
N LEU A 175 -21.09 6.94 23.39
CA LEU A 175 -19.97 6.16 23.97
C LEU A 175 -18.70 6.21 23.09
N SER A 176 -18.81 6.67 21.83
CA SER A 176 -17.73 6.65 20.81
C SER A 176 -17.14 8.06 20.68
N GLU A 177 -15.80 8.17 20.67
CA GLU A 177 -15.08 9.47 20.58
C GLU A 177 -15.09 10.03 19.15
N GLN A 178 -15.16 11.36 19.04
CA GLN A 178 -14.97 12.19 17.80
C GLN A 178 -15.85 11.66 16.66
N GLY A 179 -16.98 11.01 16.97
CA GLY A 179 -18.02 10.58 16.01
C GLY A 179 -18.33 11.69 15.02
N HIS A 180 -18.43 12.93 15.51
CA HIS A 180 -18.77 14.13 14.71
C HIS A 180 -17.65 14.39 13.68
N GLN A 181 -16.39 14.38 14.12
CA GLN A 181 -15.25 14.73 13.24
C GLN A 181 -15.08 13.61 12.20
N LEU A 182 -15.18 12.35 12.64
CA LEU A 182 -15.20 11.15 11.76
C LEU A 182 -16.19 11.35 10.60
N LEU A 183 -17.46 11.63 10.90
CA LEU A 183 -18.51 11.75 9.86
C LEU A 183 -18.29 13.05 9.07
N ALA A 184 -17.65 14.06 9.67
CA ALA A 184 -17.39 15.35 8.97
C ALA A 184 -16.30 15.11 7.90
N ASN A 185 -15.34 14.22 8.19
CA ASN A 185 -14.32 13.78 7.19
C ASN A 185 -15.06 13.25 5.97
N PHE A 186 -15.93 12.25 6.17
CA PHE A 186 -16.73 11.63 5.10
C PHE A 186 -17.52 12.71 4.36
N LEU A 187 -18.16 13.63 5.10
CA LEU A 187 -19.06 14.65 4.52
C LEU A 187 -18.29 15.64 3.63
N HIS A 188 -17.09 16.06 4.06
CA HIS A 188 -16.37 17.19 3.42
C HIS A 188 -15.09 16.73 2.72
N ARG A 189 -14.65 15.47 2.88
CA ARG A 189 -13.44 14.93 2.18
C ARG A 189 -13.26 15.77 0.90
N GLY B 2 24.03 -13.10 12.26
CA GLY B 2 23.03 -12.54 11.29
C GLY B 2 23.14 -11.03 11.12
N MET B 3 24.36 -10.51 10.97
CA MET B 3 24.64 -9.05 10.94
C MET B 3 24.32 -8.48 9.55
N ILE B 4 23.63 -7.34 9.49
CA ILE B 4 23.40 -6.63 8.20
C ILE B 4 24.29 -5.38 8.21
N LEU B 5 25.11 -5.23 7.17
CA LEU B 5 26.00 -4.06 7.02
C LEU B 5 25.30 -3.02 6.15
N LEU B 6 25.11 -1.82 6.70
CA LEU B 6 24.50 -0.68 5.99
C LEU B 6 25.66 0.27 5.63
N ILE B 7 25.95 0.38 4.34
CA ILE B 7 26.97 1.31 3.79
C ILE B 7 26.30 2.66 3.67
N ASP B 8 26.70 3.62 4.51
CA ASP B 8 26.13 4.98 4.53
C ASP B 8 26.82 5.80 3.43
N ASN B 9 26.03 6.28 2.45
CA ASN B 9 26.52 7.16 1.36
C ASN B 9 26.10 8.60 1.64
N TYR B 10 25.96 8.97 2.93
CA TYR B 10 25.76 10.35 3.44
C TYR B 10 24.42 10.93 2.95
N ASP B 11 23.37 10.11 2.93
CA ASP B 11 21.97 10.57 2.76
C ASP B 11 21.58 11.39 3.99
N SER B 12 20.70 12.37 3.79
CA SER B 12 20.01 13.14 4.85
C SER B 12 19.30 12.19 5.82
N PHE B 13 18.55 11.22 5.30
CA PHE B 13 17.66 10.37 6.09
C PHE B 13 18.25 8.97 6.22
N THR B 14 19.56 8.87 6.44
CA THR B 14 20.23 7.55 6.59
C THR B 14 19.67 6.87 7.84
N TRP B 15 19.49 7.62 8.92
CA TRP B 15 19.02 7.10 10.23
C TRP B 15 17.59 6.56 10.14
N ASN B 16 16.73 7.15 9.31
CA ASN B 16 15.38 6.62 9.01
C ASN B 16 15.48 5.16 8.54
N LEU B 17 16.43 4.86 7.66
CA LEU B 17 16.63 3.51 7.11
C LEU B 17 17.14 2.57 8.19
N TYR B 18 18.12 3.02 8.98
CA TYR B 18 18.72 2.25 10.10
C TYR B 18 17.64 1.92 11.12
N GLN B 19 16.78 2.90 11.40
CA GLN B 19 15.73 2.76 12.43
C GLN B 19 14.69 1.75 11.94
N TYR B 20 14.28 1.84 10.67
CA TYR B 20 13.33 0.87 10.05
C TYR B 20 13.89 -0.55 10.21
N PHE B 21 15.18 -0.74 9.93
CA PHE B 21 15.84 -2.06 10.05
C PHE B 21 15.86 -2.53 11.50
N CYS B 22 16.08 -1.59 12.43
CA CYS B 22 16.14 -1.89 13.89
C CYS B 22 14.73 -2.26 14.39
N GLU B 23 13.70 -1.51 13.94
CA GLU B 23 12.27 -1.83 14.19
C GLU B 23 11.98 -3.29 13.78
N LEU B 24 12.59 -3.78 12.70
CA LEU B 24 12.32 -5.14 12.15
C LEU B 24 13.19 -6.20 12.83
N GLY B 25 13.97 -5.85 13.85
CA GLY B 25 14.72 -6.83 14.68
C GLY B 25 16.12 -7.11 14.16
N ALA B 26 16.59 -6.38 13.14
CA ALA B 26 17.89 -6.64 12.49
C ALA B 26 19.03 -6.15 13.38
N ASP B 27 20.17 -6.84 13.37
CA ASP B 27 21.44 -6.41 13.99
C ASP B 27 22.25 -5.67 12.90
N VAL B 28 22.37 -4.34 12.98
CA VAL B 28 22.89 -3.48 11.88
C VAL B 28 24.23 -2.89 12.29
N LEU B 29 25.27 -3.00 11.46
CA LEU B 29 26.46 -2.12 11.58
C LEU B 29 26.40 -1.05 10.49
N VAL B 30 26.53 0.21 10.87
CA VAL B 30 26.52 1.34 9.90
C VAL B 30 27.95 1.81 9.78
N LYS B 31 28.51 1.79 8.57
CA LYS B 31 29.83 2.39 8.29
C LYS B 31 29.69 3.32 7.09
N ARG B 32 30.37 4.47 7.12
CA ARG B 32 30.34 5.47 6.03
C ARG B 32 31.21 4.91 4.88
N ASN B 33 30.96 5.37 3.65
CA ASN B 33 31.46 4.67 2.43
C ASN B 33 32.97 4.86 2.31
N ASP B 34 33.57 5.85 2.99
CA ASP B 34 35.02 6.14 2.93
C ASP B 34 35.65 5.80 4.28
N ALA B 35 34.92 5.13 5.15
CA ALA B 35 35.39 4.76 6.50
C ALA B 35 35.81 3.29 6.53
N LEU B 36 35.82 2.64 5.36
CA LEU B 36 35.94 1.16 5.22
C LEU B 36 36.80 0.82 4.00
N THR B 37 37.48 -0.33 4.05
CA THR B 37 38.08 -1.06 2.91
C THR B 37 37.35 -2.41 2.79
N LEU B 38 37.45 -3.07 1.65
CA LEU B 38 36.82 -4.40 1.40
C LEU B 38 37.38 -5.45 2.35
N ALA B 39 38.68 -5.33 2.66
CA ALA B 39 39.40 -6.27 3.56
C ALA B 39 38.79 -6.13 4.95
N ASP B 40 38.47 -4.88 5.33
CA ASP B 40 37.85 -4.54 6.64
C ASP B 40 36.52 -5.30 6.73
N ILE B 41 35.77 -5.42 5.62
CA ILE B 41 34.45 -6.11 5.57
C ILE B 41 34.63 -7.62 5.72
N ASP B 42 35.57 -8.23 5.01
CA ASP B 42 35.82 -9.69 5.16
C ASP B 42 35.83 -10.01 6.67
N ALA B 43 36.52 -9.21 7.49
CA ALA B 43 36.80 -9.52 8.91
C ALA B 43 35.66 -9.10 9.84
N LEU B 44 34.52 -8.62 9.34
CA LEU B 44 33.30 -8.29 10.14
C LEU B 44 32.18 -9.31 9.87
N LYS B 45 32.37 -10.15 8.85
CA LYS B 45 31.51 -11.33 8.50
C LYS B 45 30.02 -10.96 8.49
N PRO B 46 29.58 -10.04 7.60
CA PRO B 46 28.15 -9.75 7.45
C PRO B 46 27.39 -10.90 6.77
N GLN B 47 26.10 -11.04 7.09
CA GLN B 47 25.21 -12.05 6.49
C GLN B 47 24.54 -11.42 5.26
N LYS B 48 24.31 -10.10 5.27
CA LYS B 48 23.67 -9.35 4.14
C LYS B 48 24.15 -7.91 4.17
N ILE B 49 23.96 -7.19 3.06
CA ILE B 49 24.53 -5.82 2.86
C ILE B 49 23.46 -4.93 2.22
N VAL B 50 23.38 -3.69 2.69
CA VAL B 50 22.49 -2.64 2.11
C VAL B 50 23.36 -1.46 1.71
N ILE B 51 23.15 -0.95 0.50
CA ILE B 51 23.82 0.26 -0.03
C ILE B 51 22.80 1.39 0.08
N SER B 52 23.06 2.35 0.96
CA SER B 52 22.13 3.45 1.31
C SER B 52 22.00 4.43 0.16
N PRO B 53 20.94 5.27 0.18
CA PRO B 53 20.86 6.42 -0.71
C PRO B 53 22.01 7.40 -0.41
N GLY B 54 22.11 8.43 -1.24
CA GLY B 54 23.18 9.44 -1.17
C GLY B 54 22.93 10.53 -2.20
N PRO B 55 23.61 11.70 -2.06
CA PRO B 55 23.54 12.78 -3.05
C PRO B 55 24.52 12.66 -4.24
N CYS B 56 25.51 11.76 -4.14
CA CYS B 56 26.64 11.60 -5.11
C CYS B 56 26.30 10.58 -6.21
N THR B 57 27.21 10.36 -7.17
CA THR B 57 27.09 9.33 -8.25
C THR B 57 27.71 8.03 -7.74
N PRO B 58 27.36 6.86 -8.32
CA PRO B 58 27.98 5.59 -7.92
C PRO B 58 29.51 5.64 -7.86
N ASP B 59 30.12 6.38 -8.80
CA ASP B 59 31.59 6.60 -8.90
C ASP B 59 32.12 7.28 -7.63
N GLU B 60 31.41 8.29 -7.13
CA GLU B 60 31.77 9.10 -5.93
C GLU B 60 31.23 8.48 -4.64
N ALA B 61 30.74 7.23 -4.65
CA ALA B 61 30.10 6.58 -3.48
C ALA B 61 31.10 5.71 -2.72
N GLY B 62 32.35 6.16 -2.59
CA GLY B 62 33.40 5.41 -1.86
C GLY B 62 33.44 3.98 -2.34
N ILE B 63 33.31 3.02 -1.43
CA ILE B 63 33.49 1.57 -1.76
C ILE B 63 32.19 0.94 -2.29
N SER B 64 31.10 1.69 -2.49
CA SER B 64 29.79 1.10 -2.89
C SER B 64 29.97 0.16 -4.08
N LEU B 65 30.42 0.66 -5.23
CA LEU B 65 30.66 -0.14 -6.46
C LEU B 65 31.57 -1.34 -6.14
N ASP B 66 32.66 -1.06 -5.44
CA ASP B 66 33.69 -2.07 -5.08
C ASP B 66 32.99 -3.21 -4.31
N VAL B 67 32.06 -2.90 -3.39
CA VAL B 67 31.34 -3.88 -2.52
C VAL B 67 30.45 -4.79 -3.38
N ILE B 68 29.72 -4.20 -4.33
CA ILE B 68 28.80 -4.95 -5.24
C ILE B 68 29.63 -5.93 -6.08
N ARG B 69 30.72 -5.46 -6.67
CA ARG B 69 31.60 -6.27 -7.56
C ARG B 69 32.16 -7.47 -6.79
N HIS B 70 32.55 -7.27 -5.53
CA HIS B 70 33.23 -8.31 -4.69
C HIS B 70 32.19 -9.27 -4.07
N TYR B 71 31.01 -8.79 -3.61
CA TYR B 71 30.09 -9.61 -2.78
C TYR B 71 28.88 -10.11 -3.59
N ALA B 72 28.67 -9.63 -4.82
CA ALA B 72 27.64 -10.16 -5.76
C ALA B 72 27.80 -11.68 -5.89
N GLY B 73 26.74 -12.44 -5.60
CA GLY B 73 26.75 -13.90 -5.64
C GLY B 73 27.31 -14.55 -4.38
N ARG B 74 27.87 -13.78 -3.44
CA ARG B 74 28.35 -14.32 -2.12
C ARG B 74 27.34 -14.02 -1.01
N LEU B 75 26.77 -12.81 -1.00
CA LEU B 75 25.84 -12.29 0.04
C LEU B 75 24.64 -11.64 -0.63
N PRO B 76 23.44 -11.72 -0.02
CA PRO B 76 22.34 -10.85 -0.43
C PRO B 76 22.73 -9.37 -0.32
N ILE B 77 22.34 -8.56 -1.31
CA ILE B 77 22.59 -7.10 -1.37
C ILE B 77 21.29 -6.41 -1.78
N LEU B 78 20.92 -5.37 -1.04
CA LEU B 78 19.83 -4.45 -1.42
C LEU B 78 20.44 -3.08 -1.69
N GLY B 79 19.96 -2.40 -2.73
CA GLY B 79 20.37 -1.03 -3.04
C GLY B 79 19.17 -0.13 -3.04
N VAL B 80 19.26 1.04 -2.39
CA VAL B 80 18.17 2.03 -2.31
C VAL B 80 18.64 3.31 -2.98
N CYS B 81 17.89 3.78 -3.97
CA CYS B 81 18.16 5.04 -4.69
C CYS B 81 19.56 4.92 -5.30
N LEU B 82 20.56 5.60 -4.74
CA LEU B 82 21.98 5.53 -5.18
C LEU B 82 22.45 4.06 -5.22
N GLY B 83 22.11 3.30 -4.18
CA GLY B 83 22.54 1.89 -4.04
C GLY B 83 22.02 1.06 -5.19
N HIS B 84 20.84 1.43 -5.71
CA HIS B 84 20.15 0.76 -6.84
C HIS B 84 20.88 1.10 -8.14
N GLN B 85 21.21 2.38 -8.33
CA GLN B 85 21.95 2.91 -9.50
C GLN B 85 23.37 2.33 -9.53
N ALA B 86 24.06 2.24 -8.39
CA ALA B 86 25.41 1.64 -8.25
C ALA B 86 25.34 0.16 -8.62
N MET B 87 24.24 -0.49 -8.27
CA MET B 87 24.03 -1.93 -8.54
C MET B 87 24.00 -2.14 -10.05
N ALA B 88 23.19 -1.33 -10.75
CA ALA B 88 23.02 -1.37 -12.20
C ALA B 88 24.35 -1.03 -12.89
N GLN B 89 25.01 0.02 -12.41
CA GLN B 89 26.26 0.57 -13.02
C GLN B 89 27.40 -0.45 -12.92
N ALA B 90 27.47 -1.19 -11.83
CA ALA B 90 28.52 -2.22 -11.57
C ALA B 90 28.48 -3.32 -12.63
N PHE B 91 27.31 -3.57 -13.22
CA PHE B 91 27.07 -4.60 -14.26
C PHE B 91 27.04 -3.94 -15.65
N GLY B 92 27.24 -2.63 -15.76
CA GLY B 92 27.39 -1.93 -17.05
C GLY B 92 26.18 -1.09 -17.42
N GLY B 93 25.26 -0.85 -16.48
CA GLY B 93 24.12 0.06 -16.69
C GLY B 93 24.58 1.51 -16.61
N LYS B 94 23.77 2.44 -17.11
CA LYS B 94 24.03 3.90 -17.05
C LYS B 94 22.94 4.58 -16.22
N VAL B 95 23.28 5.71 -15.59
CA VAL B 95 22.35 6.60 -14.85
C VAL B 95 22.00 7.78 -15.76
N VAL B 96 20.75 8.24 -15.72
CA VAL B 96 20.21 9.38 -16.54
C VAL B 96 19.38 10.32 -15.65
N ARG B 97 19.19 11.56 -16.10
CA ARG B 97 18.19 12.50 -15.52
C ARG B 97 16.82 11.84 -15.58
N ALA B 98 16.00 12.03 -14.54
CA ALA B 98 14.58 11.62 -14.53
C ALA B 98 13.80 12.51 -15.50
N ALA B 99 12.54 12.17 -15.76
CA ALA B 99 11.61 12.91 -16.66
C ALA B 99 11.44 14.34 -16.14
N LYS B 100 10.99 14.49 -14.90
CA LYS B 100 10.87 15.81 -14.21
C LYS B 100 11.51 15.72 -12.81
N VAL B 101 11.57 16.83 -12.07
CA VAL B 101 12.18 16.89 -10.70
C VAL B 101 11.19 16.24 -9.71
N MET B 102 11.66 15.24 -8.95
CA MET B 102 10.84 14.38 -8.05
C MET B 102 11.27 14.64 -6.59
N HIS B 103 10.94 15.82 -6.08
CA HIS B 103 11.44 16.40 -4.80
C HIS B 103 10.43 16.09 -3.70
N GLY B 104 10.54 14.94 -3.03
CA GLY B 104 9.55 14.46 -2.05
C GLY B 104 8.13 14.48 -2.59
N LYS B 105 7.97 14.16 -3.89
CA LYS B 105 6.70 13.85 -4.57
C LYS B 105 6.38 12.38 -4.26
N THR B 106 5.12 12.03 -3.99
CA THR B 106 4.65 10.63 -4.03
C THR B 106 3.95 10.39 -5.38
N SER B 107 3.81 9.12 -5.76
CA SER B 107 3.26 8.70 -7.07
C SER B 107 3.18 7.18 -7.12
N PRO B 108 2.31 6.61 -7.98
CA PRO B 108 2.12 5.17 -8.01
C PRO B 108 3.12 4.50 -8.95
N ILE B 109 3.60 3.36 -8.50
CA ILE B 109 4.48 2.43 -9.25
C ILE B 109 3.75 1.09 -9.31
N THR B 110 3.85 0.42 -10.45
CA THR B 110 3.34 -0.95 -10.68
C THR B 110 4.52 -1.90 -10.53
N HIS B 111 4.28 -3.10 -10.06
CA HIS B 111 5.32 -4.11 -9.79
C HIS B 111 4.78 -5.51 -10.05
N ASN B 112 5.61 -6.54 -9.87
CA ASN B 112 5.34 -7.92 -10.32
C ASN B 112 5.11 -8.83 -9.11
N GLY B 113 5.15 -8.27 -7.88
CA GLY B 113 4.88 -9.02 -6.63
C GLY B 113 5.99 -10.00 -6.31
N GLU B 114 7.18 -9.78 -6.88
CA GLU B 114 8.34 -10.68 -6.69
C GLU B 114 9.44 -9.90 -5.95
N GLY B 115 10.25 -10.67 -5.23
CA GLY B 115 11.40 -10.20 -4.43
C GLY B 115 10.93 -9.44 -3.21
N VAL B 116 11.25 -8.14 -3.17
CA VAL B 116 10.90 -7.24 -2.05
C VAL B 116 9.44 -6.78 -2.22
N PHE B 117 8.83 -7.00 -3.39
CA PHE B 117 7.41 -6.64 -3.61
C PHE B 117 6.48 -7.83 -3.29
N ARG B 118 7.02 -8.96 -2.79
CA ARG B 118 6.24 -10.15 -2.36
C ARG B 118 5.23 -9.67 -1.30
N GLY B 119 3.94 -9.80 -1.62
CA GLY B 119 2.81 -9.58 -0.68
C GLY B 119 2.35 -8.13 -0.65
N LEU B 120 3.00 -7.23 -1.38
CA LEU B 120 2.73 -5.77 -1.30
C LEU B 120 1.62 -5.41 -2.27
N ALA B 121 1.01 -4.26 -2.01
CA ALA B 121 -0.15 -3.72 -2.75
C ALA B 121 0.35 -3.23 -4.10
N ASN B 122 -0.49 -3.37 -5.14
CA ASN B 122 -0.16 -3.02 -6.54
C ASN B 122 -1.35 -2.24 -7.14
N PRO B 123 -1.18 -0.99 -7.61
CA PRO B 123 0.03 -0.20 -7.41
C PRO B 123 0.42 0.13 -5.95
N LEU B 124 1.64 0.66 -5.79
CA LEU B 124 2.24 1.14 -4.51
C LEU B 124 2.55 2.63 -4.67
N THR B 125 2.16 3.47 -3.71
CA THR B 125 2.56 4.91 -3.68
C THR B 125 3.87 5.00 -2.88
N VAL B 126 4.86 5.60 -3.51
CA VAL B 126 6.24 5.70 -2.97
C VAL B 126 6.71 7.13 -3.18
N THR B 127 7.70 7.54 -2.38
CA THR B 127 8.37 8.86 -2.53
C THR B 127 9.77 8.65 -3.10
N ARG B 128 10.02 9.50 -4.11
CA ARG B 128 11.34 9.74 -4.70
C ARG B 128 11.75 11.14 -4.26
N TYR B 129 12.95 11.26 -3.73
CA TYR B 129 13.59 12.52 -3.28
C TYR B 129 14.58 12.99 -4.36
N HIS B 130 15.01 12.09 -5.26
CA HIS B 130 16.14 12.33 -6.20
C HIS B 130 15.69 12.14 -7.67
N SER B 131 16.40 12.82 -8.59
CA SER B 131 16.02 13.06 -10.02
C SER B 131 16.95 12.34 -10.99
N LEU B 132 17.33 11.11 -10.67
CA LEU B 132 18.18 10.23 -11.52
C LEU B 132 17.56 8.84 -11.55
N VAL B 133 17.55 8.20 -12.71
CA VAL B 133 16.99 6.83 -12.89
C VAL B 133 18.05 5.99 -13.60
N VAL B 134 17.93 4.67 -13.52
CA VAL B 134 18.68 3.75 -14.42
C VAL B 134 18.04 3.84 -15.82
N GLU B 135 18.88 4.06 -16.84
CA GLU B 135 18.51 4.03 -18.28
C GLU B 135 18.04 2.62 -18.65
N PRO B 136 16.77 2.49 -19.10
CA PRO B 136 16.19 1.18 -19.43
C PRO B 136 16.88 0.45 -20.60
N ASP B 137 17.16 1.21 -21.67
CA ASP B 137 17.85 0.77 -22.91
C ASP B 137 19.15 0.04 -22.51
N SER B 138 19.91 0.64 -21.59
CA SER B 138 21.26 0.22 -21.15
C SER B 138 21.21 -0.92 -20.13
N LEU B 139 20.06 -1.21 -19.52
CA LEU B 139 20.03 -2.14 -18.35
C LEU B 139 20.61 -3.50 -18.79
N PRO B 140 21.68 -3.99 -18.14
CA PRO B 140 22.18 -5.34 -18.38
C PRO B 140 21.14 -6.45 -18.24
N ALA B 141 21.26 -7.49 -19.08
CA ALA B 141 20.27 -8.56 -19.29
C ALA B 141 20.12 -9.43 -18.03
N CYS B 142 21.12 -9.44 -17.15
CA CYS B 142 21.16 -10.24 -15.89
C CYS B 142 20.13 -9.72 -14.86
N PHE B 143 19.52 -8.56 -15.13
CA PHE B 143 18.50 -7.91 -14.27
C PHE B 143 17.15 -7.97 -14.97
N ASP B 144 16.10 -8.39 -14.26
CA ASP B 144 14.69 -8.09 -14.64
C ASP B 144 14.33 -6.78 -13.93
N VAL B 145 13.54 -5.93 -14.58
CA VAL B 145 12.86 -4.77 -13.92
C VAL B 145 11.67 -5.31 -13.11
N THR B 146 11.63 -5.01 -11.82
CA THR B 146 10.61 -5.51 -10.86
C THR B 146 9.48 -4.48 -10.69
N ALA B 147 9.68 -3.23 -11.12
CA ALA B 147 8.67 -2.16 -10.93
C ALA B 147 8.92 -0.97 -11.86
N TRP B 148 7.83 -0.30 -12.23
CA TRP B 148 7.79 0.83 -13.20
C TRP B 148 7.02 2.01 -12.61
N SER B 149 7.42 3.24 -12.92
CA SER B 149 6.60 4.45 -12.65
C SER B 149 5.48 4.50 -13.69
N GLU B 150 4.51 5.42 -13.51
CA GLU B 150 3.45 5.73 -14.50
C GLU B 150 4.08 6.00 -15.87
N THR B 151 5.27 6.61 -15.87
CA THR B 151 5.96 7.12 -17.08
C THR B 151 7.00 6.09 -17.57
N ARG B 152 6.96 4.85 -17.06
CA ARG B 152 7.82 3.72 -17.52
C ARG B 152 9.30 3.96 -17.19
N GLU B 153 9.60 4.66 -16.09
CA GLU B 153 10.96 4.68 -15.48
C GLU B 153 11.12 3.43 -14.60
N ILE B 154 12.35 2.99 -14.43
CA ILE B 154 12.72 1.80 -13.62
C ILE B 154 12.62 2.18 -12.13
N MET B 155 11.83 1.44 -11.35
CA MET B 155 11.68 1.71 -9.91
C MET B 155 12.23 0.52 -9.11
N GLY B 156 12.54 -0.60 -9.77
CA GLY B 156 13.14 -1.78 -9.11
C GLY B 156 13.80 -2.71 -10.12
N ILE B 157 14.82 -3.46 -9.70
CA ILE B 157 15.55 -4.49 -10.50
C ILE B 157 15.91 -5.65 -9.58
N ARG B 158 15.84 -6.88 -10.06
CA ARG B 158 16.38 -8.09 -9.39
C ARG B 158 17.32 -8.82 -10.36
N HIS B 159 18.41 -9.36 -9.83
CA HIS B 159 19.36 -10.22 -10.56
C HIS B 159 18.67 -11.56 -10.80
N ARG B 160 18.87 -12.15 -11.99
CA ARG B 160 18.12 -13.34 -12.46
C ARG B 160 18.64 -14.58 -11.75
N GLN B 161 19.87 -14.55 -11.23
CA GLN B 161 20.52 -15.75 -10.65
C GLN B 161 20.84 -15.52 -9.17
N TRP B 162 21.37 -14.34 -8.81
CA TRP B 162 21.85 -14.05 -7.43
C TRP B 162 20.83 -13.22 -6.65
N ASP B 163 20.96 -13.23 -5.33
CA ASP B 163 20.11 -12.46 -4.40
C ASP B 163 20.64 -11.02 -4.35
N LEU B 164 20.42 -10.24 -5.42
CA LEU B 164 20.80 -8.80 -5.54
C LEU B 164 19.55 -8.05 -5.97
N GLU B 165 19.09 -7.03 -5.24
CA GLU B 165 17.83 -6.32 -5.59
C GLU B 165 18.05 -4.82 -5.33
N GLY B 166 17.45 -3.96 -6.18
CA GLY B 166 17.54 -2.48 -6.06
C GLY B 166 16.17 -1.84 -6.18
N VAL B 167 15.90 -0.77 -5.41
CA VAL B 167 14.66 0.06 -5.51
C VAL B 167 15.09 1.53 -5.67
N GLN B 168 14.49 2.28 -6.60
CA GLN B 168 14.86 3.69 -6.89
C GLN B 168 14.31 4.64 -5.79
N PHE B 169 13.17 4.30 -5.20
CA PHE B 169 12.43 5.19 -4.26
C PHE B 169 12.92 4.94 -2.83
N HIS B 170 12.30 5.63 -1.87
CA HIS B 170 12.63 5.63 -0.43
C HIS B 170 11.55 4.88 0.35
N PRO B 171 11.78 3.60 0.70
CA PRO B 171 10.86 2.87 1.57
C PRO B 171 10.89 3.33 3.03
N GLU B 172 12.00 3.93 3.45
CA GLU B 172 12.23 4.40 4.85
C GLU B 172 11.33 5.62 5.08
N SER B 173 10.85 6.27 4.02
CA SER B 173 10.07 7.52 4.10
C SER B 173 8.63 7.24 4.54
N ILE B 174 8.06 8.13 5.34
CA ILE B 174 6.70 7.97 5.93
C ILE B 174 5.66 8.19 4.80
N LEU B 175 6.05 8.89 3.73
CA LEU B 175 5.22 9.15 2.53
C LEU B 175 5.09 7.90 1.65
N SER B 176 5.90 6.86 1.89
CA SER B 176 5.96 5.63 1.07
C SER B 176 5.20 4.51 1.77
N GLU B 177 4.37 3.76 1.03
CA GLU B 177 3.58 2.64 1.57
C GLU B 177 4.45 1.39 1.78
N GLN B 178 4.11 0.62 2.82
CA GLN B 178 4.57 -0.75 3.14
C GLN B 178 6.11 -0.85 3.10
N GLY B 179 6.81 0.27 3.36
CA GLY B 179 8.27 0.34 3.56
C GLY B 179 8.76 -0.77 4.47
N HIS B 180 8.03 -1.02 5.56
CA HIS B 180 8.39 -2.04 6.59
C HIS B 180 8.35 -3.43 5.95
N GLN B 181 7.29 -3.75 5.22
CA GLN B 181 7.06 -5.12 4.68
C GLN B 181 8.10 -5.33 3.56
N LEU B 182 8.30 -4.33 2.70
CA LEU B 182 9.36 -4.32 1.66
C LEU B 182 10.70 -4.72 2.28
N LEU B 183 11.18 -4.00 3.30
CA LEU B 183 12.51 -4.28 3.89
C LEU B 183 12.47 -5.60 4.66
N ALA B 184 11.32 -6.04 5.13
CA ALA B 184 11.19 -7.34 5.85
C ALA B 184 11.37 -8.48 4.85
N ASN B 185 10.92 -8.30 3.61
CA ASN B 185 11.13 -9.30 2.52
C ASN B 185 12.63 -9.54 2.35
N PHE B 186 13.45 -8.47 2.26
CA PHE B 186 14.92 -8.56 2.10
C PHE B 186 15.53 -9.28 3.30
N LEU B 187 15.14 -8.91 4.53
CA LEU B 187 15.69 -9.52 5.77
C LEU B 187 15.30 -10.99 5.90
N HIS B 188 14.07 -11.35 5.54
CA HIS B 188 13.52 -12.72 5.71
C HIS B 188 13.33 -13.33 4.33
N ARG B 189 14.44 -13.75 3.73
CA ARG B 189 14.44 -14.43 2.42
C ARG B 189 15.20 -15.76 2.59
N HIS C 1 28.16 17.02 49.27
CA HIS C 1 27.88 15.56 49.06
C HIS C 1 26.72 15.41 48.08
N MET C 2 26.75 14.37 47.25
CA MET C 2 25.72 14.14 46.20
C MET C 2 24.36 14.00 46.89
N LYS C 3 23.35 14.67 46.37
CA LYS C 3 21.98 14.62 46.93
C LYS C 3 21.07 13.81 46.01
N THR C 4 20.74 12.59 46.40
CA THR C 4 19.77 11.70 45.69
C THR C 4 18.37 11.93 46.27
N LEU C 5 18.28 12.51 47.46
CA LEU C 5 16.98 12.67 48.14
C LEU C 5 16.11 13.65 47.33
N SER C 6 14.79 13.51 47.43
CA SER C 6 13.82 14.38 46.73
C SER C 6 13.80 15.75 47.39
N PRO C 7 13.48 16.81 46.64
CA PRO C 7 13.38 18.15 47.21
C PRO C 7 12.19 18.22 48.19
N ALA C 8 12.35 18.99 49.26
CA ALA C 8 11.27 19.37 50.20
C ALA C 8 10.23 20.17 49.44
N VAL C 9 8.96 19.86 49.66
CA VAL C 9 7.80 20.51 48.99
C VAL C 9 6.92 21.16 50.06
N ILE C 10 6.40 22.34 49.76
CA ILE C 10 5.35 23.05 50.51
C ILE C 10 4.24 23.34 49.51
N THR C 11 3.02 22.88 49.77
CA THR C 11 1.81 23.21 48.98
C THR C 11 1.30 24.59 49.42
N LEU C 12 1.10 25.46 48.44
CA LEU C 12 0.46 26.79 48.63
C LEU C 12 -1.01 26.67 48.26
N LEU C 13 -1.76 27.74 48.50
CA LEU C 13 -3.22 27.77 48.26
C LEU C 13 -3.46 27.71 46.75
N TRP C 14 -4.32 26.78 46.31
CA TRP C 14 -4.70 26.64 44.88
C TRP C 14 -5.47 27.88 44.43
N ARG C 15 -5.09 28.44 43.29
CA ARG C 15 -5.87 29.41 42.46
C ARG C 15 -5.43 29.25 40.98
N GLN C 16 -6.35 29.36 40.02
CA GLN C 16 -6.09 29.16 38.56
C GLN C 16 -4.87 30.01 38.16
N ASP C 17 -4.78 31.22 38.74
CA ASP C 17 -3.89 32.33 38.32
C ASP C 17 -2.60 32.34 39.17
N ALA C 18 -2.30 31.25 39.87
CA ALA C 18 -1.21 31.22 40.87
C ALA C 18 0.11 31.68 40.25
N ALA C 19 0.41 31.27 39.02
CA ALA C 19 1.71 31.55 38.38
C ALA C 19 1.81 33.05 38.10
N GLU C 20 0.79 33.67 37.47
CA GLU C 20 0.82 35.12 37.16
C GLU C 20 0.84 35.93 38.48
N PHE C 21 0.14 35.45 39.51
CA PHE C 21 0.04 36.12 40.84
C PHE C 21 1.41 36.16 41.53
N TYR C 22 2.09 35.02 41.65
CA TYR C 22 3.46 34.93 42.23
C TYR C 22 4.50 35.55 41.29
N PHE C 23 4.34 35.52 39.97
CA PHE C 23 5.46 35.97 39.10
C PHE C 23 5.45 37.49 38.94
N SER C 24 4.31 38.13 39.15
CA SER C 24 4.18 39.60 39.08
C SER C 24 5.32 40.28 39.87
N ARG C 25 5.59 39.75 41.06
CA ARG C 25 6.54 40.34 42.04
C ARG C 25 8.00 40.09 41.64
N LEU C 26 8.24 39.20 40.68
CA LEU C 26 9.59 38.77 40.23
C LEU C 26 9.86 39.30 38.80
N SER C 27 8.85 39.76 38.09
CA SER C 27 8.89 39.99 36.63
C SER C 27 10.04 40.95 36.25
N HIS C 28 10.50 41.79 37.17
CA HIS C 28 11.50 42.87 36.91
C HIS C 28 12.94 42.37 37.16
N LEU C 29 13.10 41.23 37.84
CA LEU C 29 14.40 40.65 38.24
C LEU C 29 15.02 39.92 37.06
N PRO C 30 16.24 40.30 36.60
CA PRO C 30 16.96 39.48 35.65
C PRO C 30 17.06 38.06 36.20
N TRP C 31 16.84 37.07 35.33
CA TRP C 31 16.91 35.61 35.59
C TRP C 31 15.65 35.09 36.29
N ALA C 32 14.62 35.93 36.36
CA ALA C 32 13.23 35.51 36.68
C ALA C 32 12.56 34.98 35.42
N MET C 33 12.02 33.77 35.50
CA MET C 33 11.53 33.04 34.31
C MET C 33 10.21 32.35 34.64
N LEU C 34 9.23 32.54 33.77
CA LEU C 34 7.93 31.85 33.82
C LEU C 34 7.72 31.03 32.54
N LEU C 35 7.42 29.74 32.69
CA LEU C 35 6.81 28.91 31.61
C LEU C 35 5.33 28.76 31.94
N HIS C 36 4.45 29.13 31.03
CA HIS C 36 2.99 29.20 31.29
C HIS C 36 2.26 28.41 30.20
N SER C 37 1.32 27.55 30.57
CA SER C 37 0.54 26.72 29.62
C SER C 37 -0.63 27.52 29.03
N GLY C 38 -0.66 28.83 29.25
CA GLY C 38 -1.62 29.77 28.63
C GLY C 38 -3.06 29.56 29.07
N TYR C 39 -3.30 28.81 30.14
CA TYR C 39 -4.66 28.42 30.62
C TYR C 39 -5.39 27.63 29.53
N ALA C 40 -4.65 26.95 28.66
CA ALA C 40 -5.18 26.27 27.44
C ALA C 40 -5.86 24.95 27.82
N ASP C 41 -7.00 24.66 27.19
CA ASP C 41 -7.56 23.28 27.17
C ASP C 41 -6.85 22.56 26.04
N HIS C 42 -5.88 21.72 26.37
CA HIS C 42 -4.92 21.13 25.39
C HIS C 42 -4.30 19.90 26.06
N PRO C 43 -4.03 18.80 25.35
CA PRO C 43 -3.49 17.60 26.02
C PRO C 43 -2.10 17.88 26.65
N TYR C 44 -1.41 18.93 26.23
CA TYR C 44 -0.02 19.23 26.67
C TYR C 44 0.02 20.58 27.41
N SER C 45 -1.10 20.93 28.04
CA SER C 45 -1.27 22.14 28.89
C SER C 45 -1.66 21.76 30.31
N ARG C 46 -0.70 21.50 31.18
CA ARG C 46 -0.93 21.09 32.57
C ARG C 46 -0.15 21.97 33.55
N PHE C 47 1.09 22.33 33.23
CA PHE C 47 2.01 22.92 34.22
C PHE C 47 2.36 24.38 33.89
N ASP C 48 2.49 25.20 34.93
CA ASP C 48 3.10 26.56 34.87
C ASP C 48 4.34 26.50 35.76
N ILE C 49 5.50 26.95 35.32
CA ILE C 49 6.75 26.86 36.14
C ILE C 49 7.32 28.26 36.35
N VAL C 50 7.68 28.58 37.60
CA VAL C 50 8.23 29.89 38.01
C VAL C 50 9.58 29.63 38.68
N VAL C 51 10.61 30.30 38.20
CA VAL C 51 11.96 30.28 38.83
C VAL C 51 12.48 31.71 38.91
N ALA C 52 13.46 31.92 39.78
CA ALA C 52 14.20 33.19 39.94
C ALA C 52 15.41 32.92 40.83
N GLU C 53 16.28 33.92 40.98
CA GLU C 53 17.43 33.89 41.90
C GLU C 53 18.25 32.64 41.59
N PRO C 54 18.93 32.59 40.42
CA PRO C 54 19.68 31.41 40.01
C PRO C 54 20.97 31.29 40.81
N ILE C 55 21.40 30.05 41.09
CA ILE C 55 22.68 29.79 41.81
C ILE C 55 23.83 29.88 40.81
N CYS C 56 23.53 29.81 39.54
CA CYS C 56 24.53 29.82 38.45
C CYS C 56 23.84 30.30 37.17
N THR C 57 24.53 31.03 36.32
CA THR C 57 24.00 31.52 35.02
C THR C 57 24.98 31.14 33.92
N LEU C 58 24.46 30.93 32.72
CA LEU C 58 25.27 30.61 31.53
C LEU C 58 24.82 31.54 30.40
N THR C 59 25.73 32.34 29.86
CA THR C 59 25.46 33.30 28.78
C THR C 59 26.40 32.98 27.62
N THR C 60 25.85 32.62 26.47
CA THR C 60 26.64 32.36 25.24
C THR C 60 26.43 33.48 24.24
N PHE C 61 27.51 34.16 23.87
CA PHE C 61 27.58 35.14 22.75
C PHE C 61 28.66 34.62 21.80
N GLY C 62 28.26 34.02 20.68
CA GLY C 62 29.20 33.52 19.67
C GLY C 62 29.93 32.31 20.21
N LYS C 63 31.27 32.34 20.18
CA LYS C 63 32.10 31.16 20.54
C LYS C 63 32.47 31.18 22.03
N GLU C 64 31.95 32.11 22.81
CA GLU C 64 32.29 32.25 24.24
C GLU C 64 31.07 31.99 25.10
N THR C 65 31.18 31.13 26.10
CA THR C 65 30.17 30.95 27.17
C THR C 65 30.78 31.46 28.48
N VAL C 66 30.11 32.40 29.12
CA VAL C 66 30.45 32.86 30.50
C VAL C 66 29.56 32.10 31.49
N VAL C 67 30.18 31.36 32.39
CA VAL C 67 29.48 30.65 33.50
C VAL C 67 29.71 31.48 34.75
N SER C 68 28.65 32.05 35.31
CA SER C 68 28.75 32.92 36.50
C SER C 68 28.12 32.23 37.71
N GLU C 69 28.92 31.74 38.63
CA GLU C 69 28.48 31.37 40.00
C GLU C 69 28.84 32.55 40.88
N SER C 70 28.23 32.73 42.03
CA SER C 70 28.64 33.87 42.90
C SER C 70 30.13 33.70 43.22
N GLU C 71 30.91 34.77 43.04
CA GLU C 71 32.37 34.80 43.29
C GLU C 71 33.09 33.74 42.44
N LYS C 72 32.69 33.59 41.17
CA LYS C 72 33.42 32.76 40.19
C LYS C 72 32.83 32.96 38.79
N ARG C 73 33.54 33.70 37.94
CA ARG C 73 33.21 33.85 36.51
C ARG C 73 34.25 33.08 35.71
N THR C 74 33.82 32.17 34.84
CA THR C 74 34.71 31.43 33.92
C THR C 74 34.23 31.71 32.49
N THR C 75 35.14 31.73 31.54
CA THR C 75 34.83 31.88 30.11
C THR C 75 35.36 30.63 29.41
N THR C 76 34.62 30.10 28.43
CA THR C 76 34.99 28.84 27.73
C THR C 76 34.52 28.91 26.28
N THR C 77 35.21 28.21 25.38
CA THR C 77 34.87 28.11 23.94
C THR C 77 34.27 26.74 23.66
N ASP C 78 34.05 25.93 24.70
CA ASP C 78 33.50 24.55 24.54
C ASP C 78 32.03 24.60 24.10
N ASP C 79 31.54 23.49 23.56
CA ASP C 79 30.12 23.31 23.16
C ASP C 79 29.24 23.80 24.31
N PRO C 80 28.33 24.76 24.05
CA PRO C 80 27.50 25.34 25.11
C PRO C 80 26.65 24.31 25.86
N LEU C 81 26.16 23.27 25.19
CA LEU C 81 25.30 22.25 25.83
C LEU C 81 26.15 21.26 26.62
N GLN C 82 27.41 21.07 26.23
CA GLN C 82 28.36 20.25 27.02
C GLN C 82 28.69 21.02 28.31
N VAL C 83 28.90 22.33 28.20
CA VAL C 83 29.17 23.21 29.39
C VAL C 83 27.96 23.13 30.31
N LEU C 84 26.75 23.25 29.77
CA LEU C 84 25.49 23.19 30.55
C LEU C 84 25.44 21.84 31.28
N GLN C 85 25.70 20.74 30.59
CA GLN C 85 25.56 19.41 31.22
C GLN C 85 26.57 19.32 32.37
N GLN C 86 27.77 19.85 32.21
CA GLN C 86 28.83 19.83 33.26
C GLN C 86 28.37 20.63 34.47
N VAL C 87 27.77 21.80 34.23
CA VAL C 87 27.25 22.68 35.33
C VAL C 87 26.13 21.94 36.08
N LEU C 88 25.16 21.35 35.39
CA LEU C 88 24.08 20.53 36.01
C LEU C 88 24.70 19.42 36.87
N ASP C 89 25.64 18.65 36.31
CA ASP C 89 26.33 17.57 37.04
C ASP C 89 27.04 18.14 38.27
N ARG C 90 27.68 19.32 38.16
CA ARG C 90 28.55 19.85 39.23
C ARG C 90 27.70 20.34 40.40
N ALA C 91 26.40 20.59 40.19
CA ALA C 91 25.48 20.98 41.28
C ALA C 91 25.31 19.84 42.29
N ASP C 92 25.50 18.58 41.88
CA ASP C 92 25.45 17.39 42.77
C ASP C 92 24.04 17.24 43.36
N ILE C 93 23.03 17.60 42.57
CA ILE C 93 21.60 17.40 42.90
C ILE C 93 21.05 16.41 41.86
N ARG C 94 20.75 15.18 42.30
CA ARG C 94 20.32 14.05 41.43
C ARG C 94 19.05 13.41 41.98
N PRO C 95 17.88 14.05 41.85
CA PRO C 95 16.63 13.44 42.30
C PRO C 95 16.03 12.44 41.30
N THR C 96 15.22 11.48 41.77
CA THR C 96 14.43 10.59 40.87
C THR C 96 13.34 11.41 40.20
N HIS C 97 12.81 10.88 39.10
CA HIS C 97 11.69 11.48 38.32
C HIS C 97 10.43 11.53 39.19
N ASN C 98 9.65 12.58 39.04
CA ASN C 98 8.32 12.71 39.66
C ASN C 98 7.38 13.17 38.56
N GLU C 99 6.38 12.35 38.24
CA GLU C 99 5.39 12.65 37.17
C GLU C 99 4.65 13.95 37.51
N ASP C 100 4.51 14.27 38.80
CA ASP C 100 3.76 15.47 39.26
C ASP C 100 4.69 16.68 39.39
N LEU C 101 6.00 16.45 39.44
CA LEU C 101 7.02 17.53 39.53
C LEU C 101 8.06 17.34 38.43
N PRO C 102 7.74 17.75 37.19
CA PRO C 102 8.59 17.43 36.03
C PRO C 102 9.93 18.18 36.06
N PHE C 103 9.94 19.44 36.50
CA PHE C 103 11.17 20.23 36.75
C PHE C 103 11.40 20.25 38.26
N GLN C 104 12.42 19.55 38.71
CA GLN C 104 12.77 19.45 40.15
C GLN C 104 13.99 20.33 40.39
N GLY C 105 13.99 21.52 39.82
CA GLY C 105 15.21 22.34 39.75
C GLY C 105 16.07 21.92 38.58
N GLY C 106 17.03 22.77 38.22
CA GLY C 106 17.94 22.50 37.09
C GLY C 106 18.04 23.71 36.20
N ALA C 107 18.22 23.49 34.91
CA ALA C 107 18.45 24.57 33.93
C ALA C 107 17.11 25.02 33.38
N LEU C 108 16.96 26.30 33.12
CA LEU C 108 15.77 26.86 32.47
C LEU C 108 16.21 28.11 31.75
N GLY C 109 15.80 28.28 30.49
CA GLY C 109 16.05 29.55 29.78
C GLY C 109 15.98 29.39 28.28
N LEU C 110 16.70 30.25 27.58
CA LEU C 110 16.56 30.46 26.12
C LEU C 110 17.77 29.88 25.40
N PHE C 111 17.47 29.14 24.34
CA PHE C 111 18.45 28.64 23.36
C PHE C 111 18.08 29.32 22.07
N GLY C 112 18.76 30.41 21.71
CA GLY C 112 18.49 31.20 20.51
C GLY C 112 18.80 30.43 19.25
N TYR C 113 18.16 30.80 18.13
CA TYR C 113 18.32 30.14 16.81
C TYR C 113 19.81 30.12 16.42
N ASP C 114 20.53 31.21 16.66
CA ASP C 114 21.92 31.35 16.17
C ASP C 114 22.89 30.58 17.07
N LEU C 115 22.40 29.82 18.05
CA LEU C 115 23.24 28.82 18.78
C LEU C 115 23.50 27.63 17.87
N GLY C 116 22.66 27.44 16.84
CA GLY C 116 22.84 26.38 15.83
C GLY C 116 24.15 26.53 15.08
N ARG C 117 24.70 27.73 15.02
CA ARG C 117 26.00 28.03 14.36
C ARG C 117 27.14 27.37 15.15
N ARG C 118 26.88 26.87 16.34
CA ARG C 118 27.89 26.19 17.19
C ARG C 118 27.83 24.68 16.93
N PHE C 119 26.80 24.22 16.20
CA PHE C 119 26.57 22.78 15.94
C PHE C 119 26.78 22.46 14.46
N GLU C 120 26.68 23.45 13.60
CA GLU C 120 26.95 23.31 12.14
C GLU C 120 27.75 24.53 11.68
N SER C 121 28.62 24.33 10.69
CA SER C 121 29.34 25.45 10.03
C SER C 121 28.39 26.08 9.01
N LEU C 122 28.12 27.39 9.14
CA LEU C 122 27.13 28.09 8.27
C LEU C 122 27.69 29.44 7.83
N PRO C 123 27.24 29.98 6.66
CA PRO C 123 27.63 31.32 6.23
C PRO C 123 27.15 32.44 7.17
N GLU C 124 27.71 33.65 7.04
CA GLU C 124 27.44 34.80 7.94
C GLU C 124 27.01 36.01 7.12
N ILE C 125 26.05 35.83 6.21
CA ILE C 125 25.52 36.92 5.34
C ILE C 125 24.52 37.78 6.12
N ALA C 126 23.62 37.17 6.91
CA ALA C 126 22.54 37.91 7.63
C ALA C 126 23.17 38.83 8.69
N GLU C 127 22.54 39.97 8.93
CA GLU C 127 23.08 41.04 9.79
C GLU C 127 22.73 40.74 11.25
N GLN C 128 23.73 40.75 12.12
CA GLN C 128 23.56 40.58 13.59
C GLN C 128 23.15 41.95 14.15
N ASP C 129 21.85 42.22 14.28
CA ASP C 129 21.34 43.56 14.66
C ASP C 129 20.80 43.55 16.10
N ILE C 130 20.57 42.37 16.69
CA ILE C 130 20.06 42.28 18.08
C ILE C 130 21.15 41.69 18.96
N VAL C 131 21.58 42.42 19.99
CA VAL C 131 22.57 41.93 20.99
C VAL C 131 21.81 41.27 22.15
N LEU C 132 21.58 39.97 22.03
CA LEU C 132 20.91 39.14 23.05
C LEU C 132 21.55 37.77 22.95
N PRO C 133 21.80 37.05 24.07
CA PRO C 133 22.54 35.80 24.02
C PRO C 133 21.94 34.71 23.12
N ASP C 134 22.79 33.87 22.53
CA ASP C 134 22.39 32.64 21.82
C ASP C 134 22.02 31.59 22.87
N MET C 135 22.58 31.67 24.08
CA MET C 135 22.09 30.84 25.22
C MET C 135 22.07 31.69 26.48
N ALA C 136 20.93 31.74 27.16
CA ALA C 136 20.74 32.46 28.43
C ALA C 136 20.00 31.54 29.38
N VAL C 137 20.73 30.70 30.10
CA VAL C 137 20.07 29.72 31.01
C VAL C 137 20.54 29.96 32.44
N GLY C 138 19.61 29.93 33.38
CA GLY C 138 19.89 29.95 34.81
C GLY C 138 19.85 28.54 35.35
N ILE C 139 20.64 28.23 36.38
CA ILE C 139 20.51 26.96 37.15
C ILE C 139 19.77 27.30 38.46
N TYR C 140 18.66 26.60 38.73
CA TYR C 140 17.78 26.87 39.88
C TYR C 140 17.75 25.65 40.80
N ASP C 141 17.91 25.87 42.10
CA ASP C 141 17.84 24.80 43.12
C ASP C 141 16.46 24.82 43.77
N TRP C 142 15.49 25.49 43.16
CA TRP C 142 14.11 25.59 43.65
C TRP C 142 13.18 25.85 42.47
N ALA C 143 11.88 25.67 42.65
CA ALA C 143 10.88 26.03 41.62
C ALA C 143 9.50 26.14 42.25
N LEU C 144 8.63 26.93 41.63
CA LEU C 144 7.19 26.93 41.93
C LEU C 144 6.45 26.27 40.77
N ILE C 145 5.78 25.16 41.05
CA ILE C 145 5.03 24.36 40.03
C ILE C 145 3.53 24.53 40.27
N VAL C 146 2.79 24.97 39.26
CA VAL C 146 1.31 25.00 39.27
C VAL C 146 0.81 23.85 38.38
N ASP C 147 0.17 22.86 38.99
CA ASP C 147 -0.37 21.66 38.31
C ASP C 147 -1.88 21.84 38.14
N HIS C 148 -2.33 22.17 36.93
CA HIS C 148 -3.76 22.40 36.59
C HIS C 148 -4.56 21.09 36.52
N GLN C 149 -3.92 19.94 36.60
CA GLN C 149 -4.62 18.63 36.58
C GLN C 149 -4.92 18.22 38.01
N ARG C 150 -3.93 18.25 38.90
CA ARG C 150 -4.15 17.93 40.34
C ARG C 150 -4.68 19.14 41.12
N HIS C 151 -4.74 20.32 40.51
CA HIS C 151 -5.11 21.60 41.19
C HIS C 151 -4.23 21.78 42.42
N THR C 152 -2.91 21.73 42.21
CA THR C 152 -1.87 21.86 43.26
C THR C 152 -0.90 22.97 42.86
N VAL C 153 -0.47 23.76 43.83
CA VAL C 153 0.68 24.70 43.73
C VAL C 153 1.77 24.17 44.65
N SER C 154 2.92 23.77 44.11
CA SER C 154 4.02 23.15 44.89
C SER C 154 5.21 24.11 44.81
N LEU C 155 5.85 24.36 45.93
CA LEU C 155 7.14 25.06 46.03
C LEU C 155 8.14 24.02 46.48
N LEU C 156 9.12 23.70 45.63
CA LEU C 156 10.15 22.72 45.99
C LEU C 156 11.46 23.47 46.11
N SER C 157 12.36 22.97 46.94
CA SER C 157 13.72 23.51 47.11
C SER C 157 14.63 22.40 47.62
N HIS C 158 15.87 22.39 47.14
CA HIS C 158 16.93 21.45 47.57
C HIS C 158 17.72 22.07 48.72
N ASN C 159 17.43 23.33 49.07
CA ASN C 159 18.14 24.07 50.15
C ASN C 159 17.30 24.29 51.42
N ASP C 160 16.40 25.28 51.45
CA ASP C 160 15.48 25.53 52.59
C ASP C 160 14.23 26.07 51.95
N VAL C 161 13.21 25.23 51.94
CA VAL C 161 11.96 25.57 51.22
C VAL C 161 11.20 26.62 52.05
N ASN C 162 11.39 26.62 53.38
CA ASN C 162 10.69 27.57 54.28
C ASN C 162 11.26 28.98 54.05
N ALA C 163 12.57 29.12 53.94
CA ALA C 163 13.22 30.40 53.62
C ALA C 163 12.74 30.88 52.24
N ARG C 164 12.67 29.98 51.24
CA ARG C 164 12.20 30.35 49.89
C ARG C 164 10.74 30.79 49.96
N ARG C 165 9.90 30.10 50.74
CA ARG C 165 8.48 30.53 50.94
C ARG C 165 8.50 31.98 51.42
N ALA C 166 9.26 32.27 52.47
CA ALA C 166 9.35 33.61 53.10
C ALA C 166 9.87 34.62 52.08
N TRP C 167 11.00 34.31 51.45
CA TRP C 167 11.62 35.18 50.43
C TRP C 167 10.56 35.56 49.39
N LEU C 168 9.76 34.57 48.99
CA LEU C 168 8.75 34.75 47.93
C LEU C 168 7.59 35.59 48.48
N GLU C 169 7.10 35.27 49.67
CA GLU C 169 5.89 35.95 50.24
C GLU C 169 6.29 37.40 50.55
N SER C 170 7.55 37.66 50.92
CA SER C 170 8.06 39.01 51.30
C SER C 170 8.09 39.95 50.09
N GLN C 171 8.45 39.45 48.91
CA GLN C 171 8.49 40.26 47.65
C GLN C 171 7.07 40.81 47.41
N GLN C 172 6.95 42.07 46.99
CA GLN C 172 5.63 42.67 46.62
C GLN C 172 5.75 43.35 45.25
N PHE C 173 4.61 43.56 44.59
CA PHE C 173 4.51 43.96 43.17
C PHE C 173 4.34 45.47 43.05
N SER C 174 5.23 46.15 42.33
CA SER C 174 5.05 47.57 41.93
C SER C 174 4.55 47.58 40.49
N PRO C 175 3.22 47.62 40.23
CA PRO C 175 2.71 47.48 38.86
C PRO C 175 3.48 48.29 37.83
N GLN C 176 3.63 49.59 38.07
CA GLN C 176 4.45 50.53 37.26
C GLN C 176 3.77 50.82 35.92
N GLU C 177 4.36 51.77 35.17
CA GLU C 177 3.82 52.35 33.92
C GLU C 177 3.36 51.22 33.00
N ASP C 178 2.18 51.37 32.41
CA ASP C 178 1.61 50.34 31.51
C ASP C 178 2.35 50.40 30.18
N PHE C 179 2.37 49.27 29.49
CA PHE C 179 2.96 49.10 28.15
C PHE C 179 2.20 49.95 27.12
N THR C 180 2.90 50.77 26.34
CA THR C 180 2.38 51.46 25.14
C THR C 180 3.37 51.26 23.99
N LEU C 181 2.86 51.19 22.77
CA LEU C 181 3.66 51.19 21.53
C LEU C 181 3.81 52.67 21.13
N THR C 182 5.02 53.11 20.82
CA THR C 182 5.34 54.55 20.58
C THR C 182 5.61 54.78 19.08
N SER C 183 5.32 53.78 18.24
CA SER C 183 5.39 53.83 16.75
C SER C 183 4.45 52.78 16.15
N ASP C 184 4.24 52.82 14.83
CA ASP C 184 3.51 51.77 14.07
C ASP C 184 4.46 50.60 13.87
N TRP C 185 3.91 49.41 13.63
CA TRP C 185 4.67 48.21 13.19
C TRP C 185 5.21 48.48 11.79
N GLN C 186 6.42 47.99 11.51
CA GLN C 186 7.15 48.23 10.24
C GLN C 186 7.92 46.94 9.95
N SER C 187 7.72 46.32 8.79
CA SER C 187 8.43 45.07 8.43
C SER C 187 9.88 45.41 8.08
N ASN C 188 10.74 44.38 8.07
CA ASN C 188 12.14 44.47 7.61
C ASN C 188 12.18 44.33 6.07
N MET C 189 11.02 44.17 5.42
CA MET C 189 10.90 43.98 3.96
C MET C 189 9.58 44.56 3.46
N THR C 190 9.62 45.12 2.26
CA THR C 190 8.46 45.47 1.40
C THR C 190 7.84 44.17 0.88
N ARG C 191 6.62 44.26 0.34
CA ARG C 191 5.94 43.12 -0.33
C ARG C 191 6.75 42.73 -1.57
N GLU C 192 7.36 43.70 -2.27
CA GLU C 192 8.24 43.48 -3.44
C GLU C 192 9.43 42.63 -3.00
N GLN C 193 10.09 43.03 -1.91
CA GLN C 193 11.32 42.38 -1.38
C GLN C 193 11.01 40.95 -0.93
N TYR C 194 9.82 40.71 -0.37
CA TYR C 194 9.36 39.35 -0.01
C TYR C 194 9.43 38.49 -1.28
N GLY C 195 8.74 38.95 -2.34
CA GLY C 195 8.68 38.27 -3.65
C GLY C 195 10.04 37.86 -4.15
N GLU C 196 10.97 38.83 -4.23
CA GLU C 196 12.34 38.63 -4.77
C GLU C 196 13.00 37.47 -4.01
N LYS C 197 12.71 37.35 -2.71
CA LYS C 197 13.24 36.29 -1.83
C LYS C 197 12.42 35.00 -2.02
N PHE C 198 11.10 35.11 -2.10
CA PHE C 198 10.19 33.95 -2.35
C PHE C 198 10.56 33.29 -3.68
N ARG C 199 10.83 34.08 -4.73
CA ARG C 199 11.19 33.59 -6.09
C ARG C 199 12.56 32.91 -6.03
N GLN C 200 13.51 33.54 -5.32
CA GLN C 200 14.90 33.01 -5.17
C GLN C 200 14.84 31.64 -4.47
N VAL C 201 13.90 31.44 -3.53
CA VAL C 201 13.76 30.17 -2.77
C VAL C 201 13.21 29.10 -3.72
N GLN C 202 12.16 29.44 -4.48
CA GLN C 202 11.50 28.52 -5.44
C GLN C 202 12.53 28.06 -6.47
N GLU C 203 13.32 29.01 -6.97
CA GLU C 203 14.46 28.77 -7.90
C GLU C 203 15.41 27.73 -7.29
N TYR C 204 15.57 27.72 -5.97
CA TYR C 204 16.46 26.77 -5.24
C TYR C 204 15.78 25.40 -5.07
N LEU C 205 14.45 25.36 -5.04
CA LEU C 205 13.68 24.09 -4.89
C LEU C 205 13.60 23.35 -6.24
N HIS C 206 13.52 24.11 -7.35
CA HIS C 206 13.52 23.61 -8.76
C HIS C 206 14.89 22.96 -9.02
N SER C 207 15.97 23.65 -8.68
CA SER C 207 17.37 23.15 -8.75
C SER C 207 17.50 21.86 -7.91
N GLY C 208 16.56 21.59 -7.01
CA GLY C 208 16.56 20.39 -6.16
C GLY C 208 17.68 20.43 -5.12
N ASP C 209 18.20 21.62 -4.82
CA ASP C 209 19.05 21.91 -3.61
C ASP C 209 18.36 21.31 -2.38
N CYS C 210 17.14 21.77 -2.14
CA CYS C 210 16.32 21.46 -0.95
C CYS C 210 14.86 21.28 -1.38
N TYR C 211 14.04 20.83 -0.43
CA TYR C 211 12.61 20.43 -0.59
C TYR C 211 11.71 21.47 0.09
N GLN C 212 12.14 22.03 1.22
CA GLN C 212 11.31 22.95 2.04
C GLN C 212 12.20 24.04 2.65
N VAL C 213 11.73 25.29 2.68
CA VAL C 213 12.39 26.39 3.43
C VAL C 213 11.34 27.25 4.14
N ASN C 214 11.47 27.39 5.47
CA ASN C 214 10.76 28.40 6.30
C ASN C 214 11.39 29.76 5.98
N LEU C 215 10.64 30.65 5.33
CA LEU C 215 11.04 32.06 5.10
C LEU C 215 10.23 32.96 6.02
N ALA C 216 10.88 33.87 6.76
CA ALA C 216 10.23 34.69 7.80
C ALA C 216 10.48 36.17 7.53
N GLN C 217 9.52 37.03 7.90
CA GLN C 217 9.75 38.49 7.99
C GLN C 217 9.60 38.94 9.46
N ARG C 218 10.12 40.11 9.75
CA ARG C 218 10.20 40.64 11.14
C ARG C 218 9.60 42.03 11.17
N PHE C 219 8.67 42.24 12.10
CA PHE C 219 8.07 43.56 12.39
C PHE C 219 8.77 44.14 13.61
N HIS C 220 8.99 45.45 13.60
CA HIS C 220 9.60 46.21 14.71
C HIS C 220 8.70 47.43 15.00
N ALA C 221 8.67 47.82 16.27
CA ALA C 221 8.02 49.06 16.77
C ALA C 221 8.81 49.47 18.00
N THR C 222 8.76 50.75 18.35
CA THR C 222 9.33 51.26 19.61
C THR C 222 8.24 51.10 20.68
N TYR C 223 8.61 50.88 21.93
CA TYR C 223 7.64 50.77 23.03
C TYR C 223 8.22 51.47 24.25
N SER C 224 7.37 51.77 25.22
CA SER C 224 7.72 52.24 26.59
C SER C 224 6.76 51.56 27.56
N GLY C 225 7.04 51.59 28.86
CA GLY C 225 6.24 50.88 29.88
C GLY C 225 6.76 49.47 30.13
N ASP C 226 6.04 48.72 30.97
CA ASP C 226 6.37 47.37 31.51
C ASP C 226 5.91 46.29 30.52
N GLU C 227 6.85 45.45 30.11
CA GLU C 227 6.65 44.30 29.20
C GLU C 227 5.76 43.24 29.88
N TRP C 228 5.79 43.13 31.21
CA TRP C 228 4.98 42.14 31.98
C TRP C 228 3.49 42.40 31.78
N GLN C 229 3.06 43.66 31.69
CA GLN C 229 1.64 44.06 31.49
C GLN C 229 1.18 43.58 30.11
N ALA C 230 2.01 43.80 29.10
CA ALA C 230 1.82 43.32 27.72
C ALA C 230 1.63 41.80 27.75
N PHE C 231 2.54 41.08 28.40
CA PHE C 231 2.48 39.61 28.48
C PHE C 231 1.16 39.16 29.10
N LEU C 232 0.74 39.73 30.23
CA LEU C 232 -0.49 39.28 30.93
C LEU C 232 -1.66 39.27 29.94
N GLN C 233 -1.79 40.35 29.19
CA GLN C 233 -2.85 40.58 28.16
C GLN C 233 -2.68 39.61 26.98
N LEU C 234 -1.46 39.44 26.45
CA LEU C 234 -1.21 38.51 25.31
C LEU C 234 -1.49 37.08 25.74
N ASN C 235 -1.02 36.69 26.93
CA ASN C 235 -1.17 35.32 27.46
C ASN C 235 -2.66 34.98 27.54
N GLN C 236 -3.50 35.91 28.02
CA GLN C 236 -4.97 35.72 28.12
C GLN C 236 -5.48 35.34 26.73
N ALA C 237 -5.22 36.21 25.74
CA ALA C 237 -5.75 36.18 24.37
C ALA C 237 -5.22 35.00 23.53
N ASN C 238 -4.02 34.46 23.78
CA ASN C 238 -3.38 33.48 22.87
C ASN C 238 -3.59 32.03 23.36
N ARG C 239 -3.90 31.81 24.62
CA ARG C 239 -4.18 30.47 25.20
C ARG C 239 -3.22 29.43 24.62
N ALA C 240 -1.93 29.79 24.49
CA ALA C 240 -0.89 28.96 23.84
C ALA C 240 -0.17 28.15 24.90
N PRO C 241 -0.10 26.81 24.75
CA PRO C 241 0.45 25.91 25.78
C PRO C 241 1.96 25.92 26.04
N PHE C 242 2.77 26.63 25.24
CA PHE C 242 4.26 26.70 25.41
C PHE C 242 4.67 28.16 25.57
N SER C 243 3.86 28.90 26.32
CA SER C 243 4.02 30.36 26.54
C SER C 243 5.12 30.52 27.58
N ALA C 244 5.80 31.66 27.59
CA ALA C 244 6.89 31.93 28.56
C ALA C 244 7.15 33.42 28.63
N PHE C 245 7.53 33.88 29.82
CA PHE C 245 8.10 35.22 30.01
C PHE C 245 9.48 35.04 30.63
N LEU C 246 10.53 35.47 29.91
CA LEU C 246 11.93 35.48 30.42
C LEU C 246 12.36 36.92 30.67
N ARG C 247 12.73 37.28 31.90
CA ARG C 247 13.49 38.52 32.17
C ARG C 247 14.99 38.21 32.11
N LEU C 248 15.67 38.71 31.08
CA LEU C 248 17.11 38.48 30.87
C LEU C 248 17.84 39.76 31.29
N GLU C 249 19.16 39.72 31.37
CA GLU C 249 19.98 40.92 31.66
C GLU C 249 19.79 41.94 30.53
N GLN C 250 19.61 41.47 29.29
CA GLN C 250 19.60 42.32 28.06
C GLN C 250 18.19 42.76 27.67
N GLY C 251 17.14 42.10 28.15
CA GLY C 251 15.75 42.47 27.79
C GLY C 251 14.77 41.43 28.27
N ALA C 252 13.62 41.35 27.61
CA ALA C 252 12.55 40.36 27.92
C ALA C 252 12.17 39.57 26.67
N ILE C 253 11.90 38.28 26.86
CA ILE C 253 11.30 37.40 25.82
C ILE C 253 9.85 37.12 26.23
N LEU C 254 8.90 37.51 25.38
CA LEU C 254 7.45 37.21 25.55
C LEU C 254 7.06 36.14 24.52
N SER C 255 7.00 34.87 24.93
CA SER C 255 6.70 33.73 24.03
C SER C 255 5.23 33.35 24.21
N LEU C 256 4.46 33.41 23.12
CA LEU C 256 3.09 32.83 23.04
C LEU C 256 3.10 31.58 22.14
N SER C 257 4.15 30.76 22.25
CA SER C 257 4.33 29.62 21.32
C SER C 257 3.28 28.56 21.64
N PRO C 258 2.58 28.08 20.59
CA PRO C 258 1.78 26.86 20.68
C PRO C 258 2.53 25.54 20.44
N GLU C 259 3.80 25.61 20.03
CA GLU C 259 4.60 24.46 19.56
C GLU C 259 5.56 23.94 20.62
N ARG C 260 5.58 22.63 20.81
CA ARG C 260 6.57 21.92 21.63
C ARG C 260 7.66 21.44 20.67
N PHE C 261 8.93 21.64 21.03
CA PHE C 261 10.07 21.09 20.28
C PHE C 261 10.37 19.66 20.75
N ILE C 262 10.85 19.48 21.97
CA ILE C 262 11.24 18.12 22.43
C ILE C 262 10.89 18.02 23.91
N LEU C 263 10.10 17.00 24.22
CA LEU C 263 9.81 16.58 25.61
C LEU C 263 10.61 15.32 25.82
N CYS C 264 11.26 15.22 26.97
CA CYS C 264 11.98 13.99 27.39
C CYS C 264 11.54 13.64 28.80
N ASP C 265 10.54 12.78 28.92
CA ASP C 265 9.78 12.49 30.17
C ASP C 265 10.10 11.05 30.59
N ASN C 266 10.94 10.88 31.61
CA ASN C 266 11.31 9.53 32.10
C ASN C 266 11.82 8.71 30.90
N SER C 267 12.63 9.36 30.05
CA SER C 267 13.41 8.81 28.91
C SER C 267 12.51 8.59 27.68
N GLU C 268 11.26 9.02 27.73
CA GLU C 268 10.31 8.83 26.61
C GLU C 268 10.27 10.16 25.89
N ILE C 269 10.70 10.15 24.65
CA ILE C 269 10.91 11.37 23.83
C ILE C 269 9.62 11.60 23.04
N GLN C 270 9.27 12.86 22.84
CA GLN C 270 8.11 13.26 22.01
C GLN C 270 8.48 14.57 21.34
N THR C 271 8.16 14.74 20.06
CA THR C 271 8.25 16.02 19.36
C THR C 271 6.96 16.17 18.56
N ARG C 272 6.43 17.38 18.49
CA ARG C 272 5.13 17.70 17.85
C ARG C 272 5.36 18.84 16.88
N PRO C 273 6.02 18.56 15.74
CA PRO C 273 6.17 19.55 14.69
C PRO C 273 4.82 20.09 14.23
N ILE C 274 4.70 21.41 14.24
CA ILE C 274 3.65 22.13 13.48
C ILE C 274 4.18 22.37 12.08
N LYS C 275 3.46 21.88 11.08
CA LYS C 275 3.65 22.27 9.67
C LYS C 275 2.30 22.18 8.97
N GLY C 276 1.78 23.34 8.53
CA GLY C 276 0.46 23.48 7.91
C GLY C 276 -0.43 24.37 8.74
N THR C 277 -0.97 25.44 8.15
CA THR C 277 -1.82 26.43 8.86
C THR C 277 -2.86 27.02 7.90
N LEU C 278 -4.08 27.18 8.40
CA LEU C 278 -5.19 27.96 7.77
C LEU C 278 -5.66 29.01 8.78
N PRO C 279 -6.06 30.23 8.35
CA PRO C 279 -6.54 31.25 9.28
C PRO C 279 -7.87 30.82 9.88
N ARG C 280 -8.27 31.39 11.02
CA ARG C 280 -9.61 31.10 11.60
C ARG C 280 -10.62 32.07 11.02
N LEU C 281 -11.82 31.58 10.73
CA LEU C 281 -12.91 32.36 10.07
C LEU C 281 -14.02 32.55 11.10
N PRO C 282 -14.61 33.77 11.22
CA PRO C 282 -15.73 34.00 12.14
C PRO C 282 -17.06 33.37 11.67
N ASP C 283 -17.34 32.15 12.13
CA ASP C 283 -18.59 31.36 11.92
C ASP C 283 -18.29 29.90 12.25
N PRO C 284 -18.80 29.36 13.38
CA PRO C 284 -18.39 28.03 13.84
C PRO C 284 -18.44 26.92 12.78
N GLN C 285 -19.46 26.92 11.92
CA GLN C 285 -19.60 25.91 10.84
C GLN C 285 -18.65 26.26 9.69
N GLU C 286 -18.50 27.56 9.38
CA GLU C 286 -17.53 28.03 8.35
C GLU C 286 -16.09 27.88 8.88
N ASP C 287 -15.92 27.44 10.14
CA ASP C 287 -14.60 27.29 10.81
C ASP C 287 -14.33 25.81 11.12
N SER C 288 -15.35 24.96 11.09
CA SER C 288 -15.22 23.49 11.27
C SER C 288 -14.69 22.88 9.97
N LYS C 289 -15.21 23.38 8.85
CA LYS C 289 -14.85 22.92 7.49
C LYS C 289 -13.42 23.40 7.18
N GLN C 290 -12.92 24.40 7.90
CA GLN C 290 -11.50 24.86 7.85
C GLN C 290 -10.59 23.76 8.40
N ALA C 291 -10.95 23.20 9.55
CA ALA C 291 -10.23 22.10 10.25
C ALA C 291 -10.18 20.87 9.36
N VAL C 292 -11.20 20.64 8.54
CA VAL C 292 -11.30 19.43 7.68
C VAL C 292 -10.56 19.71 6.34
N LYS C 293 -10.68 20.92 5.80
CA LYS C 293 -9.92 21.36 4.60
C LYS C 293 -8.42 21.19 4.88
N LEU C 294 -7.97 21.60 6.06
CA LEU C 294 -6.54 21.56 6.46
C LEU C 294 -6.10 20.09 6.61
N ALA C 295 -6.89 19.26 7.29
CA ALA C 295 -6.58 17.83 7.53
C ALA C 295 -6.53 17.05 6.20
N ASN C 296 -7.27 17.52 5.19
CA ASN C 296 -7.53 16.77 3.93
C ASN C 296 -6.77 17.40 2.77
N SER C 297 -5.95 18.42 3.02
CA SER C 297 -5.17 19.10 1.94
C SER C 297 -3.93 18.27 1.63
N ALA C 298 -3.83 17.77 0.39
CA ALA C 298 -2.75 16.89 -0.10
C ALA C 298 -1.40 17.61 -0.01
N LYS C 299 -1.34 18.85 -0.51
CA LYS C 299 -0.10 19.68 -0.51
C LYS C 299 0.36 19.86 0.93
N ASP C 300 -0.58 20.09 1.85
CA ASP C 300 -0.29 20.41 3.28
C ASP C 300 0.15 19.14 4.01
N ARG C 301 -0.49 18.00 3.73
CA ARG C 301 -0.12 16.67 4.33
C ARG C 301 1.29 16.28 3.85
N ALA C 302 1.63 16.57 2.60
CA ALA C 302 2.94 16.20 1.99
C ALA C 302 4.05 16.95 2.73
N GLU C 303 3.94 18.27 2.77
CA GLU C 303 4.87 19.21 3.47
C GLU C 303 5.09 18.77 4.93
N ASN C 304 4.02 18.47 5.67
CA ASN C 304 4.06 17.98 7.07
C ASN C 304 4.92 16.72 7.14
N LEU C 305 4.66 15.74 6.26
CA LEU C 305 5.30 14.40 6.33
C LEU C 305 6.80 14.53 6.01
N MET C 306 7.15 15.43 5.11
CA MET C 306 8.57 15.78 4.85
C MET C 306 9.24 16.17 6.18
N ILE C 307 8.60 17.05 6.93
CA ILE C 307 9.09 17.53 8.25
C ILE C 307 9.08 16.37 9.23
N VAL C 308 8.12 15.45 9.15
CA VAL C 308 8.10 14.26 10.05
C VAL C 308 9.32 13.38 9.75
N ASP C 309 9.66 13.25 8.46
CA ASP C 309 10.81 12.44 8.00
C ASP C 309 12.09 13.06 8.56
N LEU C 310 12.21 14.37 8.43
CA LEU C 310 13.34 15.15 8.99
C LEU C 310 13.44 14.94 10.51
N MET C 311 12.35 15.08 11.28
CA MET C 311 12.40 14.93 12.76
C MET C 311 12.67 13.46 13.12
N ARG C 312 12.13 12.51 12.36
CA ARG C 312 12.42 11.07 12.60
C ARG C 312 13.93 10.83 12.53
N ASN C 313 14.61 11.56 11.64
CA ASN C 313 16.05 11.36 11.33
C ASN C 313 16.91 12.03 12.41
N ASP C 314 16.61 13.28 12.75
CA ASP C 314 17.26 14.03 13.84
C ASP C 314 17.17 13.22 15.15
N ILE C 315 15.99 12.76 15.55
CA ILE C 315 15.76 11.93 16.76
C ILE C 315 16.42 10.56 16.60
N GLY C 316 16.32 9.95 15.41
CA GLY C 316 16.83 8.60 15.13
C GLY C 316 18.34 8.51 15.30
N ARG C 317 19.09 9.58 15.02
CA ARG C 317 20.56 9.64 15.23
C ARG C 317 20.87 9.16 16.66
N VAL C 318 20.06 9.56 17.64
CA VAL C 318 20.40 9.40 19.08
C VAL C 318 19.39 8.50 19.80
N ALA C 319 18.24 8.19 19.20
CA ALA C 319 17.20 7.36 19.86
C ALA C 319 17.70 5.93 20.09
N VAL C 320 17.11 5.21 21.03
CA VAL C 320 17.35 3.75 21.22
C VAL C 320 16.99 3.01 19.93
N ALA C 321 17.75 1.95 19.62
CA ALA C 321 17.39 0.78 18.77
C ALA C 321 16.32 1.16 17.75
N GLY C 322 15.16 0.53 17.81
CA GLY C 322 14.03 0.75 16.89
C GLY C 322 12.86 1.34 17.66
N SER C 323 13.12 2.43 18.39
CA SER C 323 12.18 3.06 19.32
C SER C 323 11.40 4.17 18.60
N VAL C 324 11.85 4.58 17.42
CA VAL C 324 11.23 5.75 16.72
C VAL C 324 9.87 5.32 16.16
N LYS C 325 8.78 5.86 16.71
CA LYS C 325 7.41 5.61 16.22
C LYS C 325 6.79 6.94 15.78
N VAL C 326 5.72 6.91 14.99
CA VAL C 326 4.95 8.13 14.61
C VAL C 326 3.49 7.87 14.97
N PRO C 327 3.12 8.00 16.26
CA PRO C 327 1.83 7.51 16.73
C PRO C 327 0.59 8.29 16.26
N GLU C 328 0.76 9.50 15.73
CA GLU C 328 -0.35 10.45 15.42
C GLU C 328 0.14 11.42 14.33
N LEU C 329 -0.66 11.64 13.29
CA LEU C 329 -0.36 12.53 12.13
C LEU C 329 -1.48 13.56 11.94
N PHE C 330 -1.12 14.77 11.53
CA PHE C 330 -2.08 15.79 11.01
C PHE C 330 -3.24 16.09 11.96
N VAL C 331 -3.12 15.92 13.27
CA VAL C 331 -4.17 16.42 14.20
C VAL C 331 -4.27 17.95 14.00
N VAL C 332 -5.48 18.50 13.85
CA VAL C 332 -5.64 19.98 13.71
C VAL C 332 -5.85 20.59 15.10
N GLU C 333 -5.07 21.63 15.40
CA GLU C 333 -5.15 22.32 16.71
C GLU C 333 -5.60 23.75 16.45
N PRO C 334 -6.79 24.09 16.97
CA PRO C 334 -7.34 25.43 16.81
C PRO C 334 -6.73 26.38 17.85
N PHE C 335 -6.30 27.57 17.41
CA PHE C 335 -5.79 28.67 18.25
C PHE C 335 -6.55 29.93 17.85
N PRO C 336 -6.58 30.99 18.67
CA PRO C 336 -7.35 32.19 18.30
C PRO C 336 -7.12 32.66 16.85
N ALA C 337 -5.87 32.70 16.40
CA ALA C 337 -5.48 33.30 15.09
C ALA C 337 -5.65 32.28 13.96
N VAL C 338 -5.42 30.99 14.23
CA VAL C 338 -5.11 29.97 13.19
C VAL C 338 -5.47 28.57 13.69
N HIS C 339 -5.74 27.68 12.73
CA HIS C 339 -5.70 26.20 12.82
C HIS C 339 -4.31 25.74 12.41
N HIS C 340 -3.74 24.79 13.14
CA HIS C 340 -2.39 24.26 12.86
C HIS C 340 -2.45 22.75 12.70
N LEU C 341 -1.69 22.22 11.76
CA LEU C 341 -1.56 20.76 11.48
C LEU C 341 -0.33 20.23 12.22
N VAL C 342 -0.54 19.34 13.20
CA VAL C 342 0.46 18.93 14.22
C VAL C 342 0.60 17.41 14.15
N SER C 343 1.82 16.93 14.06
CA SER C 343 2.15 15.49 14.01
C SER C 343 2.98 15.18 15.24
N THR C 344 3.04 13.93 15.69
CA THR C 344 3.68 13.51 16.94
C THR C 344 4.65 12.37 16.59
N ILE C 345 5.92 12.52 16.96
CA ILE C 345 6.98 11.50 16.77
C ILE C 345 7.49 11.16 18.16
N THR C 346 7.75 9.89 18.42
CA THR C 346 8.05 9.33 19.74
C THR C 346 9.32 8.51 19.61
N ALA C 347 10.09 8.35 20.68
CA ALA C 347 11.33 7.55 20.67
C ALA C 347 11.74 7.35 22.10
N GLN C 348 12.87 6.68 22.32
CA GLN C 348 13.40 6.40 23.68
C GLN C 348 14.81 6.99 23.71
N LEU C 349 15.14 7.72 24.76
CA LEU C 349 16.51 8.18 25.05
C LEU C 349 17.28 7.03 25.66
N PRO C 350 18.46 6.70 25.10
CA PRO C 350 19.37 5.72 25.69
C PRO C 350 19.86 6.14 27.08
N GLU C 351 20.15 5.21 27.99
CA GLU C 351 20.58 5.56 29.37
C GLU C 351 21.96 6.25 29.32
N GLN C 352 22.71 6.10 28.22
CA GLN C 352 24.09 6.64 28.11
C GLN C 352 24.05 8.12 27.66
N LEU C 353 22.90 8.63 27.20
CA LEU C 353 22.74 10.03 26.75
C LEU C 353 22.02 10.87 27.81
N HIS C 354 22.08 12.19 27.60
CA HIS C 354 21.32 13.18 28.39
C HIS C 354 20.38 13.90 27.45
N ALA C 355 19.33 14.50 28.01
CA ALA C 355 18.38 15.35 27.26
C ALA C 355 19.17 16.43 26.51
N SER C 356 20.25 16.94 27.10
CA SER C 356 21.13 17.97 26.45
C SER C 356 21.71 17.41 25.14
N ASP C 357 22.05 16.12 25.09
CA ASP C 357 22.65 15.47 23.90
C ASP C 357 21.57 15.37 22.82
N LEU C 358 20.35 15.05 23.24
CA LEU C 358 19.15 15.02 22.37
C LEU C 358 18.92 16.41 21.76
N LEU C 359 18.99 17.44 22.58
CA LEU C 359 18.74 18.83 22.16
C LEU C 359 19.82 19.27 21.15
N ARG C 360 21.09 18.93 21.39
CA ARG C 360 22.21 19.26 20.46
C ARG C 360 21.97 18.65 19.09
N ALA C 361 21.56 17.39 19.04
CA ALA C 361 21.36 16.62 17.80
C ALA C 361 20.24 17.22 16.93
N ALA C 362 19.22 17.83 17.55
CA ALA C 362 17.97 18.21 16.87
C ALA C 362 17.85 19.72 16.64
N PHE C 363 18.69 20.55 17.26
CA PHE C 363 18.49 22.01 17.32
C PHE C 363 19.14 22.70 16.11
N PRO C 364 18.52 23.73 15.49
CA PRO C 364 17.16 24.17 15.80
C PRO C 364 16.19 23.24 15.09
N GLY C 365 14.88 23.46 15.28
CA GLY C 365 13.83 22.56 14.80
C GLY C 365 13.75 22.52 13.28
N GLY C 366 13.57 21.33 12.71
CA GLY C 366 13.24 21.14 11.29
C GLY C 366 11.99 21.92 10.86
N SER C 367 10.98 22.02 11.73
CA SER C 367 9.70 22.71 11.47
C SER C 367 9.93 24.18 11.12
N ILE C 368 11.05 24.79 11.53
CA ILE C 368 11.25 26.26 11.33
C ILE C 368 12.54 26.53 10.54
N THR C 369 13.22 25.50 10.05
CA THR C 369 14.36 25.62 9.11
C THR C 369 13.87 25.08 7.76
N GLY C 370 13.99 23.78 7.52
CA GLY C 370 13.57 23.13 6.26
C GLY C 370 14.26 21.80 6.03
N ALA C 371 14.30 21.32 4.78
CA ALA C 371 14.87 20.01 4.42
C ALA C 371 15.62 20.11 3.08
N PRO C 372 16.87 19.58 2.96
CA PRO C 372 17.72 19.22 4.11
C PRO C 372 17.99 20.44 5.02
N LYS C 373 18.22 20.18 6.31
CA LYS C 373 18.24 21.24 7.35
C LYS C 373 19.37 22.23 7.04
N VAL C 374 20.58 21.72 6.81
CA VAL C 374 21.79 22.58 6.62
C VAL C 374 21.58 23.52 5.42
N ARG C 375 21.03 23.04 4.31
CA ARG C 375 20.90 23.87 3.07
C ARG C 375 19.80 24.91 3.33
N ALA C 376 18.68 24.50 3.94
CA ALA C 376 17.59 25.41 4.37
C ALA C 376 18.15 26.57 5.19
N MET C 377 19.00 26.27 6.17
CA MET C 377 19.63 27.28 7.06
C MET C 377 20.58 28.18 6.25
N GLU C 378 21.37 27.60 5.33
CA GLU C 378 22.31 28.34 4.43
C GLU C 378 21.50 29.42 3.69
N ILE C 379 20.35 29.02 3.14
CA ILE C 379 19.43 29.86 2.32
C ILE C 379 18.80 30.94 3.19
N ILE C 380 18.24 30.55 4.34
CA ILE C 380 17.64 31.48 5.34
C ILE C 380 18.65 32.60 5.67
N ASP C 381 19.90 32.23 6.00
CA ASP C 381 20.99 33.21 6.30
C ASP C 381 21.25 34.07 5.06
N GLU C 382 21.08 33.52 3.87
CA GLU C 382 21.42 34.23 2.62
C GLU C 382 20.35 35.29 2.32
N LEU C 383 19.08 35.02 2.67
CA LEU C 383 17.92 35.79 2.14
C LEU C 383 17.29 36.66 3.23
N GLU C 384 17.20 36.19 4.47
CA GLU C 384 16.64 37.02 5.58
C GLU C 384 17.65 38.12 5.93
N PRO C 385 17.24 39.40 5.92
CA PRO C 385 18.17 40.52 6.13
C PRO C 385 18.91 40.51 7.48
N GLN C 386 18.26 40.02 8.53
CA GLN C 386 18.82 39.99 9.91
C GLN C 386 18.74 38.59 10.51
N ARG C 387 19.66 38.27 11.42
CA ARG C 387 19.64 36.99 12.18
C ARG C 387 18.36 36.91 13.01
N ARG C 388 17.89 35.69 13.24
CA ARG C 388 16.58 35.42 13.89
C ARG C 388 16.72 35.59 15.42
N ASN C 389 17.92 35.37 15.96
CA ASN C 389 18.19 35.56 17.40
C ASN C 389 17.26 34.62 18.20
N ALA C 390 16.53 35.13 19.19
CA ALA C 390 15.66 34.34 20.09
C ALA C 390 14.54 33.66 19.30
N TRP C 391 14.14 34.27 18.18
CA TRP C 391 12.95 33.84 17.39
C TRP C 391 13.28 32.56 16.62
N CYS C 392 12.40 31.56 16.72
CA CYS C 392 12.56 30.17 16.20
C CYS C 392 13.73 29.46 16.87
N GLY C 393 14.12 29.92 18.04
CA GLY C 393 14.92 29.10 18.96
C GLY C 393 13.99 28.27 19.82
N SER C 394 14.40 28.04 21.06
CA SER C 394 13.68 27.21 22.03
C SER C 394 13.83 27.81 23.42
N ILE C 395 12.75 27.81 24.17
CA ILE C 395 12.77 28.04 25.63
C ILE C 395 12.42 26.71 26.26
N GLY C 396 13.05 26.34 27.35
CA GLY C 396 12.59 25.15 28.08
C GLY C 396 13.45 24.93 29.29
N TYR C 397 13.40 23.72 29.84
CA TYR C 397 14.10 23.35 31.07
C TYR C 397 14.79 22.00 30.88
N LEU C 398 15.88 21.81 31.64
CA LEU C 398 16.58 20.51 31.79
C LEU C 398 16.60 20.22 33.30
N SER C 399 15.63 19.46 33.81
CA SER C 399 15.50 19.17 35.26
C SER C 399 16.75 18.43 35.74
N PHE C 400 17.10 18.54 37.02
CA PHE C 400 18.18 17.74 37.63
C PHE C 400 17.82 16.25 37.58
N CYS C 401 16.55 15.90 37.44
CA CYS C 401 16.09 14.49 37.40
C CYS C 401 16.40 13.85 36.05
N GLY C 402 16.72 14.65 35.03
CA GLY C 402 17.03 14.18 33.66
C GLY C 402 15.97 14.59 32.65
N ASN C 403 14.78 15.02 33.11
CA ASN C 403 13.67 15.35 32.19
C ASN C 403 13.99 16.64 31.48
N MET C 404 13.29 16.90 30.39
CA MET C 404 13.43 18.14 29.62
C MET C 404 12.10 18.43 28.94
N ASP C 405 11.77 19.68 28.72
CA ASP C 405 10.70 20.07 27.78
C ASP C 405 11.17 21.38 27.18
N THR C 406 10.87 21.60 25.90
CA THR C 406 11.29 22.80 25.16
C THR C 406 10.18 23.19 24.20
N SER C 407 10.16 24.45 23.81
CA SER C 407 9.25 25.01 22.79
C SER C 407 10.04 25.31 21.53
N ILE C 408 9.34 25.73 20.50
CA ILE C 408 9.91 26.51 19.38
C ILE C 408 9.43 27.94 19.62
N THR C 409 10.29 28.93 19.56
CA THR C 409 9.89 30.32 19.90
C THR C 409 9.35 30.99 18.63
N ILE C 410 8.29 30.41 18.05
CA ILE C 410 7.35 31.12 17.14
C ILE C 410 6.41 31.93 18.02
N ARG C 411 5.73 32.92 17.44
CA ARG C 411 4.75 33.79 18.14
C ARG C 411 5.44 34.33 19.38
N THR C 412 6.67 34.78 19.22
CA THR C 412 7.55 35.20 20.33
C THR C 412 8.09 36.59 20.01
N LEU C 413 7.93 37.52 20.95
CA LEU C 413 8.46 38.90 20.83
C LEU C 413 9.75 39.02 21.64
N THR C 414 10.68 39.82 21.14
CA THR C 414 11.91 40.25 21.83
C THR C 414 11.80 41.75 22.12
N ALA C 415 11.90 42.14 23.38
CA ALA C 415 11.80 43.54 23.83
C ALA C 415 13.17 43.97 24.37
N ILE C 416 13.81 44.92 23.70
CA ILE C 416 15.20 45.31 24.05
C ILE C 416 15.40 46.79 23.75
N ASN C 417 15.88 47.50 24.77
CA ASN C 417 16.23 48.95 24.79
C ASN C 417 15.21 49.70 23.94
N GLY C 418 13.93 49.55 24.26
CA GLY C 418 12.81 50.37 23.74
C GLY C 418 12.29 49.94 22.39
N GLN C 419 12.87 48.89 21.80
CA GLN C 419 12.47 48.29 20.50
C GLN C 419 11.84 46.92 20.78
N ILE C 420 10.74 46.60 20.10
CA ILE C 420 10.08 45.27 20.23
C ILE C 420 9.98 44.65 18.84
N PHE C 421 10.32 43.37 18.73
CA PHE C 421 10.42 42.62 17.46
C PHE C 421 9.50 41.41 17.50
N CYS C 422 8.78 41.18 16.41
CA CYS C 422 7.85 40.04 16.22
C CYS C 422 8.03 39.51 14.81
N SER C 423 8.31 38.21 14.69
CA SER C 423 8.61 37.55 13.40
C SER C 423 7.53 36.52 13.06
N ALA C 424 7.34 36.29 11.76
CA ALA C 424 6.36 35.34 11.21
C ALA C 424 6.94 34.75 9.93
N GLY C 425 6.91 33.42 9.83
CA GLY C 425 7.40 32.68 8.66
C GLY C 425 6.33 31.80 8.08
N GLY C 426 6.76 30.76 7.38
CA GLY C 426 5.89 29.86 6.62
C GLY C 426 6.74 29.01 5.71
N GLY C 427 6.44 27.71 5.70
CA GLY C 427 7.07 26.73 4.81
C GLY C 427 6.78 27.04 3.35
N ILE C 428 7.83 27.04 2.52
CA ILE C 428 7.75 27.24 1.05
C ILE C 428 8.24 25.95 0.38
N VAL C 429 7.34 25.32 -0.40
CA VAL C 429 7.58 24.12 -1.26
C VAL C 429 7.31 24.50 -2.72
N ALA C 430 7.77 23.65 -3.65
CA ALA C 430 7.73 23.89 -5.12
C ALA C 430 6.35 24.44 -5.52
N ASP C 431 5.28 23.89 -4.94
CA ASP C 431 3.88 24.15 -5.36
C ASP C 431 3.37 25.47 -4.73
N SER C 432 4.06 26.07 -3.75
CA SER C 432 3.61 27.27 -2.98
C SER C 432 3.35 28.45 -3.93
N GLN C 433 2.47 29.37 -3.53
CA GLN C 433 2.17 30.61 -4.30
C GLN C 433 2.45 31.84 -3.43
N GLU C 434 3.17 32.80 -4.01
CA GLU C 434 3.78 34.00 -3.38
C GLU C 434 2.83 34.75 -2.43
N GLU C 435 1.65 35.14 -2.91
CA GLU C 435 0.70 36.05 -2.19
C GLU C 435 0.06 35.32 -1.00
N ALA C 436 -0.30 34.05 -1.19
CA ALA C 436 -0.84 33.17 -0.12
C ALA C 436 0.12 33.15 1.07
N GLU C 437 1.42 32.94 0.79
CA GLU C 437 2.48 32.70 1.82
C GLU C 437 2.85 34.03 2.49
N TYR C 438 2.87 35.12 1.72
CA TYR C 438 3.08 36.49 2.26
C TYR C 438 1.96 36.81 3.25
N GLN C 439 0.72 36.59 2.83
CA GLN C 439 -0.48 36.89 3.65
C GLN C 439 -0.53 35.90 4.82
N GLU C 440 0.06 34.70 4.67
CA GLU C 440 0.01 33.69 5.76
C GLU C 440 0.77 34.22 6.97
N THR C 441 1.90 34.90 6.73
CA THR C 441 2.74 35.47 7.81
C THR C 441 1.89 36.45 8.63
N PHE C 442 1.15 37.34 7.96
CA PHE C 442 0.27 38.34 8.62
C PHE C 442 -0.80 37.62 9.44
N ASP C 443 -1.40 36.57 8.91
CA ASP C 443 -2.52 35.87 9.59
C ASP C 443 -2.03 35.31 10.93
N LYS C 444 -0.74 35.00 11.03
CA LYS C 444 -0.15 34.26 12.18
C LYS C 444 0.05 35.18 13.39
N VAL C 445 0.31 36.46 13.17
CA VAL C 445 0.71 37.38 14.26
C VAL C 445 -0.16 38.64 14.28
N ASN C 446 -1.22 38.74 13.47
CA ASN C 446 -2.00 40.00 13.35
C ASN C 446 -2.63 40.32 14.71
N ARG C 447 -3.16 39.31 15.40
CA ARG C 447 -3.89 39.51 16.67
C ARG C 447 -2.90 39.99 17.72
N ILE C 448 -1.72 39.38 17.75
CA ILE C 448 -0.56 39.82 18.58
C ILE C 448 -0.26 41.29 18.25
N LEU C 449 0.05 41.60 16.99
CA LEU C 449 0.53 42.94 16.57
C LEU C 449 -0.53 43.99 16.93
N LYS C 450 -1.81 43.69 16.69
CA LYS C 450 -2.90 44.69 16.78
C LYS C 450 -3.34 44.84 18.24
N GLN C 451 -3.22 43.77 19.04
CA GLN C 451 -3.53 43.83 20.49
C GLN C 451 -2.56 44.79 21.19
N LEU C 452 -1.34 44.96 20.67
CA LEU C 452 -0.31 45.85 21.26
C LEU C 452 -0.45 47.29 20.72
N GLU C 453 -1.08 47.48 19.55
CA GLU C 453 -1.40 48.83 19.01
C GLU C 453 -2.53 49.43 19.85
N LYS C 454 -3.43 48.55 20.31
CA LYS C 454 -4.56 48.77 21.25
C LYS C 454 -5.54 47.60 21.03
N HIS D 1 -22.49 -8.47 -42.01
CA HIS D 1 -23.83 -8.74 -42.49
C HIS D 1 -24.72 -7.61 -41.96
N MET D 2 -25.69 -7.91 -41.11
CA MET D 2 -26.61 -6.87 -40.58
C MET D 2 -25.93 -6.13 -39.42
N LYS D 3 -25.13 -6.77 -38.58
CA LYS D 3 -24.60 -6.08 -37.37
C LYS D 3 -23.08 -6.07 -37.38
N THR D 4 -22.46 -5.00 -37.88
CA THR D 4 -21.01 -4.77 -37.85
C THR D 4 -20.64 -3.99 -36.58
N LEU D 5 -21.63 -3.40 -35.92
CA LEU D 5 -21.42 -2.57 -34.71
C LEU D 5 -20.82 -3.45 -33.61
N SER D 6 -20.02 -2.87 -32.72
CA SER D 6 -19.41 -3.61 -31.59
C SER D 6 -20.46 -3.83 -30.53
N PRO D 7 -20.35 -4.92 -29.73
CA PRO D 7 -21.32 -5.20 -28.68
C PRO D 7 -21.23 -4.13 -27.58
N ALA D 8 -22.37 -3.82 -26.97
CA ALA D 8 -22.46 -2.96 -25.77
C ALA D 8 -21.76 -3.69 -24.63
N VAL D 9 -20.95 -2.96 -23.87
CA VAL D 9 -20.15 -3.50 -22.74
C VAL D 9 -20.55 -2.72 -21.48
N ILE D 10 -20.62 -3.43 -20.35
CA ILE D 10 -20.85 -2.90 -18.98
C ILE D 10 -19.74 -3.47 -18.13
N THR D 11 -18.97 -2.64 -17.44
CA THR D 11 -17.92 -3.10 -16.50
C THR D 11 -18.58 -3.34 -15.14
N LEU D 12 -18.37 -4.53 -14.59
CA LEU D 12 -18.82 -4.92 -13.25
C LEU D 12 -17.65 -4.77 -12.27
N LEU D 13 -17.93 -5.06 -11.02
CA LEU D 13 -17.00 -4.88 -9.90
C LEU D 13 -15.86 -5.87 -10.06
N TRP D 14 -14.61 -5.42 -10.03
CA TRP D 14 -13.45 -6.35 -10.07
C TRP D 14 -13.38 -7.15 -8.77
N ARG D 15 -13.24 -8.48 -8.89
CA ARG D 15 -12.81 -9.44 -7.85
C ARG D 15 -12.13 -10.63 -8.57
N GLN D 16 -11.06 -11.21 -8.01
CA GLN D 16 -10.23 -12.21 -8.74
C GLN D 16 -11.14 -13.40 -9.10
N ASP D 17 -12.15 -13.66 -8.26
CA ASP D 17 -13.02 -14.87 -8.29
C ASP D 17 -14.32 -14.59 -9.06
N ALA D 18 -14.38 -13.52 -9.85
CA ALA D 18 -15.63 -13.06 -10.48
C ALA D 18 -16.29 -14.20 -11.28
N ALA D 19 -15.50 -15.00 -11.99
CA ALA D 19 -16.02 -16.05 -12.89
C ALA D 19 -16.66 -17.15 -12.05
N GLU D 20 -15.98 -17.67 -11.02
CA GLU D 20 -16.54 -18.76 -10.15
C GLU D 20 -17.77 -18.21 -9.40
N PHE D 21 -17.75 -16.94 -9.01
CA PHE D 21 -18.86 -16.27 -8.26
C PHE D 21 -20.10 -16.18 -9.12
N TYR D 22 -20.01 -15.64 -10.34
CA TYR D 22 -21.16 -15.54 -11.29
C TYR D 22 -21.52 -16.93 -11.85
N PHE D 23 -20.60 -17.86 -12.00
CA PHE D 23 -20.95 -19.13 -12.70
C PHE D 23 -21.62 -20.10 -11.74
N SER D 24 -21.36 -20.00 -10.44
CA SER D 24 -22.01 -20.86 -9.40
C SER D 24 -23.53 -20.95 -9.66
N ARG D 25 -24.13 -19.82 -9.98
CA ARG D 25 -25.61 -19.66 -10.08
C ARG D 25 -26.12 -20.23 -11.41
N LEU D 26 -25.24 -20.53 -12.36
CA LEU D 26 -25.56 -21.02 -13.73
C LEU D 26 -25.12 -22.49 -13.89
N SER D 27 -24.34 -23.01 -12.96
CA SER D 27 -23.60 -24.29 -13.13
C SER D 27 -24.54 -25.44 -13.47
N HIS D 28 -25.83 -25.33 -13.13
CA HIS D 28 -26.82 -26.44 -13.25
C HIS D 28 -27.56 -26.38 -14.58
N LEU D 29 -27.49 -25.25 -15.30
CA LEU D 29 -28.19 -25.04 -16.59
C LEU D 29 -27.44 -25.74 -17.73
N PRO D 30 -28.09 -26.66 -18.48
CA PRO D 30 -27.50 -27.16 -19.71
C PRO D 30 -27.14 -25.97 -20.59
N TRP D 31 -25.98 -26.03 -21.25
CA TRP D 31 -25.42 -25.01 -22.17
C TRP D 31 -24.82 -23.82 -21.40
N ALA D 32 -24.68 -23.93 -20.09
CA ALA D 32 -23.86 -23.02 -19.25
C ALA D 32 -22.41 -23.48 -19.29
N MET D 33 -21.51 -22.57 -19.67
CA MET D 33 -20.11 -22.92 -19.96
C MET D 33 -19.17 -21.89 -19.35
N LEU D 34 -18.16 -22.40 -18.66
CA LEU D 34 -17.04 -21.59 -18.12
C LEU D 34 -15.72 -22.06 -18.75
N LEU D 35 -14.97 -21.13 -19.35
CA LEU D 35 -13.52 -21.33 -19.60
C LEU D 35 -12.76 -20.55 -18.52
N HIS D 36 -11.89 -21.22 -17.79
CA HIS D 36 -11.21 -20.64 -16.61
C HIS D 36 -9.70 -20.79 -16.79
N SER D 37 -8.92 -19.74 -16.55
CA SER D 37 -7.45 -19.77 -16.67
C SER D 37 -6.80 -20.34 -15.41
N GLY D 38 -7.59 -20.93 -14.52
CA GLY D 38 -7.12 -21.65 -13.32
C GLY D 38 -6.43 -20.76 -12.29
N TYR D 39 -6.53 -19.43 -12.41
CA TYR D 39 -5.79 -18.44 -11.56
C TYR D 39 -4.28 -18.64 -11.71
N ALA D 40 -3.83 -19.18 -12.85
CA ALA D 40 -2.42 -19.57 -13.09
C ALA D 40 -1.55 -18.34 -13.35
N ASP D 41 -0.33 -18.32 -12.82
CA ASP D 41 0.74 -17.41 -13.31
C ASP D 41 1.35 -18.09 -14.52
N HIS D 42 1.00 -17.64 -15.73
CA HIS D 42 1.34 -18.32 -17.01
C HIS D 42 1.19 -17.28 -18.10
N PRO D 43 2.04 -17.26 -19.16
CA PRO D 43 1.89 -16.24 -20.19
C PRO D 43 0.55 -16.34 -20.93
N TYR D 44 -0.13 -17.47 -20.83
CA TYR D 44 -1.40 -17.72 -21.58
C TYR D 44 -2.56 -17.94 -20.58
N SER D 45 -2.47 -17.30 -19.42
CA SER D 45 -3.51 -17.30 -18.38
C SER D 45 -3.98 -15.87 -18.05
N ARG D 46 -4.95 -15.36 -18.79
CA ARG D 46 -5.44 -13.98 -18.64
C ARG D 46 -6.96 -13.96 -18.47
N PHE D 47 -7.70 -14.78 -19.22
CA PHE D 47 -9.16 -14.61 -19.36
C PHE D 47 -9.93 -15.79 -18.79
N ASP D 48 -11.02 -15.50 -18.09
CA ASP D 48 -12.07 -16.49 -17.76
C ASP D 48 -13.28 -16.07 -18.59
N ILE D 49 -13.99 -17.00 -19.22
CA ILE D 49 -15.18 -16.68 -20.05
C ILE D 49 -16.37 -17.45 -19.49
N VAL D 50 -17.51 -16.78 -19.38
CA VAL D 50 -18.79 -17.35 -18.87
C VAL D 50 -19.87 -17.09 -19.92
N VAL D 51 -20.56 -18.16 -20.33
CA VAL D 51 -21.75 -18.05 -21.22
C VAL D 51 -22.83 -18.96 -20.66
N ALA D 52 -24.07 -18.73 -21.10
CA ALA D 52 -25.25 -19.54 -20.80
C ALA D 52 -26.37 -19.09 -21.73
N GLU D 53 -27.44 -19.87 -21.81
CA GLU D 53 -28.68 -19.44 -22.50
C GLU D 53 -28.30 -19.12 -23.94
N PRO D 54 -27.94 -20.14 -24.75
CA PRO D 54 -27.53 -19.93 -26.14
C PRO D 54 -28.76 -19.61 -27.00
N ILE D 55 -28.58 -18.86 -28.07
CA ILE D 55 -29.66 -18.59 -29.06
C ILE D 55 -29.81 -19.78 -29.99
N CYS D 56 -28.83 -20.67 -30.01
CA CYS D 56 -28.74 -21.80 -30.97
C CYS D 56 -27.78 -22.83 -30.42
N THR D 57 -28.04 -24.12 -30.64
CA THR D 57 -27.14 -25.21 -30.20
C THR D 57 -26.89 -26.18 -31.34
N LEU D 58 -25.73 -26.82 -31.31
CA LEU D 58 -25.36 -27.87 -32.28
C LEU D 58 -24.92 -29.11 -31.50
N THR D 59 -25.52 -30.25 -31.81
CA THR D 59 -25.22 -31.55 -31.17
C THR D 59 -24.87 -32.53 -32.29
N THR D 60 -23.66 -33.08 -32.29
CA THR D 60 -23.25 -34.12 -33.26
C THR D 60 -23.13 -35.44 -32.53
N PHE D 61 -23.92 -36.42 -32.97
CA PHE D 61 -23.72 -37.88 -32.69
C PHE D 61 -23.48 -38.58 -34.02
N GLY D 62 -22.26 -39.08 -34.24
CA GLY D 62 -21.95 -39.86 -35.45
C GLY D 62 -22.15 -38.99 -36.67
N LYS D 63 -22.95 -39.43 -37.63
CA LYS D 63 -23.06 -38.74 -38.94
C LYS D 63 -24.14 -37.65 -38.91
N GLU D 64 -24.86 -37.44 -37.80
CA GLU D 64 -25.95 -36.44 -37.75
C GLU D 64 -25.57 -35.27 -36.84
N THR D 65 -25.77 -34.05 -37.32
CA THR D 65 -25.76 -32.81 -36.50
C THR D 65 -27.19 -32.27 -36.40
N VAL D 66 -27.68 -32.09 -35.18
CA VAL D 66 -28.98 -31.42 -34.89
C VAL D 66 -28.68 -29.96 -34.52
N VAL D 67 -29.22 -29.03 -35.29
CA VAL D 67 -29.12 -27.58 -35.03
C VAL D 67 -30.46 -27.12 -34.48
N SER D 68 -30.49 -26.67 -33.23
CA SER D 68 -31.74 -26.30 -32.56
C SER D 68 -31.74 -24.79 -32.29
N GLU D 69 -32.66 -24.06 -32.92
CA GLU D 69 -32.95 -22.65 -32.60
C GLU D 69 -34.13 -22.63 -31.63
N SER D 70 -34.80 -21.50 -31.54
CA SER D 70 -35.94 -21.32 -30.59
C SER D 70 -36.97 -22.45 -30.76
N GLU D 71 -37.52 -22.64 -31.96
CA GLU D 71 -38.57 -23.66 -32.22
C GLU D 71 -38.13 -24.57 -33.35
N LYS D 72 -37.30 -24.04 -34.24
CA LYS D 72 -36.78 -24.74 -35.44
C LYS D 72 -35.75 -25.78 -34.98
N ARG D 73 -35.82 -26.97 -35.53
CA ARG D 73 -34.83 -28.03 -35.30
C ARG D 73 -34.55 -28.66 -36.67
N THR D 74 -33.29 -28.71 -37.07
CA THR D 74 -32.86 -29.31 -38.35
C THR D 74 -31.85 -30.41 -38.05
N THR D 75 -31.78 -31.41 -38.90
CA THR D 75 -30.80 -32.52 -38.83
C THR D 75 -30.06 -32.52 -40.17
N THR D 76 -28.74 -32.75 -40.14
CA THR D 76 -27.89 -32.70 -41.35
C THR D 76 -26.72 -33.68 -41.17
N THR D 77 -26.28 -34.26 -42.29
CA THR D 77 -25.16 -35.23 -42.37
C THR D 77 -23.89 -34.49 -42.83
N ASP D 78 -24.00 -33.18 -43.10
CA ASP D 78 -22.87 -32.33 -43.57
C ASP D 78 -21.76 -32.23 -42.53
N ASP D 79 -20.56 -31.86 -42.99
CA ASP D 79 -19.37 -31.62 -42.12
C ASP D 79 -19.79 -30.75 -40.95
N PRO D 80 -19.62 -31.23 -39.71
CA PRO D 80 -20.02 -30.49 -38.52
C PRO D 80 -19.42 -29.08 -38.40
N LEU D 81 -18.16 -28.87 -38.82
CA LEU D 81 -17.51 -27.54 -38.71
C LEU D 81 -18.01 -26.62 -39.83
N GLN D 82 -18.44 -27.18 -40.95
CA GLN D 82 -19.08 -26.39 -42.03
C GLN D 82 -20.45 -25.96 -41.53
N VAL D 83 -21.17 -26.83 -40.85
CA VAL D 83 -22.51 -26.50 -40.30
C VAL D 83 -22.33 -25.39 -39.26
N LEU D 84 -21.35 -25.54 -38.38
CA LEU D 84 -21.04 -24.55 -37.35
C LEU D 84 -20.74 -23.20 -38.02
N GLN D 85 -19.91 -23.18 -39.05
CA GLN D 85 -19.52 -21.90 -39.68
C GLN D 85 -20.77 -21.28 -40.31
N GLN D 86 -21.66 -22.07 -40.90
CA GLN D 86 -22.91 -21.57 -41.52
C GLN D 86 -23.78 -20.91 -40.46
N VAL D 87 -23.88 -21.53 -39.28
CA VAL D 87 -24.71 -21.03 -38.16
C VAL D 87 -24.13 -19.70 -37.66
N LEU D 88 -22.82 -19.62 -37.39
CA LEU D 88 -22.13 -18.35 -37.06
C LEU D 88 -22.45 -17.27 -38.10
N ASP D 89 -22.26 -17.56 -39.39
CA ASP D 89 -22.53 -16.59 -40.48
C ASP D 89 -24.01 -16.19 -40.45
N ARG D 90 -24.92 -17.13 -40.21
CA ARG D 90 -26.38 -16.87 -40.33
C ARG D 90 -26.85 -15.98 -39.16
N ALA D 91 -26.09 -15.92 -38.05
CA ALA D 91 -26.41 -15.05 -36.90
C ALA D 91 -26.29 -13.57 -37.28
N ASP D 92 -25.51 -13.23 -38.31
CA ASP D 92 -25.44 -11.87 -38.92
C ASP D 92 -24.91 -10.88 -37.87
N ILE D 93 -23.99 -11.36 -37.03
CA ILE D 93 -23.22 -10.57 -36.04
C ILE D 93 -21.74 -10.64 -36.44
N ARG D 94 -21.19 -9.50 -36.87
CA ARG D 94 -19.83 -9.38 -37.48
C ARG D 94 -19.07 -8.20 -36.87
N PRO D 95 -18.66 -8.24 -35.60
CA PRO D 95 -17.86 -7.15 -35.02
C PRO D 95 -16.36 -7.24 -35.38
N THR D 96 -15.65 -6.11 -35.31
CA THR D 96 -14.17 -6.04 -35.45
C THR D 96 -13.53 -6.74 -34.24
N HIS D 97 -12.26 -7.14 -34.38
CA HIS D 97 -11.44 -7.71 -33.29
C HIS D 97 -11.25 -6.66 -32.19
N ASN D 98 -11.17 -7.12 -30.95
CA ASN D 98 -10.86 -6.30 -29.76
C ASN D 98 -9.88 -7.14 -28.94
N GLU D 99 -8.62 -6.72 -28.87
CA GLU D 99 -7.55 -7.42 -28.12
C GLU D 99 -7.98 -7.64 -26.66
N ASP D 100 -8.85 -6.79 -26.12
CA ASP D 100 -9.30 -6.89 -24.71
C ASP D 100 -10.49 -7.84 -24.57
N LEU D 101 -11.24 -8.07 -25.66
CA LEU D 101 -12.44 -8.94 -25.67
C LEU D 101 -12.30 -9.96 -26.79
N PRO D 102 -11.54 -11.04 -26.55
CA PRO D 102 -11.18 -11.99 -27.61
C PRO D 102 -12.38 -12.81 -28.10
N PHE D 103 -13.32 -13.14 -27.20
CA PHE D 103 -14.63 -13.75 -27.54
C PHE D 103 -15.70 -12.68 -27.40
N GLN D 104 -16.32 -12.32 -28.50
CA GLN D 104 -17.33 -11.24 -28.55
C GLN D 104 -18.67 -11.88 -28.84
N GLY D 105 -18.96 -12.99 -28.19
CA GLY D 105 -20.05 -13.86 -28.64
C GLY D 105 -19.64 -14.74 -29.81
N GLY D 106 -20.42 -15.77 -30.06
CA GLY D 106 -20.13 -16.80 -31.07
C GLY D 106 -20.30 -18.18 -30.46
N ALA D 107 -19.54 -19.14 -30.97
CA ALA D 107 -19.67 -20.57 -30.62
C ALA D 107 -18.77 -20.86 -29.44
N LEU D 108 -19.19 -21.73 -28.54
CA LEU D 108 -18.34 -22.18 -27.41
C LEU D 108 -18.80 -23.58 -27.03
N GLY D 109 -17.86 -24.49 -26.79
CA GLY D 109 -18.17 -25.82 -26.26
C GLY D 109 -17.13 -26.86 -26.61
N LEU D 110 -17.60 -28.08 -26.81
CA LEU D 110 -16.78 -29.30 -26.87
C LEU D 110 -16.76 -29.85 -28.29
N PHE D 111 -15.57 -30.17 -28.76
CA PHE D 111 -15.30 -30.97 -29.97
C PHE D 111 -14.63 -32.24 -29.46
N GLY D 112 -15.37 -33.34 -29.37
CA GLY D 112 -14.86 -34.60 -28.82
C GLY D 112 -13.88 -35.23 -29.77
N TYR D 113 -13.02 -36.12 -29.25
CA TYR D 113 -11.96 -36.81 -30.03
C TYR D 113 -12.58 -37.52 -31.23
N ASP D 114 -13.69 -38.21 -31.01
CA ASP D 114 -14.32 -39.08 -32.04
C ASP D 114 -15.05 -38.21 -33.07
N LEU D 115 -15.00 -36.88 -32.97
CA LEU D 115 -15.42 -35.99 -34.08
C LEU D 115 -14.42 -36.14 -35.23
N GLY D 116 -13.18 -36.53 -34.92
CA GLY D 116 -12.11 -36.72 -35.93
C GLY D 116 -12.49 -37.75 -36.97
N ARG D 117 -13.34 -38.71 -36.62
CA ARG D 117 -13.84 -39.77 -37.53
C ARG D 117 -14.69 -39.17 -38.66
N ARG D 118 -15.02 -37.88 -38.56
CA ARG D 118 -15.81 -37.16 -39.58
C ARG D 118 -14.86 -36.55 -40.62
N PHE D 119 -13.56 -36.57 -40.36
CA PHE D 119 -12.54 -35.91 -41.22
C PHE D 119 -11.56 -36.93 -41.80
N GLU D 120 -11.56 -38.15 -41.25
CA GLU D 120 -10.71 -39.26 -41.70
C GLU D 120 -11.51 -40.55 -41.57
N SER D 121 -11.43 -41.43 -42.57
CA SER D 121 -11.96 -42.82 -42.51
C SER D 121 -11.12 -43.60 -41.48
N LEU D 122 -11.75 -44.19 -40.47
CA LEU D 122 -11.03 -44.95 -39.41
C LEU D 122 -11.78 -46.24 -39.10
N PRO D 123 -11.08 -47.30 -38.64
CA PRO D 123 -11.73 -48.50 -38.13
C PRO D 123 -12.61 -48.25 -36.89
N GLU D 124 -13.51 -49.18 -36.59
CA GLU D 124 -14.54 -49.08 -35.52
C GLU D 124 -14.37 -50.22 -34.52
N ILE D 125 -13.15 -50.52 -34.10
CA ILE D 125 -12.84 -51.66 -33.20
C ILE D 125 -13.19 -51.26 -31.76
N ALA D 126 -12.76 -50.07 -31.32
CA ALA D 126 -12.91 -49.62 -29.90
C ALA D 126 -14.40 -49.43 -29.59
N GLU D 127 -14.76 -49.76 -28.36
CA GLU D 127 -16.16 -49.86 -27.91
C GLU D 127 -16.66 -48.46 -27.53
N GLN D 128 -17.82 -48.09 -28.07
CA GLN D 128 -18.48 -46.78 -27.82
C GLN D 128 -19.39 -46.96 -26.60
N ASP D 129 -18.89 -46.74 -25.39
CA ASP D 129 -19.64 -47.04 -24.14
C ASP D 129 -20.04 -45.75 -23.41
N ILE D 130 -19.68 -44.56 -23.91
CA ILE D 130 -20.19 -43.27 -23.35
C ILE D 130 -21.04 -42.60 -24.42
N VAL D 131 -22.32 -42.33 -24.11
CA VAL D 131 -23.22 -41.55 -25.01
C VAL D 131 -23.18 -40.08 -24.59
N LEU D 132 -22.27 -39.34 -25.22
CA LEU D 132 -22.12 -37.89 -25.06
C LEU D 132 -21.63 -37.35 -26.39
N PRO D 133 -22.09 -36.17 -26.87
CA PRO D 133 -21.85 -35.78 -28.26
C PRO D 133 -20.38 -35.66 -28.67
N ASP D 134 -20.09 -35.91 -29.95
CA ASP D 134 -18.79 -35.63 -30.58
C ASP D 134 -18.64 -34.12 -30.73
N MET D 135 -19.74 -33.40 -30.88
CA MET D 135 -19.71 -31.92 -30.87
C MET D 135 -20.94 -31.41 -30.09
N ALA D 136 -20.68 -30.57 -29.08
CA ALA D 136 -21.70 -29.95 -28.24
C ALA D 136 -21.35 -28.47 -28.10
N VAL D 137 -21.88 -27.64 -28.97
CA VAL D 137 -21.49 -26.22 -29.07
C VAL D 137 -22.76 -25.37 -28.97
N GLY D 138 -22.75 -24.34 -28.11
CA GLY D 138 -23.80 -23.32 -28.08
C GLY D 138 -23.36 -22.11 -28.86
N ILE D 139 -24.28 -21.35 -29.44
CA ILE D 139 -24.05 -20.00 -29.99
C ILE D 139 -24.60 -18.97 -28.99
N TYR D 140 -23.75 -18.06 -28.57
CA TYR D 140 -24.04 -17.07 -27.51
C TYR D 140 -23.94 -15.66 -28.11
N ASP D 141 -24.94 -14.83 -27.84
CA ASP D 141 -24.95 -13.43 -28.33
C ASP D 141 -24.53 -12.51 -27.18
N TRP D 142 -23.95 -13.08 -26.12
CA TRP D 142 -23.43 -12.33 -24.96
C TRP D 142 -22.31 -13.14 -24.31
N ALA D 143 -21.54 -12.52 -23.43
CA ALA D 143 -20.58 -13.25 -22.57
C ALA D 143 -20.19 -12.39 -21.37
N LEU D 144 -19.69 -13.04 -20.34
CA LEU D 144 -18.98 -12.36 -19.24
C LEU D 144 -17.48 -12.70 -19.32
N ILE D 145 -16.65 -11.68 -19.51
CA ILE D 145 -15.17 -11.78 -19.66
C ILE D 145 -14.51 -11.24 -18.40
N VAL D 146 -13.69 -12.05 -17.76
CA VAL D 146 -12.82 -11.64 -16.62
C VAL D 146 -11.38 -11.58 -17.13
N ASP D 147 -10.81 -10.38 -17.11
CA ASP D 147 -9.47 -10.08 -17.65
C ASP D 147 -8.53 -9.83 -16.48
N HIS D 148 -7.72 -10.82 -16.10
CA HIS D 148 -6.77 -10.79 -14.95
C HIS D 148 -5.54 -9.92 -15.25
N GLN D 149 -5.35 -9.48 -16.49
CA GLN D 149 -4.23 -8.57 -16.82
C GLN D 149 -4.68 -7.14 -16.52
N ARG D 150 -5.82 -6.71 -17.04
CA ARG D 150 -6.36 -5.34 -16.85
C ARG D 150 -7.17 -5.24 -15.55
N HIS D 151 -7.41 -6.36 -14.86
CA HIS D 151 -8.28 -6.42 -13.66
C HIS D 151 -9.64 -5.79 -13.99
N THR D 152 -10.29 -6.29 -15.04
CA THR D 152 -11.60 -5.81 -15.55
C THR D 152 -12.55 -7.00 -15.66
N VAL D 153 -13.82 -6.78 -15.32
CA VAL D 153 -14.94 -7.73 -15.58
C VAL D 153 -15.84 -7.05 -16.59
N SER D 154 -15.98 -7.60 -17.78
CA SER D 154 -16.80 -7.00 -18.86
C SER D 154 -17.98 -7.93 -19.12
N LEU D 155 -19.17 -7.34 -19.25
CA LEU D 155 -20.41 -8.02 -19.67
C LEU D 155 -20.72 -7.44 -21.04
N LEU D 156 -20.69 -8.27 -22.07
CA LEU D 156 -20.99 -7.76 -23.42
C LEU D 156 -22.24 -8.48 -23.89
N SER D 157 -23.00 -7.83 -24.77
CA SER D 157 -24.20 -8.40 -25.40
C SER D 157 -24.48 -7.65 -26.70
N HIS D 158 -24.92 -8.36 -27.70
CA HIS D 158 -25.33 -7.84 -29.01
C HIS D 158 -26.84 -7.57 -29.02
N ASN D 159 -27.53 -7.88 -27.91
CA ASN D 159 -28.99 -7.64 -27.75
C ASN D 159 -29.29 -6.49 -26.79
N ASP D 160 -29.34 -6.75 -25.48
CA ASP D 160 -29.68 -5.75 -24.43
C ASP D 160 -28.79 -6.11 -23.26
N VAL D 161 -27.68 -5.41 -23.12
CA VAL D 161 -26.64 -5.78 -22.12
C VAL D 161 -27.21 -5.50 -20.71
N ASN D 162 -28.11 -4.53 -20.61
CA ASN D 162 -28.74 -4.09 -19.34
C ASN D 162 -29.65 -5.21 -18.81
N ALA D 163 -30.56 -5.72 -19.64
CA ALA D 163 -31.40 -6.89 -19.31
C ALA D 163 -30.52 -8.07 -18.88
N ARG D 164 -29.43 -8.33 -19.61
CA ARG D 164 -28.52 -9.46 -19.31
C ARG D 164 -27.85 -9.22 -17.95
N ARG D 165 -27.44 -7.99 -17.65
CA ARG D 165 -26.84 -7.68 -16.31
C ARG D 165 -27.87 -8.09 -15.24
N ALA D 166 -29.10 -7.62 -15.39
CA ALA D 166 -30.23 -7.88 -14.44
C ALA D 166 -30.48 -9.39 -14.39
N TRP D 167 -30.65 -10.03 -15.54
CA TRP D 167 -30.90 -11.50 -15.62
C TRP D 167 -29.84 -12.21 -14.80
N LEU D 168 -28.59 -11.76 -14.92
CA LEU D 168 -27.44 -12.40 -14.25
C LEU D 168 -27.52 -12.11 -12.74
N GLU D 169 -27.74 -10.85 -12.35
CA GLU D 169 -27.73 -10.46 -10.91
C GLU D 169 -28.96 -11.10 -10.22
N SER D 170 -30.07 -11.30 -10.93
CA SER D 170 -31.33 -11.88 -10.40
C SER D 170 -31.16 -13.37 -10.06
N GLN D 171 -30.40 -14.12 -10.85
CA GLN D 171 -30.12 -15.56 -10.58
C GLN D 171 -29.44 -15.67 -9.21
N GLN D 172 -29.80 -16.66 -8.38
CA GLN D 172 -29.19 -16.82 -7.03
C GLN D 172 -28.73 -18.27 -6.83
N PHE D 173 -27.81 -18.47 -5.89
CA PHE D 173 -27.03 -19.73 -5.72
C PHE D 173 -27.42 -20.43 -4.41
N SER D 174 -28.22 -21.49 -4.51
CA SER D 174 -28.48 -22.47 -3.41
C SER D 174 -27.47 -23.61 -3.53
N PRO D 175 -26.33 -23.59 -2.77
CA PRO D 175 -25.28 -24.59 -2.96
C PRO D 175 -25.90 -26.00 -2.91
N GLN D 176 -25.64 -26.80 -3.94
CA GLN D 176 -26.21 -28.17 -4.06
C GLN D 176 -25.45 -29.10 -3.10
N GLU D 177 -26.02 -30.27 -2.83
CA GLU D 177 -25.41 -31.41 -2.08
C GLU D 177 -23.96 -31.61 -2.57
N ASP D 178 -23.03 -31.87 -1.66
CA ASP D 178 -21.58 -31.88 -1.97
C ASP D 178 -21.24 -33.17 -2.75
N PHE D 179 -20.23 -33.07 -3.61
CA PHE D 179 -19.69 -34.20 -4.41
C PHE D 179 -19.05 -35.23 -3.48
N THR D 180 -19.41 -36.51 -3.61
CA THR D 180 -18.66 -37.66 -3.05
C THR D 180 -18.50 -38.73 -4.13
N LEU D 181 -17.38 -39.46 -4.08
CA LEU D 181 -17.12 -40.66 -4.90
C LEU D 181 -17.69 -41.85 -4.12
N THR D 182 -18.48 -42.71 -4.78
CA THR D 182 -19.27 -43.77 -4.11
C THR D 182 -18.67 -45.15 -4.46
N SER D 183 -17.47 -45.16 -5.06
CA SER D 183 -16.63 -46.37 -5.32
C SER D 183 -15.16 -45.95 -5.39
N ASP D 184 -14.25 -46.92 -5.42
CA ASP D 184 -12.81 -46.69 -5.69
C ASP D 184 -12.64 -46.50 -7.20
N TRP D 185 -11.55 -45.84 -7.60
CA TRP D 185 -11.12 -45.74 -9.00
C TRP D 185 -10.70 -47.14 -9.49
N GLN D 186 -11.00 -47.47 -10.73
CA GLN D 186 -10.74 -48.79 -11.34
C GLN D 186 -10.37 -48.53 -12.80
N SER D 187 -9.21 -49.01 -13.27
CA SER D 187 -8.77 -48.83 -14.67
C SER D 187 -9.59 -49.74 -15.58
N ASN D 188 -9.56 -49.45 -16.88
CA ASN D 188 -10.17 -50.28 -17.94
C ASN D 188 -9.15 -51.36 -18.37
N MET D 189 -7.98 -51.39 -17.72
CA MET D 189 -6.90 -52.38 -18.05
C MET D 189 -6.12 -52.71 -16.78
N THR D 190 -5.73 -53.99 -16.68
CA THR D 190 -4.68 -54.53 -15.77
C THR D 190 -3.32 -53.98 -16.21
N ARG D 191 -2.32 -54.07 -15.33
CA ARG D 191 -0.92 -53.71 -15.68
C ARG D 191 -0.41 -54.69 -16.75
N GLU D 192 -0.84 -55.96 -16.69
CA GLU D 192 -0.55 -57.00 -17.71
C GLU D 192 -1.08 -56.53 -19.08
N GLN D 193 -2.34 -56.12 -19.12
CA GLN D 193 -3.05 -55.71 -20.36
C GLN D 193 -2.41 -54.45 -20.95
N TYR D 194 -1.93 -53.53 -20.10
CA TYR D 194 -1.14 -52.37 -20.57
C TYR D 194 0.04 -52.88 -21.40
N GLY D 195 0.85 -53.77 -20.79
CA GLY D 195 2.06 -54.36 -21.40
C GLY D 195 1.75 -54.92 -22.79
N GLU D 196 0.75 -55.80 -22.88
CA GLU D 196 0.33 -56.48 -24.13
C GLU D 196 0.08 -55.43 -25.21
N LYS D 197 -0.46 -54.28 -24.83
CA LYS D 197 -0.75 -53.13 -25.75
C LYS D 197 0.54 -52.33 -25.98
N PHE D 198 1.34 -52.08 -24.95
CA PHE D 198 2.62 -51.35 -25.05
C PHE D 198 3.57 -52.08 -26.00
N ARG D 199 3.63 -53.41 -25.89
CA ARG D 199 4.51 -54.27 -26.74
C ARG D 199 3.99 -54.25 -28.17
N GLN D 200 2.67 -54.37 -28.34
CA GLN D 200 1.99 -54.37 -29.68
C GLN D 200 2.28 -53.04 -30.38
N VAL D 201 2.38 -51.94 -29.64
CA VAL D 201 2.64 -50.58 -30.21
C VAL D 201 4.10 -50.55 -30.70
N GLN D 202 5.04 -51.01 -29.86
CA GLN D 202 6.48 -50.96 -30.21
C GLN D 202 6.75 -51.88 -31.40
N GLU D 203 6.08 -53.03 -31.45
CA GLU D 203 6.08 -53.96 -32.61
C GLU D 203 5.69 -53.17 -33.87
N TYR D 204 4.78 -52.19 -33.76
CA TYR D 204 4.28 -51.38 -34.90
C TYR D 204 5.28 -50.26 -35.25
N LEU D 205 6.06 -49.80 -34.28
CA LEU D 205 7.09 -48.74 -34.48
C LEU D 205 8.32 -49.32 -35.17
N HIS D 206 8.66 -50.58 -34.89
CA HIS D 206 9.79 -51.32 -35.52
C HIS D 206 9.48 -51.54 -37.01
N SER D 207 8.27 -51.98 -37.35
CA SER D 207 7.79 -52.08 -38.76
C SER D 207 7.88 -50.72 -39.46
N GLY D 208 7.96 -49.63 -38.69
CA GLY D 208 7.99 -48.25 -39.23
C GLY D 208 6.66 -47.86 -39.86
N ASP D 209 5.56 -48.53 -39.45
CA ASP D 209 4.16 -48.07 -39.63
C ASP D 209 4.08 -46.58 -39.24
N CYS D 210 4.45 -46.32 -37.99
CA CYS D 210 4.43 -44.99 -37.35
C CYS D 210 5.68 -44.82 -36.48
N TYR D 211 5.88 -43.61 -35.98
CA TYR D 211 7.06 -43.14 -35.22
C TYR D 211 6.67 -42.91 -33.75
N GLN D 212 5.45 -42.45 -33.48
CA GLN D 212 4.96 -42.10 -32.12
C GLN D 212 3.49 -42.52 -31.98
N VAL D 213 3.11 -43.07 -30.81
CA VAL D 213 1.67 -43.32 -30.46
C VAL D 213 1.43 -42.94 -29.00
N ASN D 214 0.49 -42.02 -28.75
CA ASN D 214 -0.10 -41.73 -27.42
C ASN D 214 -1.02 -42.90 -27.07
N LEU D 215 -0.64 -43.72 -26.09
CA LEU D 215 -1.47 -44.83 -25.55
C LEU D 215 -2.02 -44.40 -24.19
N ALA D 216 -3.33 -44.52 -24.00
CA ALA D 216 -4.05 -43.99 -22.81
C ALA D 216 -4.80 -45.13 -22.10
N GLN D 217 -4.92 -45.05 -20.79
CA GLN D 217 -5.89 -45.86 -20.00
C GLN D 217 -6.93 -44.93 -19.37
N ARG D 218 -8.04 -45.50 -18.92
CA ARG D 218 -9.19 -44.76 -18.38
C ARG D 218 -9.56 -45.32 -17.01
N PHE D 219 -9.67 -44.46 -16.02
CA PHE D 219 -10.18 -44.78 -14.67
C PHE D 219 -11.65 -44.38 -14.58
N HIS D 220 -12.45 -45.19 -13.90
CA HIS D 220 -13.89 -44.94 -13.67
C HIS D 220 -14.19 -45.11 -12.17
N ALA D 221 -15.12 -44.31 -11.66
CA ALA D 221 -15.71 -44.45 -10.32
C ALA D 221 -17.16 -44.00 -10.43
N THR D 222 -18.00 -44.39 -9.48
CA THR D 222 -19.38 -43.88 -9.36
C THR D 222 -19.29 -42.66 -8.47
N TYR D 223 -20.17 -41.67 -8.66
CA TYR D 223 -20.19 -40.46 -7.81
C TYR D 223 -21.66 -40.10 -7.58
N SER D 224 -21.90 -39.25 -6.58
CA SER D 224 -23.18 -38.56 -6.29
C SER D 224 -22.85 -37.15 -5.83
N GLY D 225 -23.82 -36.24 -5.78
CA GLY D 225 -23.59 -34.82 -5.45
C GLY D 225 -23.27 -33.99 -6.69
N ASP D 226 -23.01 -32.69 -6.48
CA ASP D 226 -22.85 -31.62 -7.52
C ASP D 226 -21.40 -31.61 -8.00
N GLU D 227 -21.25 -31.76 -9.32
CA GLU D 227 -19.96 -31.75 -10.05
C GLU D 227 -19.29 -30.37 -9.92
N TRP D 228 -20.06 -29.29 -9.79
CA TRP D 228 -19.53 -27.92 -9.66
C TRP D 228 -18.66 -27.76 -8.40
N GLN D 229 -19.03 -28.40 -7.28
CA GLN D 229 -18.22 -28.32 -6.03
C GLN D 229 -16.88 -29.04 -6.23
N ALA D 230 -16.91 -30.19 -6.90
CA ALA D 230 -15.70 -30.94 -7.30
C ALA D 230 -14.80 -30.00 -8.12
N PHE D 231 -15.34 -29.37 -9.15
CA PHE D 231 -14.57 -28.48 -10.04
C PHE D 231 -13.92 -27.37 -9.22
N LEU D 232 -14.66 -26.68 -8.34
CA LEU D 232 -14.11 -25.52 -7.58
C LEU D 232 -12.81 -25.94 -6.89
N GLN D 233 -12.83 -27.09 -6.23
CA GLN D 233 -11.67 -27.62 -5.45
C GLN D 233 -10.58 -28.12 -6.42
N LEU D 234 -10.91 -28.80 -7.52
CA LEU D 234 -9.89 -29.24 -8.51
C LEU D 234 -9.24 -28.01 -9.18
N ASN D 235 -10.05 -27.01 -9.55
CA ASN D 235 -9.57 -25.78 -10.25
C ASN D 235 -8.53 -25.10 -9.34
N GLN D 236 -8.81 -25.01 -8.04
CA GLN D 236 -7.89 -24.40 -7.05
C GLN D 236 -6.54 -25.11 -7.14
N ALA D 237 -6.56 -26.44 -6.97
CA ALA D 237 -5.38 -27.33 -6.86
C ALA D 237 -4.58 -27.46 -8.17
N ASN D 238 -5.18 -27.30 -9.35
CA ASN D 238 -4.51 -27.63 -10.65
C ASN D 238 -3.92 -26.40 -11.33
N ARG D 239 -4.36 -25.18 -10.99
CA ARG D 239 -3.75 -23.94 -11.52
C ARG D 239 -3.48 -24.08 -13.04
N ALA D 240 -4.39 -24.73 -13.79
CA ALA D 240 -4.17 -25.07 -15.23
C ALA D 240 -4.84 -24.00 -16.09
N PRO D 241 -4.09 -23.37 -17.03
CA PRO D 241 -4.60 -22.25 -17.82
C PRO D 241 -5.66 -22.50 -18.91
N PHE D 242 -6.03 -23.75 -19.18
CA PHE D 242 -7.04 -24.10 -20.22
C PHE D 242 -8.15 -24.94 -19.58
N SER D 243 -8.49 -24.57 -18.34
CA SER D 243 -9.49 -25.25 -17.51
C SER D 243 -10.87 -24.86 -18.03
N ALA D 244 -11.88 -25.70 -17.82
CA ALA D 244 -13.25 -25.43 -18.28
C ALA D 244 -14.23 -26.29 -17.53
N PHE D 245 -15.42 -25.74 -17.30
CA PHE D 245 -16.58 -26.51 -16.81
C PHE D 245 -17.69 -26.32 -17.83
N LEU D 246 -18.09 -27.41 -18.50
CA LEU D 246 -19.22 -27.43 -19.45
C LEU D 246 -20.38 -28.19 -18.81
N ARG D 247 -21.54 -27.56 -18.64
CA ARG D 247 -22.82 -28.27 -18.35
C ARG D 247 -23.51 -28.58 -19.68
N LEU D 248 -23.56 -29.86 -20.04
CA LEU D 248 -24.21 -30.34 -21.28
C LEU D 248 -25.57 -30.92 -20.90
N GLU D 249 -26.38 -31.23 -21.90
CA GLU D 249 -27.68 -31.91 -21.70
C GLU D 249 -27.42 -33.29 -21.07
N GLN D 250 -26.30 -33.96 -21.43
CA GLN D 250 -26.04 -35.37 -21.08
C GLN D 250 -25.21 -35.49 -19.79
N GLY D 251 -24.49 -34.45 -19.40
CA GLY D 251 -23.61 -34.51 -18.21
C GLY D 251 -22.74 -33.28 -18.13
N ALA D 252 -21.58 -33.40 -17.49
CA ALA D 252 -20.63 -32.28 -17.24
C ALA D 252 -19.23 -32.69 -17.67
N ILE D 253 -18.51 -31.75 -18.28
CA ILE D 253 -17.05 -31.89 -18.55
C ILE D 253 -16.31 -31.00 -17.56
N LEU D 254 -15.42 -31.60 -16.76
CA LEU D 254 -14.50 -30.87 -15.86
C LEU D 254 -13.10 -30.96 -16.47
N SER D 255 -12.65 -29.91 -17.15
CA SER D 255 -11.32 -29.86 -17.82
C SER D 255 -10.36 -29.07 -16.92
N LEU D 256 -9.27 -29.72 -16.51
CA LEU D 256 -8.10 -29.05 -15.86
C LEU D 256 -6.92 -29.04 -16.85
N SER D 257 -7.17 -28.81 -18.13
CA SER D 257 -6.12 -28.92 -19.16
C SER D 257 -5.13 -27.76 -19.00
N PRO D 258 -3.83 -28.10 -18.98
CA PRO D 258 -2.77 -27.10 -19.14
C PRO D 258 -2.37 -26.76 -20.59
N GLU D 259 -2.93 -27.48 -21.56
CA GLU D 259 -2.51 -27.45 -22.99
C GLU D 259 -3.44 -26.60 -23.85
N ARG D 260 -2.88 -25.71 -24.65
CA ARG D 260 -3.58 -24.99 -25.73
C ARG D 260 -3.42 -25.79 -27.01
N PHE D 261 -4.51 -26.02 -27.74
CA PHE D 261 -4.46 -26.66 -29.08
C PHE D 261 -4.14 -25.59 -30.11
N ILE D 262 -5.09 -24.72 -30.45
CA ILE D 262 -4.88 -23.69 -31.51
C ILE D 262 -5.51 -22.39 -31.06
N LEU D 263 -4.73 -21.32 -31.12
CA LEU D 263 -5.21 -19.95 -30.91
C LEU D 263 -5.20 -19.27 -32.26
N CYS D 264 -6.26 -18.53 -32.61
CA CYS D 264 -6.30 -17.69 -33.81
C CYS D 264 -6.72 -16.27 -33.40
N ASP D 265 -5.74 -15.40 -33.16
CA ASP D 265 -5.90 -14.05 -32.57
C ASP D 265 -5.59 -13.02 -33.66
N ASN D 266 -6.61 -12.37 -34.21
CA ASN D 266 -6.43 -11.34 -35.27
C ASN D 266 -5.57 -11.95 -36.38
N SER D 267 -5.88 -13.20 -36.75
CA SER D 267 -5.34 -14.00 -37.89
C SER D 267 -3.96 -14.57 -37.56
N GLU D 268 -3.47 -14.41 -36.34
CA GLU D 268 -2.14 -14.90 -35.94
C GLU D 268 -2.38 -16.21 -35.20
N ILE D 269 -1.86 -17.28 -35.77
CA ILE D 269 -2.10 -18.67 -35.31
C ILE D 269 -0.98 -19.01 -34.35
N GLN D 270 -1.30 -19.79 -33.32
CA GLN D 270 -0.30 -20.30 -32.35
C GLN D 270 -0.78 -21.67 -31.90
N THR D 271 0.10 -22.65 -31.82
CA THR D 271 -0.18 -23.96 -31.21
C THR D 271 1.01 -24.28 -30.30
N ARG D 272 0.74 -24.88 -29.14
CA ARG D 272 1.72 -25.15 -28.09
C ARG D 272 1.63 -26.63 -27.72
N PRO D 273 2.11 -27.53 -28.60
CA PRO D 273 2.13 -28.94 -28.30
C PRO D 273 2.94 -29.23 -27.02
N ILE D 274 2.31 -29.92 -26.08
CA ILE D 274 3.02 -30.58 -24.96
C ILE D 274 3.41 -31.97 -25.42
N LYS D 275 4.71 -32.24 -25.39
CA LYS D 275 5.25 -33.60 -25.51
C LYS D 275 6.54 -33.66 -24.69
N GLY D 276 6.54 -34.50 -23.66
CA GLY D 276 7.61 -34.61 -22.66
C GLY D 276 7.11 -34.21 -21.29
N THR D 277 7.19 -35.12 -20.33
CA THR D 277 6.73 -34.87 -18.94
C THR D 277 7.62 -35.65 -17.95
N LEU D 278 8.01 -34.99 -16.86
CA LEU D 278 8.68 -35.60 -15.68
C LEU D 278 7.90 -35.23 -14.43
N PRO D 279 7.71 -36.14 -13.45
CA PRO D 279 6.87 -35.85 -12.28
C PRO D 279 7.56 -34.79 -11.41
N ARG D 280 6.82 -34.10 -10.55
CA ARG D 280 7.43 -33.09 -9.64
C ARG D 280 7.89 -33.79 -8.37
N LEU D 281 8.99 -33.32 -7.81
CA LEU D 281 9.68 -33.95 -6.66
C LEU D 281 9.53 -33.08 -5.43
N PRO D 282 9.26 -33.68 -4.25
CA PRO D 282 9.20 -32.95 -2.97
C PRO D 282 10.28 -31.87 -2.72
N ASP D 283 11.56 -32.24 -2.63
CA ASP D 283 12.70 -31.33 -2.31
C ASP D 283 12.82 -30.27 -3.38
N PRO D 284 12.62 -28.97 -3.06
CA PRO D 284 12.82 -27.88 -4.02
C PRO D 284 14.19 -27.82 -4.71
N GLN D 285 15.24 -28.41 -4.15
CA GLN D 285 16.56 -28.47 -4.84
C GLN D 285 16.46 -29.50 -5.96
N GLU D 286 15.91 -30.67 -5.66
CA GLU D 286 15.85 -31.81 -6.62
C GLU D 286 14.83 -31.52 -7.71
N ASP D 287 13.86 -30.63 -7.47
CA ASP D 287 12.77 -30.35 -8.44
C ASP D 287 13.28 -29.37 -9.49
N SER D 288 14.11 -28.40 -9.11
CA SER D 288 14.74 -27.47 -10.07
C SER D 288 15.64 -28.27 -11.02
N LYS D 289 16.10 -29.45 -10.56
CA LYS D 289 17.01 -30.33 -11.35
C LYS D 289 16.18 -31.05 -12.40
N GLN D 290 14.96 -31.47 -12.04
CA GLN D 290 14.01 -32.13 -12.97
C GLN D 290 13.74 -31.22 -14.17
N ALA D 291 13.58 -29.91 -13.93
CA ALA D 291 13.27 -28.94 -15.00
C ALA D 291 14.41 -28.90 -16.02
N VAL D 292 15.64 -29.14 -15.60
CA VAL D 292 16.84 -29.10 -16.48
C VAL D 292 17.02 -30.48 -17.14
N LYS D 293 16.81 -31.57 -16.40
CA LYS D 293 16.85 -32.96 -16.94
C LYS D 293 15.85 -33.05 -18.10
N LEU D 294 14.66 -32.49 -17.92
CA LEU D 294 13.57 -32.57 -18.92
C LEU D 294 13.93 -31.73 -20.14
N ALA D 295 14.40 -30.49 -19.93
CA ALA D 295 14.76 -29.55 -21.02
C ALA D 295 15.91 -30.12 -21.86
N ASN D 296 16.77 -30.94 -21.25
CA ASN D 296 18.08 -31.35 -21.82
C ASN D 296 18.06 -32.83 -22.20
N SER D 297 16.91 -33.50 -22.09
CA SER D 297 16.81 -34.95 -22.42
C SER D 297 16.66 -35.11 -23.93
N ALA D 298 17.64 -35.77 -24.56
CA ALA D 298 17.73 -35.92 -26.03
C ALA D 298 16.54 -36.75 -26.55
N LYS D 299 16.20 -37.85 -25.88
CA LYS D 299 15.03 -38.71 -26.19
C LYS D 299 13.75 -37.86 -26.20
N ASP D 300 13.62 -36.96 -25.21
CA ASP D 300 12.39 -36.16 -24.98
C ASP D 300 12.35 -35.00 -25.99
N ARG D 301 13.50 -34.38 -26.29
CA ARG D 301 13.61 -33.29 -27.32
C ARG D 301 13.27 -33.87 -28.71
N ALA D 302 13.68 -35.11 -29.00
CA ALA D 302 13.46 -35.78 -30.30
C ALA D 302 11.95 -35.96 -30.51
N GLU D 303 11.30 -36.64 -29.55
CA GLU D 303 9.84 -36.90 -29.50
C GLU D 303 9.05 -35.59 -29.72
N ASN D 304 9.41 -34.52 -29.00
CA ASN D 304 8.78 -33.18 -29.09
C ASN D 304 8.89 -32.69 -30.54
N LEU D 305 10.09 -32.75 -31.12
CA LEU D 305 10.36 -32.14 -32.45
C LEU D 305 9.58 -32.91 -33.52
N MET D 306 9.42 -34.21 -33.35
CA MET D 306 8.57 -35.05 -34.23
C MET D 306 7.17 -34.42 -34.25
N ILE D 307 6.64 -34.14 -33.06
CA ILE D 307 5.29 -33.53 -32.90
C ILE D 307 5.30 -32.10 -33.45
N VAL D 308 6.40 -31.37 -33.34
CA VAL D 308 6.48 -30.00 -33.94
C VAL D 308 6.40 -30.11 -35.46
N ASP D 309 7.05 -31.14 -36.02
CA ASP D 309 7.10 -31.39 -37.48
C ASP D 309 5.67 -31.71 -37.95
N LEU D 310 4.98 -32.57 -37.20
CA LEU D 310 3.57 -32.92 -37.42
C LEU D 310 2.69 -31.67 -37.39
N MET D 311 2.78 -30.83 -36.36
CA MET D 311 1.93 -29.62 -36.23
C MET D 311 2.31 -28.61 -37.31
N ARG D 312 3.58 -28.50 -37.66
CA ARG D 312 4.01 -27.58 -38.74
C ARG D 312 3.29 -27.95 -40.04
N ASN D 313 3.04 -29.25 -40.23
CA ASN D 313 2.49 -29.80 -41.49
C ASN D 313 0.97 -29.60 -41.52
N ASP D 314 0.29 -29.96 -40.43
CA ASP D 314 -1.16 -29.73 -40.22
C ASP D 314 -1.47 -28.24 -40.47
N ILE D 315 -0.77 -27.32 -39.80
CA ILE D 315 -0.95 -25.85 -39.93
C ILE D 315 -0.48 -25.38 -41.32
N GLY D 316 0.62 -25.92 -41.83
CA GLY D 316 1.20 -25.52 -43.12
C GLY D 316 0.28 -25.77 -44.30
N ARG D 317 -0.55 -26.82 -44.23
CA ARG D 317 -1.56 -27.12 -45.30
C ARG D 317 -2.39 -25.85 -45.57
N VAL D 318 -2.73 -25.10 -44.51
CA VAL D 318 -3.75 -24.01 -44.60
C VAL D 318 -3.12 -22.65 -44.26
N ALA D 319 -1.91 -22.59 -43.69
CA ALA D 319 -1.30 -21.29 -43.30
C ALA D 319 -0.96 -20.47 -44.55
N VAL D 320 -0.70 -19.18 -44.38
CA VAL D 320 -0.36 -18.21 -45.47
C VAL D 320 1.10 -18.30 -45.93
N ALA D 321 1.39 -18.78 -47.15
CA ALA D 321 2.69 -18.60 -47.85
C ALA D 321 3.83 -19.12 -46.97
N GLY D 322 4.72 -18.24 -46.48
CA GLY D 322 5.86 -18.68 -45.66
C GLY D 322 5.75 -18.16 -44.25
N SER D 323 4.58 -18.31 -43.63
CA SER D 323 4.23 -17.71 -42.31
C SER D 323 4.57 -18.70 -41.18
N VAL D 324 4.75 -19.97 -41.50
CA VAL D 324 4.92 -21.01 -40.44
C VAL D 324 6.32 -20.85 -39.82
N LYS D 325 6.36 -20.40 -38.57
CA LYS D 325 7.63 -20.20 -37.83
C LYS D 325 7.56 -21.07 -36.58
N VAL D 326 8.70 -21.33 -35.94
CA VAL D 326 8.76 -22.07 -34.65
C VAL D 326 9.55 -21.20 -33.68
N PRO D 327 8.90 -20.17 -33.07
CA PRO D 327 9.62 -19.13 -32.34
C PRO D 327 10.23 -19.57 -31.00
N GLU D 328 9.82 -20.71 -30.44
CA GLU D 328 10.22 -21.17 -29.07
C GLU D 328 10.16 -22.69 -29.05
N LEU D 329 11.20 -23.35 -28.53
CA LEU D 329 11.27 -24.83 -28.37
C LEU D 329 11.56 -25.25 -26.92
N PHE D 330 10.97 -26.36 -26.49
CA PHE D 330 11.32 -27.09 -25.23
C PHE D 330 11.28 -26.19 -24.00
N VAL D 331 10.44 -25.15 -23.95
CA VAL D 331 10.20 -24.44 -22.66
C VAL D 331 9.63 -25.45 -21.67
N VAL D 332 10.15 -25.52 -20.44
CA VAL D 332 9.56 -26.37 -19.36
C VAL D 332 8.54 -25.57 -18.57
N GLU D 333 7.34 -26.12 -18.43
CA GLU D 333 6.25 -25.49 -17.66
C GLU D 333 5.93 -26.37 -16.47
N PRO D 334 6.11 -25.84 -15.25
CA PRO D 334 5.81 -26.58 -14.04
C PRO D 334 4.30 -26.51 -13.74
N PHE D 335 3.71 -27.66 -13.38
CA PHE D 335 2.30 -27.78 -12.91
C PHE D 335 2.33 -28.55 -11.60
N PRO D 336 1.31 -28.51 -10.73
CA PRO D 336 1.39 -29.20 -9.44
C PRO D 336 1.94 -30.63 -9.52
N ALA D 337 1.42 -31.43 -10.44
CA ALA D 337 1.69 -32.88 -10.56
C ALA D 337 2.98 -33.13 -11.34
N VAL D 338 3.29 -32.30 -12.34
CA VAL D 338 4.23 -32.63 -13.45
C VAL D 338 4.89 -31.35 -14.00
N HIS D 339 6.10 -31.51 -14.55
CA HIS D 339 6.81 -30.56 -15.44
C HIS D 339 6.49 -30.99 -16.88
N HIS D 340 6.21 -30.05 -17.78
CA HIS D 340 5.87 -30.36 -19.19
C HIS D 340 6.81 -29.63 -20.13
N LEU D 341 7.20 -30.31 -21.21
CA LEU D 341 8.03 -29.75 -22.30
C LEU D 341 7.11 -29.26 -23.44
N VAL D 342 7.13 -27.94 -23.70
CA VAL D 342 6.16 -27.24 -24.56
C VAL D 342 6.92 -26.51 -25.65
N SER D 343 6.53 -26.71 -26.90
CA SER D 343 7.12 -25.99 -28.06
C SER D 343 6.00 -25.15 -28.68
N THR D 344 6.31 -24.06 -29.39
CA THR D 344 5.25 -23.21 -29.96
C THR D 344 5.54 -22.99 -31.44
N ILE D 345 4.50 -23.20 -32.24
CA ILE D 345 4.48 -22.98 -33.71
C ILE D 345 3.53 -21.83 -33.97
N THR D 346 3.88 -20.93 -34.87
CA THR D 346 3.06 -19.76 -35.23
C THR D 346 2.91 -19.71 -36.74
N ALA D 347 1.89 -19.02 -37.22
CA ALA D 347 1.55 -18.97 -38.65
C ALA D 347 0.52 -17.87 -38.83
N GLN D 348 0.05 -17.66 -40.04
CA GLN D 348 -0.96 -16.64 -40.38
C GLN D 348 -2.11 -17.40 -41.05
N LEU D 349 -3.33 -17.09 -40.64
CA LEU D 349 -4.56 -17.55 -41.32
C LEU D 349 -4.80 -16.67 -42.53
N PRO D 350 -4.97 -17.28 -43.71
CA PRO D 350 -5.35 -16.55 -44.92
C PRO D 350 -6.73 -15.91 -44.76
N GLU D 351 -6.99 -14.79 -45.43
CA GLU D 351 -8.28 -14.07 -45.25
C GLU D 351 -9.41 -14.93 -45.87
N GLN D 352 -9.10 -15.92 -46.69
CA GLN D 352 -10.13 -16.74 -47.40
C GLN D 352 -10.62 -17.88 -46.49
N LEU D 353 -9.90 -18.18 -45.40
CA LEU D 353 -10.26 -19.26 -44.44
C LEU D 353 -10.89 -18.69 -43.17
N HIS D 354 -11.48 -19.59 -42.40
CA HIS D 354 -12.01 -19.30 -41.05
C HIS D 354 -11.23 -20.17 -40.07
N ALA D 355 -11.22 -19.74 -38.82
CA ALA D 355 -10.66 -20.51 -37.69
C ALA D 355 -11.26 -21.92 -37.72
N SER D 356 -12.54 -22.08 -38.08
CA SER D 356 -13.19 -23.41 -38.17
C SER D 356 -12.46 -24.29 -39.20
N ASP D 357 -11.98 -23.71 -40.29
CA ASP D 357 -11.27 -24.45 -41.37
C ASP D 357 -9.90 -24.91 -40.83
N LEU D 358 -9.26 -24.03 -40.06
CA LEU D 358 -7.99 -24.32 -39.37
C LEU D 358 -8.17 -25.50 -38.40
N LEU D 359 -9.25 -25.47 -37.63
CA LEU D 359 -9.57 -26.51 -36.62
C LEU D 359 -9.82 -27.85 -37.32
N ARG D 360 -10.57 -27.85 -38.43
CA ARG D 360 -10.85 -29.09 -39.22
C ARG D 360 -9.55 -29.72 -39.72
N ALA D 361 -8.63 -28.91 -40.25
CA ALA D 361 -7.35 -29.36 -40.83
C ALA D 361 -6.47 -30.05 -39.77
N ALA D 362 -6.54 -29.63 -38.50
CA ALA D 362 -5.57 -30.01 -37.46
C ALA D 362 -6.14 -31.00 -36.45
N PHE D 363 -7.45 -31.26 -36.45
CA PHE D 363 -8.13 -31.98 -35.34
C PHE D 363 -8.15 -33.48 -35.62
N PRO D 364 -7.98 -34.37 -34.60
CA PRO D 364 -7.56 -33.97 -33.25
C PRO D 364 -6.05 -33.72 -33.24
N GLY D 365 -5.52 -33.30 -32.09
CA GLY D 365 -4.12 -32.84 -31.97
C GLY D 365 -3.12 -33.95 -32.21
N GLY D 366 -2.05 -33.66 -32.96
CA GLY D 366 -0.86 -34.53 -33.07
C GLY D 366 -0.27 -34.91 -31.71
N SER D 367 -0.30 -34.00 -30.74
CA SER D 367 0.28 -34.19 -29.39
C SER D 367 -0.37 -35.36 -28.67
N ILE D 368 -1.60 -35.75 -29.03
CA ILE D 368 -2.34 -36.79 -28.26
C ILE D 368 -2.77 -37.95 -29.16
N THR D 369 -2.36 -37.95 -30.44
CA THR D 369 -2.56 -39.09 -31.36
C THR D 369 -1.18 -39.72 -31.59
N GLY D 370 -0.43 -39.22 -32.59
CA GLY D 370 0.93 -39.67 -32.91
C GLY D 370 1.33 -39.28 -34.32
N ALA D 371 2.33 -39.95 -34.89
CA ALA D 371 2.89 -39.61 -36.23
C ALA D 371 3.24 -40.90 -36.99
N PRO D 372 2.86 -41.08 -38.28
CA PRO D 372 1.78 -40.32 -38.92
C PRO D 372 0.44 -40.38 -38.16
N LYS D 373 -0.36 -39.32 -38.26
CA LYS D 373 -1.56 -39.12 -37.41
C LYS D 373 -2.56 -40.24 -37.68
N VAL D 374 -2.88 -40.50 -38.96
CA VAL D 374 -3.95 -41.47 -39.34
C VAL D 374 -3.58 -42.87 -38.81
N ARG D 375 -2.30 -43.28 -38.91
CA ARG D 375 -1.88 -44.65 -38.51
C ARG D 375 -1.93 -44.74 -36.99
N ALA D 376 -1.45 -43.70 -36.30
CA ALA D 376 -1.51 -43.59 -34.82
C ALA D 376 -2.97 -43.80 -34.35
N MET D 377 -3.92 -43.12 -34.99
CA MET D 377 -5.36 -43.19 -34.65
C MET D 377 -5.89 -44.60 -34.93
N GLU D 378 -5.50 -45.20 -36.06
CA GLU D 378 -5.88 -46.60 -36.45
C GLU D 378 -5.51 -47.54 -35.29
N ILE D 379 -4.28 -47.39 -34.78
CA ILE D 379 -3.68 -48.24 -33.71
C ILE D 379 -4.41 -47.98 -32.39
N ILE D 380 -4.58 -46.71 -32.02
CA ILE D 380 -5.31 -46.28 -30.79
C ILE D 380 -6.70 -46.94 -30.78
N ASP D 381 -7.44 -46.86 -31.88
CA ASP D 381 -8.78 -47.49 -32.00
C ASP D 381 -8.64 -49.01 -31.86
N GLU D 382 -7.53 -49.57 -32.31
CA GLU D 382 -7.34 -51.04 -32.31
C GLU D 382 -7.06 -51.53 -30.88
N LEU D 383 -6.36 -50.74 -30.06
CA LEU D 383 -5.76 -51.23 -28.79
C LEU D 383 -6.49 -50.68 -27.58
N GLU D 384 -6.93 -49.43 -27.58
CA GLU D 384 -7.68 -48.84 -26.44
C GLU D 384 -9.08 -49.47 -26.42
N PRO D 385 -9.50 -50.06 -25.27
CA PRO D 385 -10.76 -50.81 -25.18
C PRO D 385 -12.01 -49.98 -25.52
N GLN D 386 -12.01 -48.70 -25.17
CA GLN D 386 -13.16 -47.78 -25.35
C GLN D 386 -12.75 -46.53 -26.12
N ARG D 387 -13.68 -45.95 -26.87
CA ARG D 387 -13.48 -44.64 -27.56
C ARG D 387 -13.15 -43.56 -26.52
N ARG D 388 -12.38 -42.56 -26.93
CA ARG D 388 -11.90 -41.49 -26.01
C ARG D 388 -13.03 -40.49 -25.68
N ASN D 389 -13.95 -40.28 -26.63
CA ASN D 389 -15.10 -39.36 -26.44
C ASN D 389 -14.54 -37.97 -26.15
N ALA D 390 -14.97 -37.30 -25.07
CA ALA D 390 -14.62 -35.90 -24.75
C ALA D 390 -13.12 -35.77 -24.44
N TRP D 391 -12.47 -36.87 -24.03
CA TRP D 391 -11.05 -36.86 -23.60
C TRP D 391 -10.13 -36.82 -24.82
N CYS D 392 -9.14 -35.93 -24.78
CA CYS D 392 -8.17 -35.61 -25.89
C CYS D 392 -8.91 -35.04 -27.11
N GLY D 393 -10.09 -34.48 -26.89
CA GLY D 393 -10.68 -33.55 -27.86
C GLY D 393 -10.24 -32.15 -27.53
N SER D 394 -11.11 -31.18 -27.75
CA SER D 394 -10.87 -29.74 -27.57
C SER D 394 -12.11 -29.08 -27.01
N ILE D 395 -11.91 -28.19 -26.05
CA ILE D 395 -12.92 -27.21 -25.60
C ILE D 395 -12.43 -25.86 -26.08
N GLY D 396 -13.30 -24.98 -26.54
CA GLY D 396 -12.85 -23.65 -26.95
C GLY D 396 -13.98 -22.86 -27.55
N TYR D 397 -13.66 -21.74 -28.18
CA TYR D 397 -14.63 -20.77 -28.72
C TYR D 397 -14.22 -20.35 -30.13
N LEU D 398 -15.21 -20.00 -30.93
CA LEU D 398 -15.06 -19.33 -32.24
C LEU D 398 -15.87 -18.02 -32.15
N SER D 399 -15.22 -16.90 -31.89
CA SER D 399 -15.87 -15.58 -31.73
C SER D 399 -16.53 -15.18 -33.05
N PHE D 400 -17.56 -14.35 -32.99
CA PHE D 400 -18.17 -13.76 -34.21
C PHE D 400 -17.15 -12.87 -34.92
N CYS D 401 -16.12 -12.37 -34.20
CA CYS D 401 -15.11 -11.47 -34.79
C CYS D 401 -14.13 -12.25 -35.69
N GLY D 402 -14.10 -13.59 -35.59
CA GLY D 402 -13.17 -14.45 -36.35
C GLY D 402 -12.15 -15.15 -35.45
N ASN D 403 -12.00 -14.71 -34.19
CA ASN D 403 -10.96 -15.27 -33.29
C ASN D 403 -11.36 -16.67 -32.87
N MET D 404 -10.40 -17.43 -32.37
CA MET D 404 -10.63 -18.77 -31.82
C MET D 404 -9.59 -19.03 -30.76
N ASP D 405 -9.89 -19.85 -29.76
CA ASP D 405 -8.87 -20.49 -28.90
C ASP D 405 -9.48 -21.81 -28.49
N THR D 406 -8.64 -22.84 -28.32
CA THR D 406 -9.07 -24.21 -28.00
C THR D 406 -8.00 -24.84 -27.12
N SER D 407 -8.39 -25.84 -26.36
CA SER D 407 -7.52 -26.67 -25.52
C SER D 407 -7.37 -28.05 -26.16
N ILE D 408 -6.53 -28.86 -25.56
CA ILE D 408 -6.61 -30.34 -25.68
C ILE D 408 -7.21 -30.81 -24.36
N THR D 409 -8.23 -31.64 -24.38
CA THR D 409 -8.91 -32.07 -23.13
C THR D 409 -8.16 -33.26 -22.54
N ILE D 410 -6.88 -33.07 -22.21
CA ILE D 410 -6.12 -33.90 -21.22
C ILE D 410 -6.52 -33.40 -19.83
N ARG D 411 -6.29 -34.22 -18.80
CA ARG D 411 -6.59 -33.87 -17.38
C ARG D 411 -8.05 -33.43 -17.31
N THR D 412 -8.92 -34.18 -17.97
CA THR D 412 -10.34 -33.80 -18.19
C THR D 412 -11.22 -34.97 -17.79
N LEU D 413 -12.18 -34.75 -16.90
CA LEU D 413 -13.14 -35.76 -16.44
C LEU D 413 -14.46 -35.57 -17.17
N THR D 414 -15.13 -36.69 -17.45
CA THR D 414 -16.53 -36.75 -17.93
C THR D 414 -17.40 -37.31 -16.81
N ALA D 415 -18.42 -36.59 -16.40
CA ALA D 415 -19.37 -36.99 -15.34
C ALA D 415 -20.75 -37.20 -15.98
N ILE D 416 -21.22 -38.45 -16.01
CA ILE D 416 -22.47 -38.78 -16.76
C ILE D 416 -23.19 -39.92 -16.05
N ASN D 417 -24.47 -39.66 -15.77
N ASN D 417 -24.52 -39.81 -15.88
CA ASN D 417 -25.47 -40.48 -15.03
CA ASN D 417 -25.40 -40.77 -15.15
C ASN D 417 -24.72 -41.35 -14.02
C ASN D 417 -24.63 -41.45 -14.01
N GLY D 418 -24.04 -40.67 -13.09
CA GLY D 418 -23.51 -41.22 -11.83
C GLY D 418 -22.15 -41.88 -11.96
N GLN D 419 -21.60 -41.89 -13.18
CA GLN D 419 -20.26 -42.46 -13.52
C GLN D 419 -19.32 -41.29 -13.84
N ILE D 420 -18.09 -41.32 -13.32
CA ILE D 420 -17.08 -40.28 -13.63
C ILE D 420 -15.85 -40.98 -14.21
N PHE D 421 -15.30 -40.42 -15.30
CA PHE D 421 -14.20 -41.02 -16.09
C PHE D 421 -13.04 -40.04 -16.15
N CYS D 422 -11.83 -40.55 -15.97
CA CYS D 422 -10.56 -39.79 -16.06
C CYS D 422 -9.54 -40.63 -16.81
N SER D 423 -8.95 -40.08 -17.87
CA SER D 423 -8.01 -40.79 -18.77
C SER D 423 -6.61 -40.16 -18.68
N ALA D 424 -5.60 -41.00 -18.92
CA ALA D 424 -4.18 -40.62 -18.88
C ALA D 424 -3.42 -41.42 -19.93
N GLY D 425 -2.65 -40.75 -20.77
CA GLY D 425 -1.80 -41.40 -21.78
C GLY D 425 -0.36 -40.96 -21.65
N GLY D 426 0.39 -41.10 -22.73
CA GLY D 426 1.84 -40.92 -22.77
C GLY D 426 2.34 -41.34 -24.14
N GLY D 427 3.17 -40.51 -24.75
CA GLY D 427 3.86 -40.84 -26.02
C GLY D 427 4.77 -42.05 -25.89
N ILE D 428 4.66 -43.00 -26.82
CA ILE D 428 5.49 -44.22 -26.89
C ILE D 428 6.32 -44.17 -28.17
N VAL D 429 7.65 -44.25 -28.01
CA VAL D 429 8.70 -44.40 -29.07
C VAL D 429 9.42 -45.73 -28.84
N ALA D 430 10.07 -46.27 -29.89
CA ALA D 430 10.88 -47.51 -29.83
C ALA D 430 11.77 -47.51 -28.58
N ASP D 431 12.37 -46.36 -28.27
CA ASP D 431 13.38 -46.18 -27.18
C ASP D 431 12.72 -46.29 -25.79
N SER D 432 11.44 -45.90 -25.65
CA SER D 432 10.78 -45.74 -24.33
C SER D 432 10.53 -47.12 -23.69
N GLN D 433 10.26 -47.15 -22.38
CA GLN D 433 10.29 -48.39 -21.53
C GLN D 433 8.94 -48.57 -20.83
N GLU D 434 8.41 -49.80 -20.84
CA GLU D 434 7.04 -50.22 -20.41
C GLU D 434 6.64 -49.63 -19.06
N GLU D 435 7.43 -49.86 -18.00
CA GLU D 435 7.06 -49.54 -16.59
C GLU D 435 7.10 -48.02 -16.37
N ALA D 436 8.09 -47.34 -16.94
CA ALA D 436 8.22 -45.86 -16.90
C ALA D 436 6.94 -45.21 -17.43
N GLU D 437 6.45 -45.71 -18.58
CA GLU D 437 5.33 -45.11 -19.36
C GLU D 437 4.00 -45.47 -18.68
N TYR D 438 3.88 -46.68 -18.13
CA TYR D 438 2.72 -47.11 -17.31
C TYR D 438 2.60 -46.19 -16.10
N GLN D 439 3.71 -46.01 -15.39
CA GLN D 439 3.78 -45.15 -14.17
C GLN D 439 3.60 -43.69 -14.58
N GLU D 440 3.97 -43.30 -15.80
CA GLU D 440 3.84 -41.88 -16.27
C GLU D 440 2.35 -41.50 -16.26
N THR D 441 1.48 -42.42 -16.69
CA THR D 441 0.01 -42.17 -16.77
C THR D 441 -0.50 -41.85 -15.36
N PHE D 442 -0.10 -42.64 -14.36
CA PHE D 442 -0.52 -42.44 -12.94
C PHE D 442 -0.02 -41.07 -12.46
N ASP D 443 1.20 -40.69 -12.79
CA ASP D 443 1.81 -39.44 -12.26
C ASP D 443 1.00 -38.24 -12.74
N LYS D 444 0.33 -38.38 -13.90
CA LYS D 444 -0.36 -37.28 -14.62
C LYS D 444 -1.70 -36.93 -13.95
N VAL D 445 -2.36 -37.91 -13.34
CA VAL D 445 -3.76 -37.71 -12.84
C VAL D 445 -3.89 -38.12 -11.37
N ASN D 446 -2.80 -38.49 -10.68
CA ASN D 446 -2.91 -39.06 -9.31
C ASN D 446 -3.51 -37.99 -8.39
N ARG D 447 -3.08 -36.74 -8.51
CA ARG D 447 -3.51 -35.67 -7.58
C ARG D 447 -5.00 -35.40 -7.82
N ILE D 448 -5.41 -35.38 -9.09
CA ILE D 448 -6.85 -35.33 -9.50
C ILE D 448 -7.60 -36.50 -8.84
N LEU D 449 -7.18 -37.74 -9.11
CA LEU D 449 -7.91 -38.96 -8.68
C LEU D 449 -8.03 -38.96 -7.16
N LYS D 450 -6.96 -38.60 -6.46
CA LYS D 450 -6.85 -38.77 -4.98
C LYS D 450 -7.57 -37.60 -4.30
N GLN D 451 -7.58 -36.42 -4.91
CA GLN D 451 -8.31 -35.25 -4.36
C GLN D 451 -9.82 -35.55 -4.31
N LEU D 452 -10.33 -36.39 -5.20
CA LEU D 452 -11.78 -36.74 -5.25
C LEU D 452 -12.09 -37.95 -4.36
N GLU D 453 -11.09 -38.77 -3.99
CA GLU D 453 -11.24 -39.97 -3.13
C GLU D 453 -11.68 -39.57 -1.71
N LYS D 454 -11.38 -38.33 -1.30
CA LYS D 454 -12.16 -37.58 -0.27
C LYS D 454 -11.61 -36.17 -0.15
ZN ZN E . -22.80 -2.79 14.92
C1 GOL F . -5.99 -9.43 -6.07
O1 GOL F . -6.44 -8.50 -7.07
C2 GOL F . -7.14 -10.05 -5.29
O2 GOL F . -8.26 -9.15 -5.30
C3 GOL F . -6.79 -10.43 -3.87
O3 GOL F . -7.89 -10.20 -2.99
H11 GOL F . -5.39 -8.96 -5.44
H12 GOL F . -5.47 -10.15 -6.51
HO1 GOL F . -5.76 -8.19 -7.48
H2 GOL F . -7.41 -10.87 -5.77
HO2 GOL F . -8.50 -8.98 -4.51
H31 GOL F . -6.02 -9.89 -3.57
H32 GOL F . -6.55 -11.38 -3.84
HO3 GOL F . -8.60 -10.08 -3.44
C1 GOL G . -16.71 15.96 18.06
O1 GOL G . -15.63 16.00 17.14
C2 GOL G . -16.61 14.76 18.97
O2 GOL G . -17.92 14.34 19.39
C3 GOL G . -15.72 14.98 20.17
O3 GOL G . -15.66 13.85 21.03
H11 GOL G . -17.57 15.95 17.58
H12 GOL G . -16.69 16.79 18.61
HO1 GOL G . -15.68 16.67 16.66
H2 GOL G . -16.24 14.03 18.44
HO2 GOL G . -17.91 14.29 20.24
H31 GOL G . -16.07 15.76 20.68
H32 GOL G . -14.81 15.20 19.86
HO3 GOL G . -16.45 13.63 21.25
ZN ZN H . 16.44 8.98 -3.76
N TRP I . 2.82 23.21 28.73
CA TRP I . 3.95 22.51 29.43
C TRP I . 3.40 21.40 30.30
O TRP I . 4.20 20.64 30.82
CB TRP I . 4.80 23.48 30.26
CG TRP I . 5.25 24.70 29.52
CD1 TRP I . 4.56 25.88 29.43
CD2 TRP I . 6.45 24.87 28.77
NE1 TRP I . 5.27 26.77 28.68
CE2 TRP I . 6.43 26.18 28.26
CE3 TRP I . 7.55 24.04 28.49
CZ2 TRP I . 7.47 26.68 27.46
CZ3 TRP I . 8.57 24.53 27.70
CH2 TRP I . 8.52 25.83 27.19
OXT TRP I . 2.18 21.27 30.52
H1 TRP I . 2.51 23.89 29.25
H2 TRP I . 2.09 22.58 28.57
H3 TRP I . 3.11 23.55 27.89
HA TRP I . 4.53 22.10 28.72
HB2 TRP I . 4.29 23.75 31.04
HB3 TRP I . 5.59 22.99 30.57
HD1 TRP I . 3.73 26.07 29.84
HE1 TRP I . 5.02 27.58 28.49
HE3 TRP I . 7.58 23.16 28.82
HZ2 TRP I . 7.45 27.56 27.13
HZ3 TRP I . 9.31 23.98 27.50
HH2 TRP I . 9.24 26.14 26.67
MG MG J . 2.40 26.41 4.71
MG MG K . 25.88 11.99 32.83
CL CL L . 4.54 4.00 14.28
CL CL M . 5.62 31.89 12.47
CL CL N . 32.35 26.27 17.35
CL CL O . 3.66 26.62 8.83
N TRP P . -6.43 -19.16 -20.88
CA TRP P . -7.17 -18.52 -22.06
C TRP P . -6.79 -17.04 -22.21
O TRP P . -6.22 -16.43 -21.33
CB TRP P . -8.69 -18.62 -21.91
CG TRP P . -9.13 -20.00 -21.54
CD1 TRP P . -9.22 -20.52 -20.28
CD2 TRP P . -9.46 -21.08 -22.44
NE1 TRP P . -9.62 -21.83 -20.34
CE2 TRP P . -9.80 -22.19 -21.65
CE3 TRP P . -9.52 -21.21 -23.84
CZ2 TRP P . -10.18 -23.41 -22.20
CZ3 TRP P . -9.92 -22.41 -24.38
CH2 TRP P . -10.23 -23.50 -23.56
OXT TRP P . -7.10 -16.48 -23.22
H1 TRP P . -6.88 -19.01 -20.11
H2 TRP P . -5.56 -18.78 -20.82
H3 TRP P . -6.36 -20.10 -21.03
HA TRP P . -6.92 -18.99 -22.88
HB2 TRP P . -8.99 -18.00 -21.23
HB3 TRP P . -9.11 -18.37 -22.76
HD1 TRP P . -9.07 -20.04 -19.49
HE1 TRP P . -9.78 -22.33 -19.65
HE3 TRP P . -9.32 -20.48 -24.38
HZ2 TRP P . -10.39 -24.14 -21.65
HZ3 TRP P . -9.97 -22.50 -25.32
HH2 TRP P . -10.49 -24.31 -23.96
MG MG Q . 7.06 -39.16 -22.67
CL CL R . 11.47 -18.73 -36.31
CL CL S . 20.31 -25.34 -25.63
CL CL T . -2.53 -37.26 -20.08
CL CL U . 3.58 -36.72 -22.89
#